data_9C0O
# 
_entry.id   9C0O 
# 
_audit_conform.dict_name       mmcif_pdbx.dic 
_audit_conform.dict_version    5.396 
_audit_conform.dict_location   http://mmcif.pdb.org/dictionaries/ascii/mmcif_pdbx.dic 
# 
loop_
_database_2.database_id 
_database_2.database_code 
_database_2.pdbx_database_accession 
_database_2.pdbx_DOI 
PDB   9C0O         pdb_00009c0o 10.2210/pdb9c0o/pdb 
WWPDB D_1000284500 ?            ?                   
# 
loop_
_pdbx_audit_revision_history.ordinal 
_pdbx_audit_revision_history.data_content_type 
_pdbx_audit_revision_history.major_revision 
_pdbx_audit_revision_history.minor_revision 
_pdbx_audit_revision_history.revision_date 
1 'Structure model' 1 0 2024-07-03 
2 'Structure model' 1 1 2024-08-07 
3 'Structure model' 1 2 2024-09-18 
4 'Structure model' 1 3 2024-09-25 
# 
_pdbx_audit_revision_details.ordinal             1 
_pdbx_audit_revision_details.revision_ordinal    1 
_pdbx_audit_revision_details.data_content_type   'Structure model' 
_pdbx_audit_revision_details.provider            repository 
_pdbx_audit_revision_details.type                'Initial release' 
_pdbx_audit_revision_details.description         ? 
_pdbx_audit_revision_details.details             ? 
# 
loop_
_pdbx_audit_revision_group.ordinal 
_pdbx_audit_revision_group.revision_ordinal 
_pdbx_audit_revision_group.data_content_type 
_pdbx_audit_revision_group.group 
1 2 'Structure model' 'Database references' 
2 3 'Structure model' 'Database references' 
3 4 'Structure model' 'Database references' 
# 
loop_
_pdbx_audit_revision_category.ordinal 
_pdbx_audit_revision_category.revision_ordinal 
_pdbx_audit_revision_category.data_content_type 
_pdbx_audit_revision_category.category 
1 2 'Structure model' citation        
2 2 'Structure model' citation_author 
3 3 'Structure model' citation        
4 4 'Structure model' citation        
# 
loop_
_pdbx_audit_revision_item.ordinal 
_pdbx_audit_revision_item.revision_ordinal 
_pdbx_audit_revision_item.data_content_type 
_pdbx_audit_revision_item.item 
1  2 'Structure model' '_citation.journal_abbrev'          
2  2 'Structure model' '_citation.journal_id_ISSN'         
3  2 'Structure model' '_citation.pdbx_database_id_DOI'    
4  2 'Structure model' '_citation.pdbx_database_id_PubMed' 
5  2 'Structure model' '_citation.year'                    
6  2 'Structure model' '_citation_author.identifier_ORCID' 
7  3 'Structure model' '_citation.journal_volume'          
8  3 'Structure model' '_citation.page_first'              
9  3 'Structure model' '_citation.page_last'               
10 4 'Structure model' '_citation.page_last'               
# 
_pdbx_database_status.status_code                     REL 
_pdbx_database_status.status_code_sf                  REL 
_pdbx_database_status.status_code_mr                  ? 
_pdbx_database_status.entry_id                        9C0O 
_pdbx_database_status.recvd_initial_deposition_date   2024-05-27 
_pdbx_database_status.SG_entry                        N 
_pdbx_database_status.deposit_site                    RCSB 
_pdbx_database_status.process_site                    RCSB 
_pdbx_database_status.status_code_cs                  ? 
_pdbx_database_status.status_code_nmr_data            ? 
_pdbx_database_status.methods_development_category    ? 
_pdbx_database_status.pdb_format_compatible           Y 
# 
_pdbx_contact_author.id                 2 
_pdbx_contact_author.email              jean-francois.couture@uottawa.ca 
_pdbx_contact_author.name_first         Jean-Francois 
_pdbx_contact_author.name_last          Couture 
_pdbx_contact_author.name_mi            ? 
_pdbx_contact_author.role               'principal investigator/group leader' 
_pdbx_contact_author.identifier_ORCID   0000-0003-0385-4450 
# 
loop_
_audit_author.name 
_audit_author.pdbx_ordinal 
_audit_author.identifier_ORCID 
'Gregoire, S.'  1 0009-0008-4408-2294 
'Couture, J.F.' 2 0000-0003-0385-4450 
# 
loop_
_citation.abstract 
_citation.abstract_id_CAS 
_citation.book_id_ISBN 
_citation.book_publisher 
_citation.book_publisher_city 
_citation.book_title 
_citation.coordinate_linkage 
_citation.country 
_citation.database_id_Medline 
_citation.details 
_citation.id 
_citation.journal_abbrev 
_citation.journal_id_ASTM 
_citation.journal_id_CSD 
_citation.journal_id_ISSN 
_citation.journal_full 
_citation.journal_issue 
_citation.journal_volume 
_citation.language 
_citation.page_first 
_citation.page_last 
_citation.title 
_citation.year 
_citation.database_id_CSD 
_citation.pdbx_database_id_DOI 
_citation.pdbx_database_id_PubMed 
_citation.pdbx_database_id_patent 
_citation.unpublished_flag 
? ? ? ? ? ? ? UK ? ? primary Structure                             STRUE6 2005 0969-2126 ? ? 32 ? 1498 ?   
'Structural insights into an atypical histone binding mechanism by a PHD finger.' 2024 ? 10.1016/j.str.2024.06.017 39029460 ? ? 
? ? ? ? ? ? ? US ? ? 1       'Acta Crystallogr D Biol Crystallogr' ABCRE6 ?    1399-0047 ? ? 68 ? 352  367 
'Towards automated crystallographic structure refinement with phenix.refine.'     2012 ? 10.1107/S0907444912001308 22505256 ? ? 
# 
loop_
_citation_author.citation_id 
_citation_author.name 
_citation_author.ordinal 
_citation_author.identifier_ORCID 
primary 'Gregoire, S.'           1  ? 
primary 'Gregoire, J.'           2  ? 
primary 'Yang, Y.'               3  ? 
primary 'Capitani, S.'           4  ? 
primary 'Joshi, M.'              5  ? 
primary 'Sarvan, S.'             6  ? 
primary 'Zaker, A.'              7  ? 
primary 'Ning, Z.'               8  ? 
primary 'Figeys, D.'             9  ? 
primary 'Ulrich, K.'             10 ? 
primary 'Brunzelle, J.S.'        11 ? 
primary 'Mer, A.'                12 ? 
primary 'Couture, J.F.'          13 ? 
1       'Afonine, P.V.'          14 ? 
1       'Grosse-Kunstleve, R.W.' 15 ? 
1       'Echols, N.'             16 ? 
1       'Headd, J.J.'            17 ? 
1       'Moriarty, N.W.'         18 ? 
1       'Mustyakimov, M.'        19 ? 
1       'Terwilliger, T.C.'      20 ? 
1       'Urzhumtsev, A.'         21 ? 
1       'Zwart, P.H.'            22 ? 
1       'Adams, P.D.'            23 ? 
# 
loop_
_entity.id 
_entity.type 
_entity.src_method 
_entity.pdbx_description 
_entity.formula_weight 
_entity.pdbx_number_of_molecules 
_entity.pdbx_ec 
_entity.pdbx_mutation 
_entity.pdbx_fragment 
_entity.details 
1 polymer     man 'CXXC-type zinc finger protein 1' 7772.838 1  ? ? ? ? 
2 polymer     syn 'Histone H3.3C'                   1699.973 1  ? ? ? ? 
3 non-polymer syn 'DIMETHYL SULFOXIDE'              78.133   1  ? ? ? ? 
4 non-polymer syn 'ZINC ION'                        65.409   3  ? ? ? ? 
5 non-polymer syn 'SULFATE ION'                     96.063   2  ? ? ? ? 
6 water       nat water                             18.015   70 ? ? ? ? 
# 
loop_
_entity_name_com.entity_id 
_entity_name_com.name 
1 'PHD finger and CXXC domain-containing protein 1' 
2 'Histone H3.5'                                    
# 
loop_
_entity_poly.entity_id 
_entity_poly.type 
_entity_poly.nstd_linkage 
_entity_poly.nstd_monomer 
_entity_poly.pdbx_seq_one_letter_code 
_entity_poly.pdbx_seq_one_letter_code_can 
_entity_poly.pdbx_strand_id 
_entity_poly.pdbx_target_identifier 
1 'polypeptide(L)' no no  GGKQEDQAYCICRSSDCSRFMIGCDGCEEWYHGDCIGITEKEAKHIKQYYCRRCKKENPELQTIFR 
GGKQEDQAYCICRSSDCSRFMIGCDGCEEWYHGDCIGITEKEAKHIKQYYCRRCKKENPELQTIFR A ? 
2 'polypeptide(L)' no yes 'ART(M3L)QTARKSTGGKY'                                              ARTKQTARKSTGGKY D ? 
# 
loop_
_pdbx_entity_nonpoly.entity_id 
_pdbx_entity_nonpoly.name 
_pdbx_entity_nonpoly.comp_id 
3 'DIMETHYL SULFOXIDE' DMS 
4 'ZINC ION'           ZN  
5 'SULFATE ION'        SO4 
6 water                HOH 
# 
loop_
_entity_poly_seq.entity_id 
_entity_poly_seq.num 
_entity_poly_seq.mon_id 
_entity_poly_seq.hetero 
1 1  GLY n 
1 2  GLY n 
1 3  LYS n 
1 4  GLN n 
1 5  GLU n 
1 6  ASP n 
1 7  GLN n 
1 8  ALA n 
1 9  TYR n 
1 10 CYS n 
1 11 ILE n 
1 12 CYS n 
1 13 ARG n 
1 14 SER n 
1 15 SER n 
1 16 ASP n 
1 17 CYS n 
1 18 SER n 
1 19 ARG n 
1 20 PHE n 
1 21 MET n 
1 22 ILE n 
1 23 GLY n 
1 24 CYS n 
1 25 ASP n 
1 26 GLY n 
1 27 CYS n 
1 28 GLU n 
1 29 GLU n 
1 30 TRP n 
1 31 TYR n 
1 32 HIS n 
1 33 GLY n 
1 34 ASP n 
1 35 CYS n 
1 36 ILE n 
1 37 GLY n 
1 38 ILE n 
1 39 THR n 
1 40 GLU n 
1 41 LYS n 
1 42 GLU n 
1 43 ALA n 
1 44 LYS n 
1 45 HIS n 
1 46 ILE n 
1 47 LYS n 
1 48 GLN n 
1 49 TYR n 
1 50 TYR n 
1 51 CYS n 
1 52 ARG n 
1 53 ARG n 
1 54 CYS n 
1 55 LYS n 
1 56 LYS n 
1 57 GLU n 
1 58 ASN n 
1 59 PRO n 
1 60 GLU n 
1 61 LEU n 
1 62 GLN n 
1 63 THR n 
1 64 ILE n 
1 65 PHE n 
1 66 ARG n 
2 1  ALA n 
2 2  ARG n 
2 3  THR n 
2 4  M3L n 
2 5  GLN n 
2 6  THR n 
2 7  ALA n 
2 8  ARG n 
2 9  LYS n 
2 10 SER n 
2 11 THR n 
2 12 GLY n 
2 13 GLY n 
2 14 LYS n 
2 15 TYR n 
# 
_entity_src_gen.entity_id                          1 
_entity_src_gen.pdbx_src_id                        1 
_entity_src_gen.pdbx_alt_source_flag               sample 
_entity_src_gen.pdbx_seq_type                      'Biological sequence' 
_entity_src_gen.pdbx_beg_seq_num                   1 
_entity_src_gen.pdbx_end_seq_num                   66 
_entity_src_gen.gene_src_common_name               'fruit fly' 
_entity_src_gen.gene_src_genus                     ? 
_entity_src_gen.pdbx_gene_src_gene                 'Cfp1, CG17446' 
_entity_src_gen.gene_src_species                   ? 
_entity_src_gen.gene_src_strain                    ? 
_entity_src_gen.gene_src_tissue                    ? 
_entity_src_gen.gene_src_tissue_fraction           ? 
_entity_src_gen.gene_src_details                   ? 
_entity_src_gen.pdbx_gene_src_fragment             ? 
_entity_src_gen.pdbx_gene_src_scientific_name      'Drosophila melanogaster' 
_entity_src_gen.pdbx_gene_src_ncbi_taxonomy_id     7227 
_entity_src_gen.pdbx_gene_src_variant              ? 
_entity_src_gen.pdbx_gene_src_cell_line            ? 
_entity_src_gen.pdbx_gene_src_atcc                 ? 
_entity_src_gen.pdbx_gene_src_organ                ? 
_entity_src_gen.pdbx_gene_src_organelle            ? 
_entity_src_gen.pdbx_gene_src_cell                 ? 
_entity_src_gen.pdbx_gene_src_cellular_location    ? 
_entity_src_gen.host_org_common_name               ? 
_entity_src_gen.pdbx_host_org_scientific_name      
;Escherichia coli 'BL21-Gold(DE3)pLysS AG'
;
_entity_src_gen.pdbx_host_org_ncbi_taxonomy_id     866768 
_entity_src_gen.host_org_genus                     ? 
_entity_src_gen.pdbx_host_org_gene                 ? 
_entity_src_gen.pdbx_host_org_organ                ? 
_entity_src_gen.host_org_species                   ? 
_entity_src_gen.pdbx_host_org_tissue               ? 
_entity_src_gen.pdbx_host_org_tissue_fraction      ? 
_entity_src_gen.pdbx_host_org_strain               ? 
_entity_src_gen.pdbx_host_org_variant              ? 
_entity_src_gen.pdbx_host_org_cell_line            ? 
_entity_src_gen.pdbx_host_org_atcc                 ? 
_entity_src_gen.pdbx_host_org_culture_collection   ? 
_entity_src_gen.pdbx_host_org_cell                 ? 
_entity_src_gen.pdbx_host_org_organelle            ? 
_entity_src_gen.pdbx_host_org_cellular_location    ? 
_entity_src_gen.pdbx_host_org_vector_type          ? 
_entity_src_gen.pdbx_host_org_vector               ? 
_entity_src_gen.host_org_details                   ? 
_entity_src_gen.expression_system_id               ? 
_entity_src_gen.plasmid_name                       ? 
_entity_src_gen.plasmid_details                    ? 
_entity_src_gen.pdbx_description                   ? 
# 
_pdbx_entity_src_syn.entity_id              2 
_pdbx_entity_src_syn.pdbx_src_id            1 
_pdbx_entity_src_syn.pdbx_alt_source_flag   sample 
_pdbx_entity_src_syn.pdbx_beg_seq_num       1 
_pdbx_entity_src_syn.pdbx_end_seq_num       15 
_pdbx_entity_src_syn.organism_scientific    'Homo sapiens' 
_pdbx_entity_src_syn.organism_common_name   human 
_pdbx_entity_src_syn.ncbi_taxonomy_id       9606 
_pdbx_entity_src_syn.details                ? 
# 
loop_
_chem_comp.id 
_chem_comp.type 
_chem_comp.mon_nstd_flag 
_chem_comp.name 
_chem_comp.pdbx_synonyms 
_chem_comp.formula 
_chem_comp.formula_weight 
ALA 'L-peptide linking' y ALANINE              ? 'C3 H7 N O2'     89.093  
ARG 'L-peptide linking' y ARGININE             ? 'C6 H15 N4 O2 1' 175.209 
ASN 'L-peptide linking' y ASPARAGINE           ? 'C4 H8 N2 O3'    132.118 
ASP 'L-peptide linking' y 'ASPARTIC ACID'      ? 'C4 H7 N O4'     133.103 
CYS 'L-peptide linking' y CYSTEINE             ? 'C3 H7 N O2 S'   121.158 
DMS non-polymer         . 'DIMETHYL SULFOXIDE' ? 'C2 H6 O S'      78.133  
GLN 'L-peptide linking' y GLUTAMINE            ? 'C5 H10 N2 O3'   146.144 
GLU 'L-peptide linking' y 'GLUTAMIC ACID'      ? 'C5 H9 N O4'     147.129 
GLY 'peptide linking'   y GLYCINE              ? 'C2 H5 N O2'     75.067  
HIS 'L-peptide linking' y HISTIDINE            ? 'C6 H10 N3 O2 1' 156.162 
HOH non-polymer         . WATER                ? 'H2 O'           18.015  
ILE 'L-peptide linking' y ISOLEUCINE           ? 'C6 H13 N O2'    131.173 
LEU 'L-peptide linking' y LEUCINE              ? 'C6 H13 N O2'    131.173 
LYS 'L-peptide linking' y LYSINE               ? 'C6 H15 N2 O2 1' 147.195 
M3L 'L-peptide linking' n N-TRIMETHYLLYSINE    ? 'C9 H21 N2 O2 1' 189.275 
MET 'L-peptide linking' y METHIONINE           ? 'C5 H11 N O2 S'  149.211 
PHE 'L-peptide linking' y PHENYLALANINE        ? 'C9 H11 N O2'    165.189 
PRO 'L-peptide linking' y PROLINE              ? 'C5 H9 N O2'     115.130 
SER 'L-peptide linking' y SERINE               ? 'C3 H7 N O3'     105.093 
SO4 non-polymer         . 'SULFATE ION'        ? 'O4 S -2'        96.063  
THR 'L-peptide linking' y THREONINE            ? 'C4 H9 N O3'     119.119 
TRP 'L-peptide linking' y TRYPTOPHAN           ? 'C11 H12 N2 O2'  204.225 
TYR 'L-peptide linking' y TYROSINE             ? 'C9 H11 N O3'    181.189 
ZN  non-polymer         . 'ZINC ION'           ? 'Zn 2'           65.409  
# 
loop_
_pdbx_poly_seq_scheme.asym_id 
_pdbx_poly_seq_scheme.entity_id 
_pdbx_poly_seq_scheme.seq_id 
_pdbx_poly_seq_scheme.mon_id 
_pdbx_poly_seq_scheme.ndb_seq_num 
_pdbx_poly_seq_scheme.pdb_seq_num 
_pdbx_poly_seq_scheme.auth_seq_num 
_pdbx_poly_seq_scheme.pdb_mon_id 
_pdbx_poly_seq_scheme.auth_mon_id 
_pdbx_poly_seq_scheme.pdb_strand_id 
_pdbx_poly_seq_scheme.pdb_ins_code 
_pdbx_poly_seq_scheme.hetero 
A 1 1  GLY 1  54  ?   ?   ?   A . n 
A 1 2  GLY 2  55  ?   ?   ?   A . n 
A 1 3  LYS 3  56  ?   ?   ?   A . n 
A 1 4  GLN 4  57  57  GLN GLN A . n 
A 1 5  GLU 5  58  58  GLU GLU A . n 
A 1 6  ASP 6  59  59  ASP ASP A . n 
A 1 7  GLN 7  60  60  GLN GLN A . n 
A 1 8  ALA 8  61  61  ALA ALA A . n 
A 1 9  TYR 9  62  62  TYR TYR A . n 
A 1 10 CYS 10 63  63  CYS CYS A . n 
A 1 11 ILE 11 64  64  ILE ILE A . n 
A 1 12 CYS 12 65  65  CYS CYS A . n 
A 1 13 ARG 13 66  66  ARG ARG A . n 
A 1 14 SER 14 67  67  SER SER A . n 
A 1 15 SER 15 68  68  SER SER A . n 
A 1 16 ASP 16 69  69  ASP ASP A . n 
A 1 17 CYS 17 70  70  CYS CYS A . n 
A 1 18 SER 18 71  71  SER SER A . n 
A 1 19 ARG 19 72  72  ARG ARG A . n 
A 1 20 PHE 20 73  73  PHE PHE A . n 
A 1 21 MET 21 74  74  MET MET A . n 
A 1 22 ILE 22 75  75  ILE ILE A . n 
A 1 23 GLY 23 76  76  GLY GLY A . n 
A 1 24 CYS 24 77  77  CYS CYS A . n 
A 1 25 ASP 25 78  78  ASP ASP A . n 
A 1 26 GLY 26 79  79  GLY GLY A . n 
A 1 27 CYS 27 80  80  CYS CYS A . n 
A 1 28 GLU 28 81  81  GLU GLU A . n 
A 1 29 GLU 29 82  82  GLU GLU A . n 
A 1 30 TRP 30 83  83  TRP TRP A . n 
A 1 31 TYR 31 84  84  TYR TYR A . n 
A 1 32 HIS 32 85  85  HIS HIS A . n 
A 1 33 GLY 33 86  86  GLY GLY A . n 
A 1 34 ASP 34 87  87  ASP ASP A . n 
A 1 35 CYS 35 88  88  CYS CYS A . n 
A 1 36 ILE 36 89  89  ILE ILE A . n 
A 1 37 GLY 37 90  90  GLY GLY A . n 
A 1 38 ILE 38 91  91  ILE ILE A . n 
A 1 39 THR 39 92  92  THR THR A . n 
A 1 40 GLU 40 93  93  GLU GLU A . n 
A 1 41 LYS 41 94  94  LYS LYS A . n 
A 1 42 GLU 42 95  95  GLU GLU A . n 
A 1 43 ALA 43 96  96  ALA ALA A . n 
A 1 44 LYS 44 97  97  LYS LYS A . n 
A 1 45 HIS 45 98  98  HIS HIS A . n 
A 1 46 ILE 46 99  99  ILE ILE A . n 
A 1 47 LYS 47 100 100 LYS LYS A . n 
A 1 48 GLN 48 101 101 GLN GLN A . n 
A 1 49 TYR 49 102 102 TYR TYR A . n 
A 1 50 TYR 50 103 103 TYR TYR A . n 
A 1 51 CYS 51 104 104 CYS CYS A . n 
A 1 52 ARG 52 105 105 ARG ARG A . n 
A 1 53 ARG 53 106 106 ARG ARG A . n 
A 1 54 CYS 54 107 107 CYS CYS A . n 
A 1 55 LYS 55 108 108 LYS LYS A . n 
A 1 56 LYS 56 109 109 LYS LYS A . n 
A 1 57 GLU 57 110 110 GLU GLU A . n 
A 1 58 ASN 58 111 111 ASN ASN A . n 
A 1 59 PRO 59 112 112 PRO PRO A . n 
A 1 60 GLU 60 113 113 GLU GLU A . n 
A 1 61 LEU 61 114 114 LEU LEU A . n 
A 1 62 GLN 62 115 115 GLN GLN A . n 
A 1 63 THR 63 116 116 THR THR A . n 
A 1 64 ILE 64 117 117 ILE ILE A . n 
A 1 65 PHE 65 118 118 PHE PHE A . n 
A 1 66 ARG 66 119 119 ARG ARG A . n 
B 2 1  ALA 1  1   1   ALA ALA D . n 
B 2 2  ARG 2  2   2   ARG ARG D . n 
B 2 3  THR 3  3   3   THR THR D . n 
B 2 4  M3L 4  4   4   M3L M3L D . n 
B 2 5  GLN 5  5   5   GLN GLN D . n 
B 2 6  THR 6  6   6   THR THR D . n 
B 2 7  ALA 7  7   7   ALA ALA D . n 
B 2 8  ARG 8  8   8   ARG ARG D . n 
B 2 9  LYS 9  9   9   LYS LYS D . n 
B 2 10 SER 10 10  ?   ?   ?   D . n 
B 2 11 THR 11 11  ?   ?   ?   D . n 
B 2 12 GLY 12 12  ?   ?   ?   D . n 
B 2 13 GLY 13 13  ?   ?   ?   D . n 
B 2 14 LYS 14 14  ?   ?   ?   D . n 
B 2 15 TYR 15 15  ?   ?   ?   D . n 
# 
loop_
_pdbx_entity_instance_feature.ordinal 
_pdbx_entity_instance_feature.comp_id 
_pdbx_entity_instance_feature.asym_id 
_pdbx_entity_instance_feature.seq_num 
_pdbx_entity_instance_feature.auth_comp_id 
_pdbx_entity_instance_feature.auth_asym_id 
_pdbx_entity_instance_feature.auth_seq_num 
_pdbx_entity_instance_feature.feature_type 
_pdbx_entity_instance_feature.details 
1 M3L ? ? M3L ? ? 'SUBJECT OF INVESTIGATION' ? 
2 ZN  ? ? ZN  ? ? 'SUBJECT OF INVESTIGATION' ? 
# 
loop_
_pdbx_nonpoly_scheme.asym_id 
_pdbx_nonpoly_scheme.entity_id 
_pdbx_nonpoly_scheme.mon_id 
_pdbx_nonpoly_scheme.ndb_seq_num 
_pdbx_nonpoly_scheme.pdb_seq_num 
_pdbx_nonpoly_scheme.auth_seq_num 
_pdbx_nonpoly_scheme.pdb_mon_id 
_pdbx_nonpoly_scheme.auth_mon_id 
_pdbx_nonpoly_scheme.pdb_strand_id 
_pdbx_nonpoly_scheme.pdb_ins_code 
C 3 DMS 1  201 201 DMS DMS A . 
D 4 ZN  1  202 1   ZN  ZN  A . 
E 4 ZN  1  203 2   ZN  ZN  A . 
F 4 ZN  1  204 3   ZN  ZN  A . 
G 5 SO4 1  205 1   SO4 SO4 A . 
H 5 SO4 1  206 2   SO4 SO4 A . 
I 6 HOH 1  301 32  HOH HOH A . 
I 6 HOH 2  302 20  HOH HOH A . 
I 6 HOH 3  303 34  HOH HOH A . 
I 6 HOH 4  304 70  HOH HOH A . 
I 6 HOH 5  305 17  HOH HOH A . 
I 6 HOH 6  306 27  HOH HOH A . 
I 6 HOH 7  307 23  HOH HOH A . 
I 6 HOH 8  308 42  HOH HOH A . 
I 6 HOH 9  309 13  HOH HOH A . 
I 6 HOH 10 310 58  HOH HOH A . 
I 6 HOH 11 311 19  HOH HOH A . 
I 6 HOH 12 312 10  HOH HOH A . 
I 6 HOH 13 313 74  HOH HOH A . 
I 6 HOH 14 314 16  HOH HOH A . 
I 6 HOH 15 315 33  HOH HOH A . 
I 6 HOH 16 316 22  HOH HOH A . 
I 6 HOH 17 317 55  HOH HOH A . 
I 6 HOH 18 318 5   HOH HOH A . 
I 6 HOH 19 319 25  HOH HOH A . 
I 6 HOH 20 320 64  HOH HOH A . 
I 6 HOH 21 321 48  HOH HOH A . 
I 6 HOH 22 322 51  HOH HOH A . 
I 6 HOH 23 323 45  HOH HOH A . 
I 6 HOH 24 324 15  HOH HOH A . 
I 6 HOH 25 325 30  HOH HOH A . 
I 6 HOH 26 326 2   HOH HOH A . 
I 6 HOH 27 327 46  HOH HOH A . 
I 6 HOH 28 328 11  HOH HOH A . 
I 6 HOH 29 329 1   HOH HOH A . 
I 6 HOH 30 330 50  HOH HOH A . 
I 6 HOH 31 331 57  HOH HOH A . 
I 6 HOH 32 332 12  HOH HOH A . 
I 6 HOH 33 333 29  HOH HOH A . 
I 6 HOH 34 334 26  HOH HOH A . 
I 6 HOH 35 335 8   HOH HOH A . 
I 6 HOH 36 336 4   HOH HOH A . 
I 6 HOH 37 337 3   HOH HOH A . 
I 6 HOH 38 338 66  HOH HOH A . 
I 6 HOH 39 339 6   HOH HOH A . 
I 6 HOH 40 340 18  HOH HOH A . 
I 6 HOH 41 341 44  HOH HOH A . 
I 6 HOH 42 342 54  HOH HOH A . 
I 6 HOH 43 343 53  HOH HOH A . 
I 6 HOH 44 344 63  HOH HOH A . 
I 6 HOH 45 345 56  HOH HOH A . 
I 6 HOH 46 346 7   HOH HOH A . 
I 6 HOH 47 347 28  HOH HOH A . 
I 6 HOH 48 348 68  HOH HOH A . 
I 6 HOH 49 349 24  HOH HOH A . 
I 6 HOH 50 350 40  HOH HOH A . 
I 6 HOH 51 351 35  HOH HOH A . 
I 6 HOH 52 352 9   HOH HOH A . 
I 6 HOH 53 353 39  HOH HOH A . 
I 6 HOH 54 354 14  HOH HOH A . 
I 6 HOH 55 355 36  HOH HOH A . 
I 6 HOH 56 356 43  HOH HOH A . 
I 6 HOH 57 357 73  HOH HOH A . 
I 6 HOH 58 358 52  HOH HOH A . 
I 6 HOH 59 359 21  HOH HOH A . 
I 6 HOH 60 360 71  HOH HOH A . 
I 6 HOH 61 361 49  HOH HOH A . 
I 6 HOH 62 362 62  HOH HOH A . 
I 6 HOH 63 363 65  HOH HOH A . 
I 6 HOH 64 364 60  HOH HOH A . 
I 6 HOH 65 365 47  HOH HOH A . 
I 6 HOH 66 366 61  HOH HOH A . 
J 6 HOH 1  101 69  HOH HOH D . 
J 6 HOH 2  102 31  HOH HOH D . 
J 6 HOH 3  103 37  HOH HOH D . 
J 6 HOH 4  104 67  HOH HOH D . 
# 
loop_
_pdbx_unobs_or_zero_occ_atoms.id 
_pdbx_unobs_or_zero_occ_atoms.PDB_model_num 
_pdbx_unobs_or_zero_occ_atoms.polymer_flag 
_pdbx_unobs_or_zero_occ_atoms.occupancy_flag 
_pdbx_unobs_or_zero_occ_atoms.auth_asym_id 
_pdbx_unobs_or_zero_occ_atoms.auth_comp_id 
_pdbx_unobs_or_zero_occ_atoms.auth_seq_id 
_pdbx_unobs_or_zero_occ_atoms.PDB_ins_code 
_pdbx_unobs_or_zero_occ_atoms.auth_atom_id 
_pdbx_unobs_or_zero_occ_atoms.label_alt_id 
_pdbx_unobs_or_zero_occ_atoms.label_asym_id 
_pdbx_unobs_or_zero_occ_atoms.label_comp_id 
_pdbx_unobs_or_zero_occ_atoms.label_seq_id 
_pdbx_unobs_or_zero_occ_atoms.label_atom_id 
1  1 Y 1 A ASP 69 ? CG  ? A ASP 16 CG  
2  1 Y 1 A ASP 69 ? OD1 ? A ASP 16 OD1 
3  1 Y 1 A ASP 69 ? OD2 ? A ASP 16 OD2 
4  1 Y 1 D THR 6  ? OG1 ? B THR 6  OG1 
5  1 Y 1 D THR 6  ? CG2 ? B THR 6  CG2 
6  1 Y 1 D ARG 8  ? CG  ? B ARG 8  CG  
7  1 Y 1 D ARG 8  ? CD  ? B ARG 8  CD  
8  1 Y 1 D ARG 8  ? NE  ? B ARG 8  NE  
9  1 Y 1 D ARG 8  ? CZ  ? B ARG 8  CZ  
10 1 Y 1 D ARG 8  ? NH1 ? B ARG 8  NH1 
11 1 Y 1 D ARG 8  ? NH2 ? B ARG 8  NH2 
12 1 Y 1 D LYS 9  ? CG  ? B LYS 9  CG  
13 1 Y 1 D LYS 9  ? CD  ? B LYS 9  CD  
14 1 Y 1 D LYS 9  ? CE  ? B LYS 9  CE  
15 1 Y 1 D LYS 9  ? NZ  ? B LYS 9  NZ  
# 
loop_
_software.citation_id 
_software.classification 
_software.compiler_name 
_software.compiler_version 
_software.contact_author 
_software.contact_author_email 
_software.date 
_software.description 
_software.dependencies 
_software.hardware 
_software.language 
_software.location 
_software.mods 
_software.name 
_software.os 
_software.os_version 
_software.type 
_software.version 
_software.pdbx_ordinal 
? refinement       ? ? ? ? ? ? ? ? ? ? ? PHENIX  ? ? ? 1.20.1_4487 1 
? 'data scaling'   ? ? ? ? ? ? ? ? ? ? ? Aimless ? ? ? 0.7.15      2 
? phasing          ? ? ? ? ? ? ? ? ? ? ? PHASER  ? ? ? .           3 
? 'data reduction' ? ? ? ? ? ? ? ? ? ? ? xia2    ? ? ? .           4 
? 'model building' ? ? ? ? ? ? ? ? ? ? ? Coot    ? ? ? .           5 
# 
_cell.angle_alpha                  90.000 
_cell.angle_alpha_esd              ? 
_cell.angle_beta                   90.000 
_cell.angle_beta_esd               ? 
_cell.angle_gamma                  90.000 
_cell.angle_gamma_esd              ? 
_cell.entry_id                     9C0O 
_cell.details                      ? 
_cell.formula_units_Z              ? 
_cell.length_a                     33.270 
_cell.length_a_esd                 ? 
_cell.length_b                     43.120 
_cell.length_b_esd                 ? 
_cell.length_c                     47.560 
_cell.length_c_esd                 ? 
_cell.volume                       68229.690 
_cell.volume_esd                   ? 
_cell.Z_PDB                        4 
_cell.reciprocal_angle_alpha       ? 
_cell.reciprocal_angle_beta        ? 
_cell.reciprocal_angle_gamma       ? 
_cell.reciprocal_angle_alpha_esd   ? 
_cell.reciprocal_angle_beta_esd    ? 
_cell.reciprocal_angle_gamma_esd   ? 
_cell.reciprocal_length_a          ? 
_cell.reciprocal_length_b          ? 
_cell.reciprocal_length_c          ? 
_cell.reciprocal_length_a_esd      ? 
_cell.reciprocal_length_b_esd      ? 
_cell.reciprocal_length_c_esd      ? 
_cell.pdbx_unique_axis             ? 
_cell.pdbx_esd_method              ? 
# 
_symmetry.entry_id                         9C0O 
_symmetry.cell_setting                     ? 
_symmetry.Int_Tables_number                19 
_symmetry.space_group_name_Hall            'P 2ac 2ab' 
_symmetry.space_group_name_H-M             'P 21 21 21' 
_symmetry.pdbx_full_space_group_name_H-M   ? 
# 
_exptl.absorpt_coefficient_mu     ? 
_exptl.absorpt_correction_T_max   ? 
_exptl.absorpt_correction_T_min   ? 
_exptl.absorpt_correction_type    ? 
_exptl.absorpt_process_details    ? 
_exptl.entry_id                   9C0O 
_exptl.crystals_number            1 
_exptl.details                    ? 
_exptl.method                     'X-RAY DIFFRACTION' 
_exptl.method_details             ? 
# 
_exptl_crystal.colour                       ? 
_exptl_crystal.density_diffrn               ? 
_exptl_crystal.density_Matthews             1.80 
_exptl_crystal.density_method               ? 
_exptl_crystal.density_percent_sol          31.69 
_exptl_crystal.description                  ? 
_exptl_crystal.F_000                        ? 
_exptl_crystal.id                           1 
_exptl_crystal.preparation                  ? 
_exptl_crystal.size_max                     ? 
_exptl_crystal.size_mid                     ? 
_exptl_crystal.size_min                     ? 
_exptl_crystal.size_rad                     ? 
_exptl_crystal.colour_lustre                ? 
_exptl_crystal.colour_modifier              ? 
_exptl_crystal.colour_primary               ? 
_exptl_crystal.density_meas                 ? 
_exptl_crystal.density_meas_esd             ? 
_exptl_crystal.density_meas_gt              ? 
_exptl_crystal.density_meas_lt              ? 
_exptl_crystal.density_meas_temp            ? 
_exptl_crystal.density_meas_temp_esd        ? 
_exptl_crystal.density_meas_temp_gt         ? 
_exptl_crystal.density_meas_temp_lt         ? 
_exptl_crystal.pdbx_crystal_image_url       ? 
_exptl_crystal.pdbx_crystal_image_format    ? 
_exptl_crystal.pdbx_mosaicity               ? 
_exptl_crystal.pdbx_mosaicity_esd           ? 
_exptl_crystal.pdbx_mosaic_method           ? 
_exptl_crystal.pdbx_mosaic_block_size       ? 
_exptl_crystal.pdbx_mosaic_block_size_esd   ? 
# 
_exptl_crystal_grow.apparatus       ? 
_exptl_crystal_grow.atmosphere      ? 
_exptl_crystal_grow.crystal_id      1 
_exptl_crystal_grow.details         ? 
_exptl_crystal_grow.method          'VAPOR DIFFUSION, SITTING DROP' 
_exptl_crystal_grow.method_ref      ? 
_exptl_crystal_grow.pH              ? 
_exptl_crystal_grow.pressure        ? 
_exptl_crystal_grow.pressure_esd    ? 
_exptl_crystal_grow.seeding         ? 
_exptl_crystal_grow.seeding_ref     ? 
_exptl_crystal_grow.temp_details    ? 
_exptl_crystal_grow.temp_esd        ? 
_exptl_crystal_grow.time            ? 
_exptl_crystal_grow.pdbx_details    '15% PEG3350, 0.01M Tris pH8.5, 0.2M Ammonium sulfate' 
_exptl_crystal_grow.pdbx_pH_range   ? 
_exptl_crystal_grow.temp            295 
# 
_diffrn.ambient_environment              ? 
_diffrn.ambient_temp                     100 
_diffrn.ambient_temp_details             ? 
_diffrn.ambient_temp_esd                 ? 
_diffrn.crystal_id                       1 
_diffrn.crystal_support                  ? 
_diffrn.crystal_treatment                ? 
_diffrn.details                          ? 
_diffrn.id                               1 
_diffrn.ambient_pressure                 ? 
_diffrn.ambient_pressure_esd             ? 
_diffrn.ambient_pressure_gt              ? 
_diffrn.ambient_pressure_lt              ? 
_diffrn.ambient_temp_gt                  ? 
_diffrn.ambient_temp_lt                  ? 
_diffrn.pdbx_serial_crystal_experiment   N 
# 
_diffrn_detector.details                      ? 
_diffrn_detector.detector                     PIXEL 
_diffrn_detector.diffrn_id                    1 
_diffrn_detector.type                         'DECTRIS EIGER X 9M' 
_diffrn_detector.area_resol_mean              ? 
_diffrn_detector.dtime                        ? 
_diffrn_detector.pdbx_frames_total            ? 
_diffrn_detector.pdbx_collection_time_total   ? 
_diffrn_detector.pdbx_collection_date         2024-03-07 
_diffrn_detector.pdbx_frequency               ? 
_diffrn_detector.id                           ? 
_diffrn_detector.number_of_axes               ? 
# 
_diffrn_radiation.collimation                      ? 
_diffrn_radiation.diffrn_id                        1 
_diffrn_radiation.filter_edge                      ? 
_diffrn_radiation.inhomogeneity                    ? 
_diffrn_radiation.monochromator                    ? 
_diffrn_radiation.polarisn_norm                    ? 
_diffrn_radiation.polarisn_ratio                   ? 
_diffrn_radiation.probe                            ? 
_diffrn_radiation.type                             ? 
_diffrn_radiation.xray_symbol                      ? 
_diffrn_radiation.wavelength_id                    1 
_diffrn_radiation.pdbx_monochromatic_or_laue_m_l   M 
_diffrn_radiation.pdbx_wavelength_list             ? 
_diffrn_radiation.pdbx_wavelength                  ? 
_diffrn_radiation.pdbx_diffrn_protocol             'SINGLE WAVELENGTH' 
_diffrn_radiation.pdbx_analyzer                    ? 
_diffrn_radiation.pdbx_scattering_type             x-ray 
# 
_diffrn_radiation_wavelength.id           1 
_diffrn_radiation_wavelength.wavelength   1.0 
_diffrn_radiation_wavelength.wt           1.0 
# 
_diffrn_source.current                     ? 
_diffrn_source.details                     ? 
_diffrn_source.diffrn_id                   1 
_diffrn_source.power                       ? 
_diffrn_source.size                        ? 
_diffrn_source.source                      SYNCHROTRON 
_diffrn_source.target                      ? 
_diffrn_source.type                        'APS BEAMLINE 21-ID-D' 
_diffrn_source.voltage                     ? 
_diffrn_source.take-off_angle              ? 
_diffrn_source.pdbx_wavelength_list        1.0 
_diffrn_source.pdbx_wavelength             ? 
_diffrn_source.pdbx_synchrotron_beamline   21-ID-D 
_diffrn_source.pdbx_synchrotron_site       APS 
# 
_reflns.B_iso_Wilson_estimate                          16.20 
_reflns.entry_id                                       9C0O 
_reflns.data_reduction_details                         ? 
_reflns.data_reduction_method                          ? 
_reflns.d_resolution_high                              1.53 
_reflns.d_resolution_low                               31.95 
_reflns.details                                        ? 
_reflns.limit_h_max                                    ? 
_reflns.limit_h_min                                    ? 
_reflns.limit_k_max                                    ? 
_reflns.limit_k_min                                    ? 
_reflns.limit_l_max                                    ? 
_reflns.limit_l_min                                    ? 
_reflns.number_all                                     ? 
_reflns.number_obs                                     10748 
_reflns.observed_criterion                             ? 
_reflns.observed_criterion_F_max                       ? 
_reflns.observed_criterion_F_min                       ? 
_reflns.observed_criterion_I_max                       ? 
_reflns.observed_criterion_I_min                       ? 
_reflns.observed_criterion_sigma_F                     ? 
_reflns.observed_criterion_sigma_I                     ? 
_reflns.percent_possible_obs                           99.46 
_reflns.R_free_details                                 ? 
_reflns.Rmerge_F_all                                   ? 
_reflns.Rmerge_F_obs                                   ? 
_reflns.Friedel_coverage                               ? 
_reflns.number_gt                                      ? 
_reflns.threshold_expression                           ? 
_reflns.pdbx_redundancy                                12.8 
_reflns.pdbx_netI_over_av_sigmaI                       ? 
_reflns.pdbx_netI_over_sigmaI                          11.6 
_reflns.pdbx_res_netI_over_av_sigmaI_2                 ? 
_reflns.pdbx_res_netI_over_sigmaI_2                    ? 
_reflns.pdbx_chi_squared                               1.0 
_reflns.pdbx_scaling_rejects                           ? 
_reflns.pdbx_d_res_high_opt                            ? 
_reflns.pdbx_d_res_low_opt                             ? 
_reflns.pdbx_d_res_opt_method                          ? 
_reflns.phase_calculation_details                      ? 
_reflns.pdbx_Rrim_I_all                                0.140 
_reflns.pdbx_Rpim_I_all                                0.039 
_reflns.pdbx_d_opt                                     ? 
_reflns.pdbx_number_measured_all                       ? 
_reflns.pdbx_diffrn_id                                 1 
_reflns.pdbx_ordinal                                   1 
_reflns.pdbx_CC_half                                   ? 
_reflns.pdbx_CC_star                                   ? 
_reflns.pdbx_R_split                                   ? 
_reflns.pdbx_Rmerge_I_obs                              0.134 
_reflns.pdbx_Rmerge_I_all                              ? 
_reflns.pdbx_Rsym_value                                ? 
_reflns.pdbx_CC_split_method                           ? 
_reflns.pdbx_aniso_diffraction_limit_axis_1_ortho[1]   ? 
_reflns.pdbx_aniso_diffraction_limit_axis_1_ortho[2]   ? 
_reflns.pdbx_aniso_diffraction_limit_axis_1_ortho[3]   ? 
_reflns.pdbx_aniso_diffraction_limit_axis_2_ortho[1]   ? 
_reflns.pdbx_aniso_diffraction_limit_axis_2_ortho[2]   ? 
_reflns.pdbx_aniso_diffraction_limit_axis_2_ortho[3]   ? 
_reflns.pdbx_aniso_diffraction_limit_axis_3_ortho[1]   ? 
_reflns.pdbx_aniso_diffraction_limit_axis_3_ortho[2]   ? 
_reflns.pdbx_aniso_diffraction_limit_axis_3_ortho[3]   ? 
_reflns.pdbx_aniso_diffraction_limit_1                 ? 
_reflns.pdbx_aniso_diffraction_limit_2                 ? 
_reflns.pdbx_aniso_diffraction_limit_3                 ? 
_reflns.pdbx_aniso_B_tensor_eigenvector_1_ortho[1]     ? 
_reflns.pdbx_aniso_B_tensor_eigenvector_1_ortho[2]     ? 
_reflns.pdbx_aniso_B_tensor_eigenvector_1_ortho[3]     ? 
_reflns.pdbx_aniso_B_tensor_eigenvector_2_ortho[1]     ? 
_reflns.pdbx_aniso_B_tensor_eigenvector_2_ortho[2]     ? 
_reflns.pdbx_aniso_B_tensor_eigenvector_2_ortho[3]     ? 
_reflns.pdbx_aniso_B_tensor_eigenvector_3_ortho[1]     ? 
_reflns.pdbx_aniso_B_tensor_eigenvector_3_ortho[2]     ? 
_reflns.pdbx_aniso_B_tensor_eigenvector_3_ortho[3]     ? 
_reflns.pdbx_aniso_B_tensor_eigenvalue_1               ? 
_reflns.pdbx_aniso_B_tensor_eigenvalue_2               ? 
_reflns.pdbx_aniso_B_tensor_eigenvalue_3               ? 
_reflns.pdbx_orthogonalization_convention              ? 
_reflns.pdbx_percent_possible_ellipsoidal              ? 
_reflns.pdbx_percent_possible_spherical                ? 
_reflns.pdbx_percent_possible_ellipsoidal_anomalous    ? 
_reflns.pdbx_percent_possible_spherical_anomalous      ? 
_reflns.pdbx_redundancy_anomalous                      ? 
_reflns.pdbx_CC_half_anomalous                         ? 
_reflns.pdbx_absDiff_over_sigma_anomalous              ? 
_reflns.pdbx_percent_possible_anomalous                ? 
_reflns.pdbx_observed_signal_threshold                 ? 
_reflns.pdbx_signal_type                               ? 
_reflns.pdbx_signal_details                            ? 
_reflns.pdbx_signal_software_id                        ? 
# 
_reflns_shell.d_res_high                                    1.53 
_reflns_shell.d_res_low                                     1.585 
_reflns_shell.meanI_over_sigI_all                           ? 
_reflns_shell.meanI_over_sigI_obs                           2.1 
_reflns_shell.number_measured_all                           ? 
_reflns_shell.number_measured_obs                           ? 
_reflns_shell.number_possible                               ? 
_reflns_shell.number_unique_all                             ? 
_reflns_shell.number_unique_obs                             1046 
_reflns_shell.percent_possible_obs                          ? 
_reflns_shell.Rmerge_F_all                                  ? 
_reflns_shell.Rmerge_F_obs                                  ? 
_reflns_shell.meanI_over_sigI_gt                            ? 
_reflns_shell.meanI_over_uI_all                             ? 
_reflns_shell.meanI_over_uI_gt                              ? 
_reflns_shell.number_measured_gt                            ? 
_reflns_shell.number_unique_gt                              ? 
_reflns_shell.percent_possible_gt                           ? 
_reflns_shell.Rmerge_F_gt                                   ? 
_reflns_shell.Rmerge_I_gt                                   ? 
_reflns_shell.pdbx_redundancy                               13.6 
_reflns_shell.pdbx_chi_squared                              0.91 
_reflns_shell.pdbx_netI_over_sigmaI_all                     ? 
_reflns_shell.pdbx_netI_over_sigmaI_obs                     ? 
_reflns_shell.pdbx_Rrim_I_all                               1.425 
_reflns_shell.pdbx_Rpim_I_all                               0.381 
_reflns_shell.pdbx_rejects                                  ? 
_reflns_shell.pdbx_ordinal                                  1 
_reflns_shell.pdbx_diffrn_id                                1 
_reflns_shell.pdbx_CC_half                                  ? 
_reflns_shell.pdbx_CC_star                                  ? 
_reflns_shell.pdbx_R_split                                  ? 
_reflns_shell.percent_possible_all                          98.87 
_reflns_shell.Rmerge_I_all                                  ? 
_reflns_shell.Rmerge_I_obs                                  1.372 
_reflns_shell.pdbx_Rsym_value                               ? 
_reflns_shell.pdbx_percent_possible_ellipsoidal             ? 
_reflns_shell.pdbx_percent_possible_spherical               ? 
_reflns_shell.pdbx_percent_possible_ellipsoidal_anomalous   ? 
_reflns_shell.pdbx_percent_possible_spherical_anomalous     ? 
_reflns_shell.pdbx_redundancy_anomalous                     ? 
_reflns_shell.pdbx_CC_half_anomalous                        ? 
_reflns_shell.pdbx_absDiff_over_sigma_anomalous             ? 
_reflns_shell.pdbx_percent_possible_anomalous               ? 
# 
_refine.aniso_B[1][1]                            ? 
_refine.aniso_B[1][2]                            ? 
_refine.aniso_B[1][3]                            ? 
_refine.aniso_B[2][2]                            ? 
_refine.aniso_B[2][3]                            ? 
_refine.aniso_B[3][3]                            ? 
_refine.B_iso_max                                ? 
_refine.B_iso_mean                               23.29 
_refine.B_iso_min                                ? 
_refine.correlation_coeff_Fo_to_Fc               ? 
_refine.correlation_coeff_Fo_to_Fc_free          ? 
_refine.details                                  ? 
_refine.diff_density_max                         ? 
_refine.diff_density_max_esd                     ? 
_refine.diff_density_min                         ? 
_refine.diff_density_min_esd                     ? 
_refine.diff_density_rms                         ? 
_refine.diff_density_rms_esd                     ? 
_refine.entry_id                                 9C0O 
_refine.pdbx_refine_id                           'X-RAY DIFFRACTION' 
_refine.ls_abs_structure_details                 ? 
_refine.ls_abs_structure_Flack                   ? 
_refine.ls_abs_structure_Flack_esd               ? 
_refine.ls_abs_structure_Rogers                  ? 
_refine.ls_abs_structure_Rogers_esd              ? 
_refine.ls_d_res_high                            1.53 
_refine.ls_d_res_low                             31.95 
_refine.ls_extinction_coef                       ? 
_refine.ls_extinction_coef_esd                   ? 
_refine.ls_extinction_expression                 ? 
_refine.ls_extinction_method                     ? 
_refine.ls_goodness_of_fit_all                   ? 
_refine.ls_goodness_of_fit_all_esd               ? 
_refine.ls_goodness_of_fit_obs                   ? 
_refine.ls_goodness_of_fit_obs_esd               ? 
_refine.ls_hydrogen_treatment                    ? 
_refine.ls_matrix_type                           ? 
_refine.ls_number_constraints                    ? 
_refine.ls_number_parameters                     ? 
_refine.ls_number_reflns_all                     ? 
_refine.ls_number_reflns_obs                     10746 
_refine.ls_number_reflns_R_free                  548 
_refine.ls_number_reflns_R_work                  10198 
_refine.ls_number_restraints                     ? 
_refine.ls_percent_reflns_obs                    99.46 
_refine.ls_percent_reflns_R_free                 5.10 
_refine.ls_R_factor_all                          ? 
_refine.ls_R_factor_obs                          0.1580 
_refine.ls_R_factor_R_free                       0.1936 
_refine.ls_R_factor_R_free_error                 ? 
_refine.ls_R_factor_R_free_error_details         ? 
_refine.ls_R_factor_R_work                       0.1562 
_refine.ls_R_Fsqd_factor_obs                     ? 
_refine.ls_R_I_factor_obs                        ? 
_refine.ls_redundancy_reflns_all                 ? 
_refine.ls_redundancy_reflns_obs                 ? 
_refine.ls_restrained_S_all                      ? 
_refine.ls_restrained_S_obs                      ? 
_refine.ls_shift_over_esd_max                    ? 
_refine.ls_shift_over_esd_mean                   ? 
_refine.ls_structure_factor_coef                 ? 
_refine.ls_weighting_details                     ? 
_refine.ls_weighting_scheme                      ? 
_refine.ls_wR_factor_all                         ? 
_refine.ls_wR_factor_obs                         ? 
_refine.ls_wR_factor_R_free                      ? 
_refine.ls_wR_factor_R_work                      ? 
_refine.occupancy_max                            ? 
_refine.occupancy_min                            ? 
_refine.solvent_model_details                    'FLAT BULK SOLVENT MODEL' 
_refine.solvent_model_param_bsol                 ? 
_refine.solvent_model_param_ksol                 ? 
_refine.pdbx_R_complete                          ? 
_refine.ls_R_factor_gt                           ? 
_refine.ls_goodness_of_fit_gt                    ? 
_refine.ls_goodness_of_fit_ref                   ? 
_refine.ls_shift_over_su_max                     ? 
_refine.ls_shift_over_su_max_lt                  ? 
_refine.ls_shift_over_su_mean                    ? 
_refine.ls_shift_over_su_mean_lt                 ? 
_refine.pdbx_ls_sigma_I                          ? 
_refine.pdbx_ls_sigma_F                          1.34 
_refine.pdbx_ls_sigma_Fsqd                       ? 
_refine.pdbx_data_cutoff_high_absF               ? 
_refine.pdbx_data_cutoff_high_rms_absF           ? 
_refine.pdbx_data_cutoff_low_absF                ? 
_refine.pdbx_isotropic_thermal_model             ? 
_refine.pdbx_ls_cross_valid_method               'FREE R-VALUE' 
_refine.pdbx_method_to_determine_struct          'MOLECULAR REPLACEMENT' 
_refine.pdbx_starting_model                      ? 
_refine.pdbx_stereochemistry_target_values       'GeoStd + Monomer Library + CDL v1.2' 
_refine.pdbx_R_Free_selection_details            ? 
_refine.pdbx_stereochem_target_val_spec_case     ? 
_refine.pdbx_overall_ESU_R                       ? 
_refine.pdbx_overall_ESU_R_Free                  ? 
_refine.pdbx_solvent_vdw_probe_radii             1.1000 
_refine.pdbx_solvent_ion_probe_radii             ? 
_refine.pdbx_solvent_shrinkage_radii             0.9000 
_refine.pdbx_real_space_R                        ? 
_refine.pdbx_density_correlation                 ? 
_refine.pdbx_pd_number_of_powder_patterns        ? 
_refine.pdbx_pd_number_of_points                 ? 
_refine.pdbx_pd_meas_number_of_points            ? 
_refine.pdbx_pd_proc_ls_prof_R_factor            ? 
_refine.pdbx_pd_proc_ls_prof_wR_factor           ? 
_refine.pdbx_pd_Marquardt_correlation_coeff      ? 
_refine.pdbx_pd_Fsqrd_R_factor                   ? 
_refine.pdbx_pd_ls_matrix_band_width             ? 
_refine.pdbx_overall_phase_error                 20.4978 
_refine.pdbx_overall_SU_R_free_Cruickshank_DPI   ? 
_refine.pdbx_overall_SU_R_free_Blow_DPI          ? 
_refine.pdbx_overall_SU_R_Blow_DPI               ? 
_refine.pdbx_TLS_residual_ADP_flag               ? 
_refine.pdbx_diffrn_id                           1 
_refine.overall_SU_B                             ? 
_refine.overall_SU_ML                            0.1455 
_refine.overall_SU_R_Cruickshank_DPI             ? 
_refine.overall_SU_R_free                        ? 
_refine.overall_FOM_free_R_set                   ? 
_refine.overall_FOM_work_R_set                   ? 
_refine.pdbx_average_fsc_overall                 ? 
_refine.pdbx_average_fsc_work                    ? 
_refine.pdbx_average_fsc_free                    ? 
# 
_refine_hist.pdbx_refine_id                   'X-RAY DIFFRACTION' 
_refine_hist.cycle_id                         LAST 
_refine_hist.details                          ? 
_refine_hist.d_res_high                       1.53 
_refine_hist.d_res_low                        31.95 
_refine_hist.number_atoms_solvent             70 
_refine_hist.number_atoms_total               669 
_refine_hist.number_reflns_all                ? 
_refine_hist.number_reflns_obs                ? 
_refine_hist.number_reflns_R_free             ? 
_refine_hist.number_reflns_R_work             ? 
_refine_hist.R_factor_all                     ? 
_refine_hist.R_factor_obs                     ? 
_refine_hist.R_factor_R_free                  ? 
_refine_hist.R_factor_R_work                  ? 
_refine_hist.pdbx_number_residues_total       ? 
_refine_hist.pdbx_B_iso_mean_ligand           ? 
_refine_hist.pdbx_B_iso_mean_solvent          ? 
_refine_hist.pdbx_number_atoms_protein        582 
_refine_hist.pdbx_number_atoms_nucleic_acid   0 
_refine_hist.pdbx_number_atoms_ligand         17 
_refine_hist.pdbx_number_atoms_lipid          ? 
_refine_hist.pdbx_number_atoms_carb           ? 
_refine_hist.pdbx_pseudo_atom_details         ? 
# 
loop_
_refine_ls_restr.pdbx_refine_id 
_refine_ls_restr.criterion 
_refine_ls_restr.dev_ideal 
_refine_ls_restr.dev_ideal_target 
_refine_ls_restr.number 
_refine_ls_restr.rejects 
_refine_ls_restr.type 
_refine_ls_restr.weight 
_refine_ls_restr.pdbx_restraint_function 
'X-RAY DIFFRACTION' ? 0.0038 ? 648 ? f_bond_d           ? ? 
'X-RAY DIFFRACTION' ? 0.7132 ? 873 ? f_angle_d          ? ? 
'X-RAY DIFFRACTION' ? 0.0491 ? 84  ? f_chiral_restr     ? ? 
'X-RAY DIFFRACTION' ? 0.0050 ? 115 ? f_plane_restr      ? ? 
'X-RAY DIFFRACTION' ? 6.0388 ? 94  ? f_dihedral_angle_d ? ? 
# 
loop_
_refine_ls_shell.pdbx_refine_id 
_refine_ls_shell.d_res_high 
_refine_ls_shell.d_res_low 
_refine_ls_shell.number_reflns_all 
_refine_ls_shell.number_reflns_obs 
_refine_ls_shell.number_reflns_R_free 
_refine_ls_shell.number_reflns_R_work 
_refine_ls_shell.percent_reflns_obs 
_refine_ls_shell.percent_reflns_R_free 
_refine_ls_shell.R_factor_all 
_refine_ls_shell.R_factor_obs 
_refine_ls_shell.R_factor_R_free_error 
_refine_ls_shell.R_factor_R_work 
_refine_ls_shell.redundancy_reflns_all 
_refine_ls_shell.redundancy_reflns_obs 
_refine_ls_shell.wR_factor_all 
_refine_ls_shell.wR_factor_obs 
_refine_ls_shell.wR_factor_R_free 
_refine_ls_shell.wR_factor_R_work 
_refine_ls_shell.pdbx_R_complete 
_refine_ls_shell.pdbx_total_number_of_bins_used 
_refine_ls_shell.pdbx_phase_error 
_refine_ls_shell.pdbx_fsc_work 
_refine_ls_shell.pdbx_fsc_free 
_refine_ls_shell.R_factor_R_free 
'X-RAY DIFFRACTION' 1.53 1.68  . . 127 2478 98.90 . . . . 0.1775 . . . . . . . . . . . 0.2518 
'X-RAY DIFFRACTION' 1.68 1.93  . . 141 2493 99.36 . . . . 0.1607 . . . . . . . . . . . 0.2234 
'X-RAY DIFFRACTION' 1.93 2.43  . . 126 2567 99.59 . . . . 0.1547 . . . . . . . . . . . 0.2126 
'X-RAY DIFFRACTION' 2.43 31.95 . . 154 2660 99.96 . . . . 0.1523 . . . . . . . . . . . 0.1716 
# 
_struct.entry_id                     9C0O 
_struct.title                        'Crystal structure of DmCfp1 PHD finger bound to H3K4me3' 
_struct.pdbx_model_details           ? 
_struct.pdbx_formula_weight          ? 
_struct.pdbx_formula_weight_method   ? 
_struct.pdbx_model_type_details      ? 
_struct.pdbx_CASP_flag               N 
# 
_struct_keywords.entry_id        9C0O 
_struct_keywords.text            'Chromatin binding protein, histone H3 reader, METAL BINDING PROTEIN' 
_struct_keywords.pdbx_keywords   'METAL BINDING PROTEIN' 
# 
loop_
_struct_asym.id 
_struct_asym.pdbx_blank_PDB_chainid_flag 
_struct_asym.pdbx_modified 
_struct_asym.entity_id 
_struct_asym.details 
A N N 1 ? 
B N N 2 ? 
C N N 3 ? 
D N N 4 ? 
E N N 4 ? 
F N N 4 ? 
G N N 5 ? 
H N N 5 ? 
I N N 6 ? 
J N N 6 ? 
# 
loop_
_struct_ref.id 
_struct_ref.db_name 
_struct_ref.db_code 
_struct_ref.pdbx_db_accession 
_struct_ref.pdbx_db_isoform 
_struct_ref.entity_id 
_struct_ref.pdbx_seq_one_letter_code 
_struct_ref.pdbx_align_begin 
1 UNP CXXC1_DROME Q9W352 ? 1 KQEDQAYCICRSSDCSRFMIGCDGCEEWYHGDCIGITEKEAKHIKQYYCRRCKKENPELQTIFR 56 
2 UNP H3C_HUMAN   Q6NXT2 ? 2 ARTKQTARKSTGGKA                                                  2  
# 
loop_
_struct_ref_seq.align_id 
_struct_ref_seq.ref_id 
_struct_ref_seq.pdbx_PDB_id_code 
_struct_ref_seq.pdbx_strand_id 
_struct_ref_seq.seq_align_beg 
_struct_ref_seq.pdbx_seq_align_beg_ins_code 
_struct_ref_seq.seq_align_end 
_struct_ref_seq.pdbx_seq_align_end_ins_code 
_struct_ref_seq.pdbx_db_accession 
_struct_ref_seq.db_align_beg 
_struct_ref_seq.pdbx_db_align_beg_ins_code 
_struct_ref_seq.db_align_end 
_struct_ref_seq.pdbx_db_align_end_ins_code 
_struct_ref_seq.pdbx_auth_seq_align_beg 
_struct_ref_seq.pdbx_auth_seq_align_end 
1 1 9C0O A 3 ? 66 ? Q9W352 56 ? 119 ? 56 119 
2 2 9C0O D 1 ? 15 ? Q6NXT2 2  ? 16  ? 1  15  
# 
loop_
_struct_ref_seq_dif.align_id 
_struct_ref_seq_dif.pdbx_pdb_id_code 
_struct_ref_seq_dif.mon_id 
_struct_ref_seq_dif.pdbx_pdb_strand_id 
_struct_ref_seq_dif.seq_num 
_struct_ref_seq_dif.pdbx_pdb_ins_code 
_struct_ref_seq_dif.pdbx_seq_db_name 
_struct_ref_seq_dif.pdbx_seq_db_accession_code 
_struct_ref_seq_dif.db_mon_id 
_struct_ref_seq_dif.pdbx_seq_db_seq_num 
_struct_ref_seq_dif.details 
_struct_ref_seq_dif.pdbx_auth_seq_num 
_struct_ref_seq_dif.pdbx_ordinal 
1 9C0O GLY A 1  ? UNP Q9W352 ?   ?  'expression tag' 54 1 
1 9C0O GLY A 2  ? UNP Q9W352 ?   ?  'expression tag' 55 2 
2 9C0O TYR D 15 ? UNP Q6NXT2 ALA 16 conflict         15 3 
# 
_pdbx_struct_assembly.id                   1 
_pdbx_struct_assembly.details              author_and_software_defined_assembly 
_pdbx_struct_assembly.method_details       PISA 
_pdbx_struct_assembly.oligomeric_details   dimeric 
_pdbx_struct_assembly.oligomeric_count     2 
# 
loop_
_pdbx_struct_assembly_prop.biol_id 
_pdbx_struct_assembly_prop.type 
_pdbx_struct_assembly_prop.value 
_pdbx_struct_assembly_prop.details 
1 'ABSA (A^2)' 1560 ? 
1 MORE         -82  ? 
1 'SSA (A^2)'  5230 ? 
# 
_pdbx_struct_assembly_gen.assembly_id       1 
_pdbx_struct_assembly_gen.oper_expression   1 
_pdbx_struct_assembly_gen.asym_id_list      A,B,C,D,E,F,G,H,I,J 
# 
_pdbx_struct_oper_list.id                   1 
_pdbx_struct_oper_list.type                 'identity operation' 
_pdbx_struct_oper_list.name                 1_555 
_pdbx_struct_oper_list.symmetry_operation   x,y,z 
_pdbx_struct_oper_list.matrix[1][1]         1.0000000000 
_pdbx_struct_oper_list.matrix[1][2]         0.0000000000 
_pdbx_struct_oper_list.matrix[1][3]         0.0000000000 
_pdbx_struct_oper_list.vector[1]            0.0000000000 
_pdbx_struct_oper_list.matrix[2][1]         0.0000000000 
_pdbx_struct_oper_list.matrix[2][2]         1.0000000000 
_pdbx_struct_oper_list.matrix[2][3]         0.0000000000 
_pdbx_struct_oper_list.vector[2]            0.0000000000 
_pdbx_struct_oper_list.matrix[3][1]         0.0000000000 
_pdbx_struct_oper_list.matrix[3][2]         0.0000000000 
_pdbx_struct_oper_list.matrix[3][3]         1.0000000000 
_pdbx_struct_oper_list.vector[3]            0.0000000000 
# 
loop_
_struct_conf.conf_type_id 
_struct_conf.id 
_struct_conf.pdbx_PDB_helix_id 
_struct_conf.beg_label_comp_id 
_struct_conf.beg_label_asym_id 
_struct_conf.beg_label_seq_id 
_struct_conf.pdbx_beg_PDB_ins_code 
_struct_conf.end_label_comp_id 
_struct_conf.end_label_asym_id 
_struct_conf.end_label_seq_id 
_struct_conf.pdbx_end_PDB_ins_code 
_struct_conf.beg_auth_comp_id 
_struct_conf.beg_auth_asym_id 
_struct_conf.beg_auth_seq_id 
_struct_conf.end_auth_comp_id 
_struct_conf.end_auth_asym_id 
_struct_conf.end_auth_seq_id 
_struct_conf.pdbx_PDB_helix_class 
_struct_conf.details 
_struct_conf.pdbx_PDB_helix_length 
HELX_P HELX_P1 AA1 GLN A 7  ? TYR A 9  ? GLN A 60  TYR A 62  5 ? 3 
HELX_P HELX_P2 AA2 THR A 39 ? LYS A 44 ? THR A 92  LYS A 97  1 ? 6 
HELX_P HELX_P3 AA3 CYS A 51 ? ASN A 58 ? CYS A 104 ASN A 111 1 ? 8 
# 
_struct_conf_type.id          HELX_P 
_struct_conf_type.criteria    ? 
_struct_conf_type.reference   ? 
# 
loop_
_struct_conn.id 
_struct_conn.conn_type_id 
_struct_conn.pdbx_leaving_atom_flag 
_struct_conn.pdbx_PDB_id 
_struct_conn.ptnr1_label_asym_id 
_struct_conn.ptnr1_label_comp_id 
_struct_conn.ptnr1_label_seq_id 
_struct_conn.ptnr1_label_atom_id 
_struct_conn.pdbx_ptnr1_label_alt_id 
_struct_conn.pdbx_ptnr1_PDB_ins_code 
_struct_conn.pdbx_ptnr1_standard_comp_id 
_struct_conn.ptnr1_symmetry 
_struct_conn.ptnr2_label_asym_id 
_struct_conn.ptnr2_label_comp_id 
_struct_conn.ptnr2_label_seq_id 
_struct_conn.ptnr2_label_atom_id 
_struct_conn.pdbx_ptnr2_label_alt_id 
_struct_conn.pdbx_ptnr2_PDB_ins_code 
_struct_conn.ptnr1_auth_asym_id 
_struct_conn.ptnr1_auth_comp_id 
_struct_conn.ptnr1_auth_seq_id 
_struct_conn.ptnr2_auth_asym_id 
_struct_conn.ptnr2_auth_comp_id 
_struct_conn.ptnr2_auth_seq_id 
_struct_conn.ptnr2_symmetry 
_struct_conn.pdbx_ptnr3_label_atom_id 
_struct_conn.pdbx_ptnr3_label_seq_id 
_struct_conn.pdbx_ptnr3_label_comp_id 
_struct_conn.pdbx_ptnr3_label_asym_id 
_struct_conn.pdbx_ptnr3_label_alt_id 
_struct_conn.pdbx_ptnr3_PDB_ins_code 
_struct_conn.details 
_struct_conn.pdbx_dist_value 
_struct_conn.pdbx_value_order 
_struct_conn.pdbx_role 
disulf1  disulf ?    ? A CYS 10 SG  ? ? ? 1_555 A CYS 35 SG ? ? A CYS 63  A CYS 88  1_555 ? ? ? ? ? ? ? 2.025 ? ? 
covale1  covale both ? B THR 3  C   ? ? ? 1_555 B M3L 4  N  ? ? D THR 3   D M3L 4   1_555 ? ? ? ? ? ? ? 1.324 ? ? 
covale2  covale both ? B M3L 4  C   ? ? ? 1_555 B GLN 5  N  A ? D M3L 4   D GLN 5   1_555 ? ? ? ? ? ? ? 1.331 ? ? 
covale3  covale both ? B M3L 4  C   ? ? ? 1_555 B GLN 5  N  B ? D M3L 4   D GLN 5   1_555 ? ? ? ? ? ? ? 1.332 ? ? 
metalc1  metalc ?    ? A GLU 5  OE1 ? ? ? 1_555 F ZN  .  ZN ? ? A GLU 58  A ZN  204 4_555 ? ? ? ? ? ? ? 2.209 ? ? 
metalc2  metalc ?    ? A GLU 5  OE2 ? ? ? 1_555 F ZN  .  ZN ? ? A GLU 58  A ZN  204 4_555 ? ? ? ? ? ? ? 2.496 ? ? 
metalc3  metalc ?    ? A CYS 12 SG  ? ? ? 1_555 D ZN  .  ZN ? ? A CYS 65  A ZN  202 1_555 ? ? ? ? ? ? ? 2.267 ? ? 
metalc4  metalc ?    ? A CYS 17 SG  ? ? ? 1_555 D ZN  .  ZN ? ? A CYS 70  A ZN  202 1_555 ? ? ? ? ? ? ? 2.257 ? ? 
metalc5  metalc ?    ? A CYS 24 SG  ? ? ? 1_555 E ZN  .  ZN ? ? A CYS 77  A ZN  203 1_555 ? ? ? ? ? ? ? 2.316 ? ? 
metalc6  metalc ?    ? A CYS 27 SG  ? ? ? 1_555 E ZN  .  ZN ? ? A CYS 80  A ZN  203 1_555 ? ? ? ? ? ? ? 2.348 ? ? 
metalc7  metalc ?    ? A HIS 32 NE2 ? ? ? 1_555 D ZN  .  ZN ? ? A HIS 85  A ZN  202 1_555 ? ? ? ? ? ? ? 2.209 ? ? 
metalc8  metalc ?    ? A HIS 45 ND1 ? ? ? 1_555 F ZN  .  ZN ? ? A HIS 98  A ZN  204 1_555 ? ? ? ? ? ? ? 2.268 ? ? 
metalc9  metalc ?    ? A CYS 51 SG  ? ? ? 1_555 E ZN  .  ZN ? ? A CYS 104 A ZN  203 1_555 ? ? ? ? ? ? ? 2.331 ? ? 
metalc10 metalc ?    ? A CYS 54 SG  ? ? ? 1_555 E ZN  .  ZN ? ? A CYS 107 A ZN  203 1_555 ? ? ? ? ? ? ? 2.313 ? ? 
metalc11 metalc ?    ? A ARG 66 OXT ? ? ? 1_555 F ZN  .  ZN ? ? A ARG 119 A ZN  204 1_555 ? ? ? ? ? ? ? 1.922 ? ? 
metalc12 metalc ?    ? D ZN  .  ZN  ? ? ? 1_555 I HOH .  O  ? ? A ZN  202 A HOH 332 4_555 ? ? ? ? ? ? ? 2.091 ? ? 
metalc13 metalc ?    ? F ZN  .  ZN  ? ? ? 1_555 I HOH .  O  ? ? A ZN  204 A HOH 309 3_555 ? ? ? ? ? ? ? 2.021 ? ? 
# 
loop_
_struct_conn_type.id 
_struct_conn_type.criteria 
_struct_conn_type.reference 
disulf ? ? 
covale ? ? 
metalc ? ? 
# 
loop_
_pdbx_struct_conn_angle.id 
_pdbx_struct_conn_angle.ptnr1_label_atom_id 
_pdbx_struct_conn_angle.ptnr1_label_alt_id 
_pdbx_struct_conn_angle.ptnr1_label_asym_id 
_pdbx_struct_conn_angle.ptnr1_label_comp_id 
_pdbx_struct_conn_angle.ptnr1_label_seq_id 
_pdbx_struct_conn_angle.ptnr1_auth_atom_id 
_pdbx_struct_conn_angle.ptnr1_auth_asym_id 
_pdbx_struct_conn_angle.ptnr1_auth_comp_id 
_pdbx_struct_conn_angle.ptnr1_auth_seq_id 
_pdbx_struct_conn_angle.ptnr1_PDB_ins_code 
_pdbx_struct_conn_angle.ptnr1_symmetry 
_pdbx_struct_conn_angle.ptnr2_label_atom_id 
_pdbx_struct_conn_angle.ptnr2_label_alt_id 
_pdbx_struct_conn_angle.ptnr2_label_asym_id 
_pdbx_struct_conn_angle.ptnr2_label_comp_id 
_pdbx_struct_conn_angle.ptnr2_label_seq_id 
_pdbx_struct_conn_angle.ptnr2_auth_atom_id 
_pdbx_struct_conn_angle.ptnr2_auth_asym_id 
_pdbx_struct_conn_angle.ptnr2_auth_comp_id 
_pdbx_struct_conn_angle.ptnr2_auth_seq_id 
_pdbx_struct_conn_angle.ptnr2_PDB_ins_code 
_pdbx_struct_conn_angle.ptnr2_symmetry 
_pdbx_struct_conn_angle.ptnr3_label_atom_id 
_pdbx_struct_conn_angle.ptnr3_label_alt_id 
_pdbx_struct_conn_angle.ptnr3_label_asym_id 
_pdbx_struct_conn_angle.ptnr3_label_comp_id 
_pdbx_struct_conn_angle.ptnr3_label_seq_id 
_pdbx_struct_conn_angle.ptnr3_auth_atom_id 
_pdbx_struct_conn_angle.ptnr3_auth_asym_id 
_pdbx_struct_conn_angle.ptnr3_auth_comp_id 
_pdbx_struct_conn_angle.ptnr3_auth_seq_id 
_pdbx_struct_conn_angle.ptnr3_PDB_ins_code 
_pdbx_struct_conn_angle.ptnr3_symmetry 
_pdbx_struct_conn_angle.value 
_pdbx_struct_conn_angle.value_esd 
1  OE1 ? A GLU 5  ? A GLU 58  ? 1_555 ZN ? F ZN . ? A ZN 204 ? 4_555 OE2 ? A GLU 5  ? A GLU 58  ? 1_555 55.0  ? 
2  OE1 ? A GLU 5  ? A GLU 58  ? 1_555 ZN ? F ZN . ? A ZN 204 ? 4_555 ND1 ? A HIS 45 ? A HIS 98  ? 1_555 83.0  ? 
3  OE2 ? A GLU 5  ? A GLU 58  ? 1_555 ZN ? F ZN . ? A ZN 204 ? 4_555 ND1 ? A HIS 45 ? A HIS 98  ? 1_555 31.3  ? 
4  OE1 ? A GLU 5  ? A GLU 58  ? 1_555 ZN ? F ZN . ? A ZN 204 ? 4_555 OXT ? A ARG 66 ? A ARG 119 ? 1_555 76.6  ? 
5  OE2 ? A GLU 5  ? A GLU 58  ? 1_555 ZN ? F ZN . ? A ZN 204 ? 4_555 OXT ? A ARG 66 ? A ARG 119 ? 1_555 24.4  ? 
6  ND1 ? A HIS 45 ? A HIS 98  ? 1_555 ZN ? F ZN . ? A ZN 204 ? 4_555 OXT ? A ARG 66 ? A ARG 119 ? 1_555 6.9   ? 
7  OE1 ? A GLU 5  ? A GLU 58  ? 1_555 ZN ? F ZN . ? A ZN 204 ? 4_555 O   ? I HOH .  ? A HOH 309 ? 3_555 81.3  ? 
8  OE2 ? A GLU 5  ? A GLU 58  ? 1_555 ZN ? F ZN . ? A ZN 204 ? 4_555 O   ? I HOH .  ? A HOH 309 ? 3_555 28.3  ? 
9  ND1 ? A HIS 45 ? A HIS 98  ? 1_555 ZN ? F ZN . ? A ZN 204 ? 4_555 O   ? I HOH .  ? A HOH 309 ? 3_555 4.3   ? 
10 OXT ? A ARG 66 ? A ARG 119 ? 1_555 ZN ? F ZN . ? A ZN 204 ? 4_555 O   ? I HOH .  ? A HOH 309 ? 3_555 4.9   ? 
11 SG  ? A CYS 12 ? A CYS 65  ? 1_555 ZN ? D ZN . ? A ZN 202 ? 1_555 SG  ? A CYS 17 ? A CYS 70  ? 1_555 118.1 ? 
12 SG  ? A CYS 12 ? A CYS 65  ? 1_555 ZN ? D ZN . ? A ZN 202 ? 1_555 NE2 ? A HIS 32 ? A HIS 85  ? 1_555 109.0 ? 
13 SG  ? A CYS 17 ? A CYS 70  ? 1_555 ZN ? D ZN . ? A ZN 202 ? 1_555 NE2 ? A HIS 32 ? A HIS 85  ? 1_555 117.8 ? 
14 SG  ? A CYS 12 ? A CYS 65  ? 1_555 ZN ? D ZN . ? A ZN 202 ? 1_555 O   ? I HOH .  ? A HOH 332 ? 4_555 107.8 ? 
15 SG  ? A CYS 17 ? A CYS 70  ? 1_555 ZN ? D ZN . ? A ZN 202 ? 1_555 O   ? I HOH .  ? A HOH 332 ? 4_555 108.5 ? 
16 NE2 ? A HIS 32 ? A HIS 85  ? 1_555 ZN ? D ZN . ? A ZN 202 ? 1_555 O   ? I HOH .  ? A HOH 332 ? 4_555 92.2  ? 
17 SG  ? A CYS 24 ? A CYS 77  ? 1_555 ZN ? E ZN . ? A ZN 203 ? 1_555 SG  ? A CYS 27 ? A CYS 80  ? 1_555 107.4 ? 
18 SG  ? A CYS 24 ? A CYS 77  ? 1_555 ZN ? E ZN . ? A ZN 203 ? 1_555 SG  ? A CYS 51 ? A CYS 104 ? 1_555 110.7 ? 
19 SG  ? A CYS 27 ? A CYS 80  ? 1_555 ZN ? E ZN . ? A ZN 203 ? 1_555 SG  ? A CYS 51 ? A CYS 104 ? 1_555 113.7 ? 
20 SG  ? A CYS 24 ? A CYS 77  ? 1_555 ZN ? E ZN . ? A ZN 203 ? 1_555 SG  ? A CYS 54 ? A CYS 107 ? 1_555 106.9 ? 
21 SG  ? A CYS 27 ? A CYS 80  ? 1_555 ZN ? E ZN . ? A ZN 203 ? 1_555 SG  ? A CYS 54 ? A CYS 107 ? 1_555 111.0 ? 
22 SG  ? A CYS 51 ? A CYS 104 ? 1_555 ZN ? E ZN . ? A ZN 203 ? 1_555 SG  ? A CYS 54 ? A CYS 107 ? 1_555 107.0 ? 
# 
loop_
_struct_sheet.id 
_struct_sheet.type 
_struct_sheet.number_strands 
_struct_sheet.details 
AA1 ? 4 ? 
AA2 ? 2 ? 
# 
loop_
_struct_sheet_order.sheet_id 
_struct_sheet_order.range_id_1 
_struct_sheet_order.range_id_2 
_struct_sheet_order.offset 
_struct_sheet_order.sense 
AA1 1 2 ? anti-parallel 
AA1 2 3 ? anti-parallel 
AA1 3 4 ? anti-parallel 
AA2 1 2 ? anti-parallel 
# 
loop_
_struct_sheet_range.sheet_id 
_struct_sheet_range.id 
_struct_sheet_range.beg_label_comp_id 
_struct_sheet_range.beg_label_asym_id 
_struct_sheet_range.beg_label_seq_id 
_struct_sheet_range.pdbx_beg_PDB_ins_code 
_struct_sheet_range.end_label_comp_id 
_struct_sheet_range.end_label_asym_id 
_struct_sheet_range.end_label_seq_id 
_struct_sheet_range.pdbx_end_PDB_ins_code 
_struct_sheet_range.beg_auth_comp_id 
_struct_sheet_range.beg_auth_asym_id 
_struct_sheet_range.beg_auth_seq_id 
_struct_sheet_range.end_auth_comp_id 
_struct_sheet_range.end_auth_asym_id 
_struct_sheet_range.end_auth_seq_id 
AA1 1 ILE A 11 ? CYS A 12 ? ILE A 64  CYS A 65  
AA1 2 TRP A 30 ? HIS A 32 ? TRP A 83  HIS A 85  
AA1 3 MET A 21 ? GLY A 23 ? MET A 74  GLY A 76  
AA1 4 THR B 3  ? M3L B 4  ? THR D 3   M3L D 4   
AA2 1 ILE A 46 ? GLN A 48 ? ILE A 99  GLN A 101 
AA2 2 ILE A 64 ? PHE A 65 ? ILE A 117 PHE A 118 
# 
loop_
_pdbx_struct_sheet_hbond.sheet_id 
_pdbx_struct_sheet_hbond.range_id_1 
_pdbx_struct_sheet_hbond.range_id_2 
_pdbx_struct_sheet_hbond.range_1_label_atom_id 
_pdbx_struct_sheet_hbond.range_1_label_comp_id 
_pdbx_struct_sheet_hbond.range_1_label_asym_id 
_pdbx_struct_sheet_hbond.range_1_label_seq_id 
_pdbx_struct_sheet_hbond.range_1_PDB_ins_code 
_pdbx_struct_sheet_hbond.range_1_auth_atom_id 
_pdbx_struct_sheet_hbond.range_1_auth_comp_id 
_pdbx_struct_sheet_hbond.range_1_auth_asym_id 
_pdbx_struct_sheet_hbond.range_1_auth_seq_id 
_pdbx_struct_sheet_hbond.range_2_label_atom_id 
_pdbx_struct_sheet_hbond.range_2_label_comp_id 
_pdbx_struct_sheet_hbond.range_2_label_asym_id 
_pdbx_struct_sheet_hbond.range_2_label_seq_id 
_pdbx_struct_sheet_hbond.range_2_PDB_ins_code 
_pdbx_struct_sheet_hbond.range_2_auth_atom_id 
_pdbx_struct_sheet_hbond.range_2_auth_comp_id 
_pdbx_struct_sheet_hbond.range_2_auth_asym_id 
_pdbx_struct_sheet_hbond.range_2_auth_seq_id 
AA1 1 2 N CYS A 12 ? N CYS A 65  O TRP A 30 ? O TRP A 83  
AA1 2 3 O TYR A 31 ? O TYR A 84  N ILE A 22 ? N ILE A 75  
AA1 3 4 N MET A 21 ? N MET A 74  O M3L B 4  ? O M3L D 4   
AA2 1 2 N GLN A 48 ? N GLN A 101 O ILE A 64 ? O ILE A 117 
# 
_pdbx_entry_details.entry_id                   9C0O 
_pdbx_entry_details.nonpolymer_details         ? 
_pdbx_entry_details.sequence_details           ? 
_pdbx_entry_details.compound_details           ? 
_pdbx_entry_details.source_details             ? 
_pdbx_entry_details.has_ligand_of_interest     Y 
_pdbx_entry_details.has_protein_modification   ? 
# 
_pdbx_struct_mod_residue.id               1 
_pdbx_struct_mod_residue.label_asym_id    B 
_pdbx_struct_mod_residue.label_comp_id    M3L 
_pdbx_struct_mod_residue.label_seq_id     4 
_pdbx_struct_mod_residue.auth_asym_id     D 
_pdbx_struct_mod_residue.auth_comp_id     M3L 
_pdbx_struct_mod_residue.auth_seq_id      4 
_pdbx_struct_mod_residue.PDB_ins_code     ? 
_pdbx_struct_mod_residue.parent_comp_id   LYS 
_pdbx_struct_mod_residue.details          'modified residue' 
# 
loop_
_space_group_symop.id 
_space_group_symop.operation_xyz 
1 x,y,z           
2 x+1/2,-y+1/2,-z 
3 -x,y+1/2,-z+1/2 
4 -x+1/2,-y,z+1/2 
# 
loop_
_pdbx_unobs_or_zero_occ_residues.id 
_pdbx_unobs_or_zero_occ_residues.PDB_model_num 
_pdbx_unobs_or_zero_occ_residues.polymer_flag 
_pdbx_unobs_or_zero_occ_residues.occupancy_flag 
_pdbx_unobs_or_zero_occ_residues.auth_asym_id 
_pdbx_unobs_or_zero_occ_residues.auth_comp_id 
_pdbx_unobs_or_zero_occ_residues.auth_seq_id 
_pdbx_unobs_or_zero_occ_residues.PDB_ins_code 
_pdbx_unobs_or_zero_occ_residues.label_asym_id 
_pdbx_unobs_or_zero_occ_residues.label_comp_id 
_pdbx_unobs_or_zero_occ_residues.label_seq_id 
1 1 Y 1 A GLY 54 ? A GLY 1  
2 1 Y 1 A GLY 55 ? A GLY 2  
3 1 Y 1 A LYS 56 ? A LYS 3  
4 1 Y 1 D SER 10 ? B SER 10 
5 1 Y 1 D THR 11 ? B THR 11 
6 1 Y 1 D GLY 12 ? B GLY 12 
7 1 Y 1 D GLY 13 ? B GLY 13 
8 1 Y 1 D LYS 14 ? B LYS 14 
9 1 Y 1 D TYR 15 ? B TYR 15 
# 
loop_
_chem_comp_atom.comp_id 
_chem_comp_atom.atom_id 
_chem_comp_atom.type_symbol 
_chem_comp_atom.pdbx_aromatic_flag 
_chem_comp_atom.pdbx_stereo_config 
_chem_comp_atom.pdbx_ordinal 
ALA N    N  N N 1   
ALA CA   C  N S 2   
ALA C    C  N N 3   
ALA O    O  N N 4   
ALA CB   C  N N 5   
ALA OXT  O  N N 6   
ALA H    H  N N 7   
ALA H2   H  N N 8   
ALA HA   H  N N 9   
ALA HB1  H  N N 10  
ALA HB2  H  N N 11  
ALA HB3  H  N N 12  
ALA HXT  H  N N 13  
ARG N    N  N N 14  
ARG CA   C  N S 15  
ARG C    C  N N 16  
ARG O    O  N N 17  
ARG CB   C  N N 18  
ARG CG   C  N N 19  
ARG CD   C  N N 20  
ARG NE   N  N N 21  
ARG CZ   C  N N 22  
ARG NH1  N  N N 23  
ARG NH2  N  N N 24  
ARG OXT  O  N N 25  
ARG H    H  N N 26  
ARG H2   H  N N 27  
ARG HA   H  N N 28  
ARG HB2  H  N N 29  
ARG HB3  H  N N 30  
ARG HG2  H  N N 31  
ARG HG3  H  N N 32  
ARG HD2  H  N N 33  
ARG HD3  H  N N 34  
ARG HE   H  N N 35  
ARG HH11 H  N N 36  
ARG HH12 H  N N 37  
ARG HH21 H  N N 38  
ARG HH22 H  N N 39  
ARG HXT  H  N N 40  
ASN N    N  N N 41  
ASN CA   C  N S 42  
ASN C    C  N N 43  
ASN O    O  N N 44  
ASN CB   C  N N 45  
ASN CG   C  N N 46  
ASN OD1  O  N N 47  
ASN ND2  N  N N 48  
ASN OXT  O  N N 49  
ASN H    H  N N 50  
ASN H2   H  N N 51  
ASN HA   H  N N 52  
ASN HB2  H  N N 53  
ASN HB3  H  N N 54  
ASN HD21 H  N N 55  
ASN HD22 H  N N 56  
ASN HXT  H  N N 57  
ASP N    N  N N 58  
ASP CA   C  N S 59  
ASP C    C  N N 60  
ASP O    O  N N 61  
ASP CB   C  N N 62  
ASP CG   C  N N 63  
ASP OD1  O  N N 64  
ASP OD2  O  N N 65  
ASP OXT  O  N N 66  
ASP H    H  N N 67  
ASP H2   H  N N 68  
ASP HA   H  N N 69  
ASP HB2  H  N N 70  
ASP HB3  H  N N 71  
ASP HD2  H  N N 72  
ASP HXT  H  N N 73  
CYS N    N  N N 74  
CYS CA   C  N R 75  
CYS C    C  N N 76  
CYS O    O  N N 77  
CYS CB   C  N N 78  
CYS SG   S  N N 79  
CYS OXT  O  N N 80  
CYS H    H  N N 81  
CYS H2   H  N N 82  
CYS HA   H  N N 83  
CYS HB2  H  N N 84  
CYS HB3  H  N N 85  
CYS HG   H  N N 86  
CYS HXT  H  N N 87  
DMS S    S  N N 88  
DMS O    O  N N 89  
DMS C1   C  N N 90  
DMS C2   C  N N 91  
DMS H11  H  N N 92  
DMS H12  H  N N 93  
DMS H13  H  N N 94  
DMS H21  H  N N 95  
DMS H22  H  N N 96  
DMS H23  H  N N 97  
GLN N    N  N N 98  
GLN CA   C  N S 99  
GLN C    C  N N 100 
GLN O    O  N N 101 
GLN CB   C  N N 102 
GLN CG   C  N N 103 
GLN CD   C  N N 104 
GLN OE1  O  N N 105 
GLN NE2  N  N N 106 
GLN OXT  O  N N 107 
GLN H    H  N N 108 
GLN H2   H  N N 109 
GLN HA   H  N N 110 
GLN HB2  H  N N 111 
GLN HB3  H  N N 112 
GLN HG2  H  N N 113 
GLN HG3  H  N N 114 
GLN HE21 H  N N 115 
GLN HE22 H  N N 116 
GLN HXT  H  N N 117 
GLU N    N  N N 118 
GLU CA   C  N S 119 
GLU C    C  N N 120 
GLU O    O  N N 121 
GLU CB   C  N N 122 
GLU CG   C  N N 123 
GLU CD   C  N N 124 
GLU OE1  O  N N 125 
GLU OE2  O  N N 126 
GLU OXT  O  N N 127 
GLU H    H  N N 128 
GLU H2   H  N N 129 
GLU HA   H  N N 130 
GLU HB2  H  N N 131 
GLU HB3  H  N N 132 
GLU HG2  H  N N 133 
GLU HG3  H  N N 134 
GLU HE2  H  N N 135 
GLU HXT  H  N N 136 
GLY N    N  N N 137 
GLY CA   C  N N 138 
GLY C    C  N N 139 
GLY O    O  N N 140 
GLY OXT  O  N N 141 
GLY H    H  N N 142 
GLY H2   H  N N 143 
GLY HA2  H  N N 144 
GLY HA3  H  N N 145 
GLY HXT  H  N N 146 
HIS N    N  N N 147 
HIS CA   C  N S 148 
HIS C    C  N N 149 
HIS O    O  N N 150 
HIS CB   C  N N 151 
HIS CG   C  Y N 152 
HIS ND1  N  Y N 153 
HIS CD2  C  Y N 154 
HIS CE1  C  Y N 155 
HIS NE2  N  Y N 156 
HIS OXT  O  N N 157 
HIS H    H  N N 158 
HIS H2   H  N N 159 
HIS HA   H  N N 160 
HIS HB2  H  N N 161 
HIS HB3  H  N N 162 
HIS HD1  H  N N 163 
HIS HD2  H  N N 164 
HIS HE1  H  N N 165 
HIS HE2  H  N N 166 
HIS HXT  H  N N 167 
HOH O    O  N N 168 
HOH H1   H  N N 169 
HOH H2   H  N N 170 
ILE N    N  N N 171 
ILE CA   C  N S 172 
ILE C    C  N N 173 
ILE O    O  N N 174 
ILE CB   C  N S 175 
ILE CG1  C  N N 176 
ILE CG2  C  N N 177 
ILE CD1  C  N N 178 
ILE OXT  O  N N 179 
ILE H    H  N N 180 
ILE H2   H  N N 181 
ILE HA   H  N N 182 
ILE HB   H  N N 183 
ILE HG12 H  N N 184 
ILE HG13 H  N N 185 
ILE HG21 H  N N 186 
ILE HG22 H  N N 187 
ILE HG23 H  N N 188 
ILE HD11 H  N N 189 
ILE HD12 H  N N 190 
ILE HD13 H  N N 191 
ILE HXT  H  N N 192 
LEU N    N  N N 193 
LEU CA   C  N S 194 
LEU C    C  N N 195 
LEU O    O  N N 196 
LEU CB   C  N N 197 
LEU CG   C  N N 198 
LEU CD1  C  N N 199 
LEU CD2  C  N N 200 
LEU OXT  O  N N 201 
LEU H    H  N N 202 
LEU H2   H  N N 203 
LEU HA   H  N N 204 
LEU HB2  H  N N 205 
LEU HB3  H  N N 206 
LEU HG   H  N N 207 
LEU HD11 H  N N 208 
LEU HD12 H  N N 209 
LEU HD13 H  N N 210 
LEU HD21 H  N N 211 
LEU HD22 H  N N 212 
LEU HD23 H  N N 213 
LEU HXT  H  N N 214 
LYS N    N  N N 215 
LYS CA   C  N S 216 
LYS C    C  N N 217 
LYS O    O  N N 218 
LYS CB   C  N N 219 
LYS CG   C  N N 220 
LYS CD   C  N N 221 
LYS CE   C  N N 222 
LYS NZ   N  N N 223 
LYS OXT  O  N N 224 
LYS H    H  N N 225 
LYS H2   H  N N 226 
LYS HA   H  N N 227 
LYS HB2  H  N N 228 
LYS HB3  H  N N 229 
LYS HG2  H  N N 230 
LYS HG3  H  N N 231 
LYS HD2  H  N N 232 
LYS HD3  H  N N 233 
LYS HE2  H  N N 234 
LYS HE3  H  N N 235 
LYS HZ1  H  N N 236 
LYS HZ2  H  N N 237 
LYS HZ3  H  N N 238 
LYS HXT  H  N N 239 
M3L N    N  N N 240 
M3L CA   C  N S 241 
M3L CB   C  N N 242 
M3L CG   C  N N 243 
M3L CD   C  N N 244 
M3L CE   C  N N 245 
M3L NZ   N  N N 246 
M3L C    C  N N 247 
M3L O    O  N N 248 
M3L OXT  O  N N 249 
M3L CM1  C  N N 250 
M3L CM2  C  N N 251 
M3L CM3  C  N N 252 
M3L H    H  N N 253 
M3L H2   H  N N 254 
M3L HA   H  N N 255 
M3L HB2  H  N N 256 
M3L HB3  H  N N 257 
M3L HG2  H  N N 258 
M3L HG3  H  N N 259 
M3L HD2  H  N N 260 
M3L HD3  H  N N 261 
M3L HE2  H  N N 262 
M3L HE3  H  N N 263 
M3L HXT  H  N N 264 
M3L HM11 H  N N 265 
M3L HM12 H  N N 266 
M3L HM13 H  N N 267 
M3L HM21 H  N N 268 
M3L HM22 H  N N 269 
M3L HM23 H  N N 270 
M3L HM31 H  N N 271 
M3L HM32 H  N N 272 
M3L HM33 H  N N 273 
MET N    N  N N 274 
MET CA   C  N S 275 
MET C    C  N N 276 
MET O    O  N N 277 
MET CB   C  N N 278 
MET CG   C  N N 279 
MET SD   S  N N 280 
MET CE   C  N N 281 
MET OXT  O  N N 282 
MET H    H  N N 283 
MET H2   H  N N 284 
MET HA   H  N N 285 
MET HB2  H  N N 286 
MET HB3  H  N N 287 
MET HG2  H  N N 288 
MET HG3  H  N N 289 
MET HE1  H  N N 290 
MET HE2  H  N N 291 
MET HE3  H  N N 292 
MET HXT  H  N N 293 
PHE N    N  N N 294 
PHE CA   C  N S 295 
PHE C    C  N N 296 
PHE O    O  N N 297 
PHE CB   C  N N 298 
PHE CG   C  Y N 299 
PHE CD1  C  Y N 300 
PHE CD2  C  Y N 301 
PHE CE1  C  Y N 302 
PHE CE2  C  Y N 303 
PHE CZ   C  Y N 304 
PHE OXT  O  N N 305 
PHE H    H  N N 306 
PHE H2   H  N N 307 
PHE HA   H  N N 308 
PHE HB2  H  N N 309 
PHE HB3  H  N N 310 
PHE HD1  H  N N 311 
PHE HD2  H  N N 312 
PHE HE1  H  N N 313 
PHE HE2  H  N N 314 
PHE HZ   H  N N 315 
PHE HXT  H  N N 316 
PRO N    N  N N 317 
PRO CA   C  N S 318 
PRO C    C  N N 319 
PRO O    O  N N 320 
PRO CB   C  N N 321 
PRO CG   C  N N 322 
PRO CD   C  N N 323 
PRO OXT  O  N N 324 
PRO H    H  N N 325 
PRO HA   H  N N 326 
PRO HB2  H  N N 327 
PRO HB3  H  N N 328 
PRO HG2  H  N N 329 
PRO HG3  H  N N 330 
PRO HD2  H  N N 331 
PRO HD3  H  N N 332 
PRO HXT  H  N N 333 
SER N    N  N N 334 
SER CA   C  N S 335 
SER C    C  N N 336 
SER O    O  N N 337 
SER CB   C  N N 338 
SER OG   O  N N 339 
SER OXT  O  N N 340 
SER H    H  N N 341 
SER H2   H  N N 342 
SER HA   H  N N 343 
SER HB2  H  N N 344 
SER HB3  H  N N 345 
SER HG   H  N N 346 
SER HXT  H  N N 347 
SO4 S    S  N N 348 
SO4 O1   O  N N 349 
SO4 O2   O  N N 350 
SO4 O3   O  N N 351 
SO4 O4   O  N N 352 
THR N    N  N N 353 
THR CA   C  N S 354 
THR C    C  N N 355 
THR O    O  N N 356 
THR CB   C  N R 357 
THR OG1  O  N N 358 
THR CG2  C  N N 359 
THR OXT  O  N N 360 
THR H    H  N N 361 
THR H2   H  N N 362 
THR HA   H  N N 363 
THR HB   H  N N 364 
THR HG1  H  N N 365 
THR HG21 H  N N 366 
THR HG22 H  N N 367 
THR HG23 H  N N 368 
THR HXT  H  N N 369 
TRP N    N  N N 370 
TRP CA   C  N S 371 
TRP C    C  N N 372 
TRP O    O  N N 373 
TRP CB   C  N N 374 
TRP CG   C  Y N 375 
TRP CD1  C  Y N 376 
TRP CD2  C  Y N 377 
TRP NE1  N  Y N 378 
TRP CE2  C  Y N 379 
TRP CE3  C  Y N 380 
TRP CZ2  C  Y N 381 
TRP CZ3  C  Y N 382 
TRP CH2  C  Y N 383 
TRP OXT  O  N N 384 
TRP H    H  N N 385 
TRP H2   H  N N 386 
TRP HA   H  N N 387 
TRP HB2  H  N N 388 
TRP HB3  H  N N 389 
TRP HD1  H  N N 390 
TRP HE1  H  N N 391 
TRP HE3  H  N N 392 
TRP HZ2  H  N N 393 
TRP HZ3  H  N N 394 
TRP HH2  H  N N 395 
TRP HXT  H  N N 396 
TYR N    N  N N 397 
TYR CA   C  N S 398 
TYR C    C  N N 399 
TYR O    O  N N 400 
TYR CB   C  N N 401 
TYR CG   C  Y N 402 
TYR CD1  C  Y N 403 
TYR CD2  C  Y N 404 
TYR CE1  C  Y N 405 
TYR CE2  C  Y N 406 
TYR CZ   C  Y N 407 
TYR OH   O  N N 408 
TYR OXT  O  N N 409 
TYR H    H  N N 410 
TYR H2   H  N N 411 
TYR HA   H  N N 412 
TYR HB2  H  N N 413 
TYR HB3  H  N N 414 
TYR HD1  H  N N 415 
TYR HD2  H  N N 416 
TYR HE1  H  N N 417 
TYR HE2  H  N N 418 
TYR HH   H  N N 419 
TYR HXT  H  N N 420 
ZN  ZN   ZN N N 421 
# 
loop_
_chem_comp_bond.comp_id 
_chem_comp_bond.atom_id_1 
_chem_comp_bond.atom_id_2 
_chem_comp_bond.value_order 
_chem_comp_bond.pdbx_aromatic_flag 
_chem_comp_bond.pdbx_stereo_config 
_chem_comp_bond.pdbx_ordinal 
ALA N   CA   sing N N 1   
ALA N   H    sing N N 2   
ALA N   H2   sing N N 3   
ALA CA  C    sing N N 4   
ALA CA  CB   sing N N 5   
ALA CA  HA   sing N N 6   
ALA C   O    doub N N 7   
ALA C   OXT  sing N N 8   
ALA CB  HB1  sing N N 9   
ALA CB  HB2  sing N N 10  
ALA CB  HB3  sing N N 11  
ALA OXT HXT  sing N N 12  
ARG N   CA   sing N N 13  
ARG N   H    sing N N 14  
ARG N   H2   sing N N 15  
ARG CA  C    sing N N 16  
ARG CA  CB   sing N N 17  
ARG CA  HA   sing N N 18  
ARG C   O    doub N N 19  
ARG C   OXT  sing N N 20  
ARG CB  CG   sing N N 21  
ARG CB  HB2  sing N N 22  
ARG CB  HB3  sing N N 23  
ARG CG  CD   sing N N 24  
ARG CG  HG2  sing N N 25  
ARG CG  HG3  sing N N 26  
ARG CD  NE   sing N N 27  
ARG CD  HD2  sing N N 28  
ARG CD  HD3  sing N N 29  
ARG NE  CZ   sing N N 30  
ARG NE  HE   sing N N 31  
ARG CZ  NH1  sing N N 32  
ARG CZ  NH2  doub N N 33  
ARG NH1 HH11 sing N N 34  
ARG NH1 HH12 sing N N 35  
ARG NH2 HH21 sing N N 36  
ARG NH2 HH22 sing N N 37  
ARG OXT HXT  sing N N 38  
ASN N   CA   sing N N 39  
ASN N   H    sing N N 40  
ASN N   H2   sing N N 41  
ASN CA  C    sing N N 42  
ASN CA  CB   sing N N 43  
ASN CA  HA   sing N N 44  
ASN C   O    doub N N 45  
ASN C   OXT  sing N N 46  
ASN CB  CG   sing N N 47  
ASN CB  HB2  sing N N 48  
ASN CB  HB3  sing N N 49  
ASN CG  OD1  doub N N 50  
ASN CG  ND2  sing N N 51  
ASN ND2 HD21 sing N N 52  
ASN ND2 HD22 sing N N 53  
ASN OXT HXT  sing N N 54  
ASP N   CA   sing N N 55  
ASP N   H    sing N N 56  
ASP N   H2   sing N N 57  
ASP CA  C    sing N N 58  
ASP CA  CB   sing N N 59  
ASP CA  HA   sing N N 60  
ASP C   O    doub N N 61  
ASP C   OXT  sing N N 62  
ASP CB  CG   sing N N 63  
ASP CB  HB2  sing N N 64  
ASP CB  HB3  sing N N 65  
ASP CG  OD1  doub N N 66  
ASP CG  OD2  sing N N 67  
ASP OD2 HD2  sing N N 68  
ASP OXT HXT  sing N N 69  
CYS N   CA   sing N N 70  
CYS N   H    sing N N 71  
CYS N   H2   sing N N 72  
CYS CA  C    sing N N 73  
CYS CA  CB   sing N N 74  
CYS CA  HA   sing N N 75  
CYS C   O    doub N N 76  
CYS C   OXT  sing N N 77  
CYS CB  SG   sing N N 78  
CYS CB  HB2  sing N N 79  
CYS CB  HB3  sing N N 80  
CYS SG  HG   sing N N 81  
CYS OXT HXT  sing N N 82  
DMS S   O    doub N N 83  
DMS S   C1   sing N N 84  
DMS S   C2   sing N N 85  
DMS C1  H11  sing N N 86  
DMS C1  H12  sing N N 87  
DMS C1  H13  sing N N 88  
DMS C2  H21  sing N N 89  
DMS C2  H22  sing N N 90  
DMS C2  H23  sing N N 91  
GLN N   CA   sing N N 92  
GLN N   H    sing N N 93  
GLN N   H2   sing N N 94  
GLN CA  C    sing N N 95  
GLN CA  CB   sing N N 96  
GLN CA  HA   sing N N 97  
GLN C   O    doub N N 98  
GLN C   OXT  sing N N 99  
GLN CB  CG   sing N N 100 
GLN CB  HB2  sing N N 101 
GLN CB  HB3  sing N N 102 
GLN CG  CD   sing N N 103 
GLN CG  HG2  sing N N 104 
GLN CG  HG3  sing N N 105 
GLN CD  OE1  doub N N 106 
GLN CD  NE2  sing N N 107 
GLN NE2 HE21 sing N N 108 
GLN NE2 HE22 sing N N 109 
GLN OXT HXT  sing N N 110 
GLU N   CA   sing N N 111 
GLU N   H    sing N N 112 
GLU N   H2   sing N N 113 
GLU CA  C    sing N N 114 
GLU CA  CB   sing N N 115 
GLU CA  HA   sing N N 116 
GLU C   O    doub N N 117 
GLU C   OXT  sing N N 118 
GLU CB  CG   sing N N 119 
GLU CB  HB2  sing N N 120 
GLU CB  HB3  sing N N 121 
GLU CG  CD   sing N N 122 
GLU CG  HG2  sing N N 123 
GLU CG  HG3  sing N N 124 
GLU CD  OE1  doub N N 125 
GLU CD  OE2  sing N N 126 
GLU OE2 HE2  sing N N 127 
GLU OXT HXT  sing N N 128 
GLY N   CA   sing N N 129 
GLY N   H    sing N N 130 
GLY N   H2   sing N N 131 
GLY CA  C    sing N N 132 
GLY CA  HA2  sing N N 133 
GLY CA  HA3  sing N N 134 
GLY C   O    doub N N 135 
GLY C   OXT  sing N N 136 
GLY OXT HXT  sing N N 137 
HIS N   CA   sing N N 138 
HIS N   H    sing N N 139 
HIS N   H2   sing N N 140 
HIS CA  C    sing N N 141 
HIS CA  CB   sing N N 142 
HIS CA  HA   sing N N 143 
HIS C   O    doub N N 144 
HIS C   OXT  sing N N 145 
HIS CB  CG   sing N N 146 
HIS CB  HB2  sing N N 147 
HIS CB  HB3  sing N N 148 
HIS CG  ND1  sing Y N 149 
HIS CG  CD2  doub Y N 150 
HIS ND1 CE1  doub Y N 151 
HIS ND1 HD1  sing N N 152 
HIS CD2 NE2  sing Y N 153 
HIS CD2 HD2  sing N N 154 
HIS CE1 NE2  sing Y N 155 
HIS CE1 HE1  sing N N 156 
HIS NE2 HE2  sing N N 157 
HIS OXT HXT  sing N N 158 
HOH O   H1   sing N N 159 
HOH O   H2   sing N N 160 
ILE N   CA   sing N N 161 
ILE N   H    sing N N 162 
ILE N   H2   sing N N 163 
ILE CA  C    sing N N 164 
ILE CA  CB   sing N N 165 
ILE CA  HA   sing N N 166 
ILE C   O    doub N N 167 
ILE C   OXT  sing N N 168 
ILE CB  CG1  sing N N 169 
ILE CB  CG2  sing N N 170 
ILE CB  HB   sing N N 171 
ILE CG1 CD1  sing N N 172 
ILE CG1 HG12 sing N N 173 
ILE CG1 HG13 sing N N 174 
ILE CG2 HG21 sing N N 175 
ILE CG2 HG22 sing N N 176 
ILE CG2 HG23 sing N N 177 
ILE CD1 HD11 sing N N 178 
ILE CD1 HD12 sing N N 179 
ILE CD1 HD13 sing N N 180 
ILE OXT HXT  sing N N 181 
LEU N   CA   sing N N 182 
LEU N   H    sing N N 183 
LEU N   H2   sing N N 184 
LEU CA  C    sing N N 185 
LEU CA  CB   sing N N 186 
LEU CA  HA   sing N N 187 
LEU C   O    doub N N 188 
LEU C   OXT  sing N N 189 
LEU CB  CG   sing N N 190 
LEU CB  HB2  sing N N 191 
LEU CB  HB3  sing N N 192 
LEU CG  CD1  sing N N 193 
LEU CG  CD2  sing N N 194 
LEU CG  HG   sing N N 195 
LEU CD1 HD11 sing N N 196 
LEU CD1 HD12 sing N N 197 
LEU CD1 HD13 sing N N 198 
LEU CD2 HD21 sing N N 199 
LEU CD2 HD22 sing N N 200 
LEU CD2 HD23 sing N N 201 
LEU OXT HXT  sing N N 202 
LYS N   CA   sing N N 203 
LYS N   H    sing N N 204 
LYS N   H2   sing N N 205 
LYS CA  C    sing N N 206 
LYS CA  CB   sing N N 207 
LYS CA  HA   sing N N 208 
LYS C   O    doub N N 209 
LYS C   OXT  sing N N 210 
LYS CB  CG   sing N N 211 
LYS CB  HB2  sing N N 212 
LYS CB  HB3  sing N N 213 
LYS CG  CD   sing N N 214 
LYS CG  HG2  sing N N 215 
LYS CG  HG3  sing N N 216 
LYS CD  CE   sing N N 217 
LYS CD  HD2  sing N N 218 
LYS CD  HD3  sing N N 219 
LYS CE  NZ   sing N N 220 
LYS CE  HE2  sing N N 221 
LYS CE  HE3  sing N N 222 
LYS NZ  HZ1  sing N N 223 
LYS NZ  HZ2  sing N N 224 
LYS NZ  HZ3  sing N N 225 
LYS OXT HXT  sing N N 226 
M3L N   CA   sing N N 227 
M3L N   H    sing N N 228 
M3L N   H2   sing N N 229 
M3L CA  CB   sing N N 230 
M3L CA  C    sing N N 231 
M3L CA  HA   sing N N 232 
M3L CB  CG   sing N N 233 
M3L CB  HB2  sing N N 234 
M3L CB  HB3  sing N N 235 
M3L CG  CD   sing N N 236 
M3L CG  HG2  sing N N 237 
M3L CG  HG3  sing N N 238 
M3L CD  CE   sing N N 239 
M3L CD  HD2  sing N N 240 
M3L CD  HD3  sing N N 241 
M3L CE  NZ   sing N N 242 
M3L CE  HE2  sing N N 243 
M3L CE  HE3  sing N N 244 
M3L NZ  CM1  sing N N 245 
M3L NZ  CM2  sing N N 246 
M3L NZ  CM3  sing N N 247 
M3L C   O    doub N N 248 
M3L C   OXT  sing N N 249 
M3L OXT HXT  sing N N 250 
M3L CM1 HM11 sing N N 251 
M3L CM1 HM12 sing N N 252 
M3L CM1 HM13 sing N N 253 
M3L CM2 HM21 sing N N 254 
M3L CM2 HM22 sing N N 255 
M3L CM2 HM23 sing N N 256 
M3L CM3 HM31 sing N N 257 
M3L CM3 HM32 sing N N 258 
M3L CM3 HM33 sing N N 259 
MET N   CA   sing N N 260 
MET N   H    sing N N 261 
MET N   H2   sing N N 262 
MET CA  C    sing N N 263 
MET CA  CB   sing N N 264 
MET CA  HA   sing N N 265 
MET C   O    doub N N 266 
MET C   OXT  sing N N 267 
MET CB  CG   sing N N 268 
MET CB  HB2  sing N N 269 
MET CB  HB3  sing N N 270 
MET CG  SD   sing N N 271 
MET CG  HG2  sing N N 272 
MET CG  HG3  sing N N 273 
MET SD  CE   sing N N 274 
MET CE  HE1  sing N N 275 
MET CE  HE2  sing N N 276 
MET CE  HE3  sing N N 277 
MET OXT HXT  sing N N 278 
PHE N   CA   sing N N 279 
PHE N   H    sing N N 280 
PHE N   H2   sing N N 281 
PHE CA  C    sing N N 282 
PHE CA  CB   sing N N 283 
PHE CA  HA   sing N N 284 
PHE C   O    doub N N 285 
PHE C   OXT  sing N N 286 
PHE CB  CG   sing N N 287 
PHE CB  HB2  sing N N 288 
PHE CB  HB3  sing N N 289 
PHE CG  CD1  doub Y N 290 
PHE CG  CD2  sing Y N 291 
PHE CD1 CE1  sing Y N 292 
PHE CD1 HD1  sing N N 293 
PHE CD2 CE2  doub Y N 294 
PHE CD2 HD2  sing N N 295 
PHE CE1 CZ   doub Y N 296 
PHE CE1 HE1  sing N N 297 
PHE CE2 CZ   sing Y N 298 
PHE CE2 HE2  sing N N 299 
PHE CZ  HZ   sing N N 300 
PHE OXT HXT  sing N N 301 
PRO N   CA   sing N N 302 
PRO N   CD   sing N N 303 
PRO N   H    sing N N 304 
PRO CA  C    sing N N 305 
PRO CA  CB   sing N N 306 
PRO CA  HA   sing N N 307 
PRO C   O    doub N N 308 
PRO C   OXT  sing N N 309 
PRO CB  CG   sing N N 310 
PRO CB  HB2  sing N N 311 
PRO CB  HB3  sing N N 312 
PRO CG  CD   sing N N 313 
PRO CG  HG2  sing N N 314 
PRO CG  HG3  sing N N 315 
PRO CD  HD2  sing N N 316 
PRO CD  HD3  sing N N 317 
PRO OXT HXT  sing N N 318 
SER N   CA   sing N N 319 
SER N   H    sing N N 320 
SER N   H2   sing N N 321 
SER CA  C    sing N N 322 
SER CA  CB   sing N N 323 
SER CA  HA   sing N N 324 
SER C   O    doub N N 325 
SER C   OXT  sing N N 326 
SER CB  OG   sing N N 327 
SER CB  HB2  sing N N 328 
SER CB  HB3  sing N N 329 
SER OG  HG   sing N N 330 
SER OXT HXT  sing N N 331 
SO4 S   O1   doub N N 332 
SO4 S   O2   doub N N 333 
SO4 S   O3   sing N N 334 
SO4 S   O4   sing N N 335 
THR N   CA   sing N N 336 
THR N   H    sing N N 337 
THR N   H2   sing N N 338 
THR CA  C    sing N N 339 
THR CA  CB   sing N N 340 
THR CA  HA   sing N N 341 
THR C   O    doub N N 342 
THR C   OXT  sing N N 343 
THR CB  OG1  sing N N 344 
THR CB  CG2  sing N N 345 
THR CB  HB   sing N N 346 
THR OG1 HG1  sing N N 347 
THR CG2 HG21 sing N N 348 
THR CG2 HG22 sing N N 349 
THR CG2 HG23 sing N N 350 
THR OXT HXT  sing N N 351 
TRP N   CA   sing N N 352 
TRP N   H    sing N N 353 
TRP N   H2   sing N N 354 
TRP CA  C    sing N N 355 
TRP CA  CB   sing N N 356 
TRP CA  HA   sing N N 357 
TRP C   O    doub N N 358 
TRP C   OXT  sing N N 359 
TRP CB  CG   sing N N 360 
TRP CB  HB2  sing N N 361 
TRP CB  HB3  sing N N 362 
TRP CG  CD1  doub Y N 363 
TRP CG  CD2  sing Y N 364 
TRP CD1 NE1  sing Y N 365 
TRP CD1 HD1  sing N N 366 
TRP CD2 CE2  doub Y N 367 
TRP CD2 CE3  sing Y N 368 
TRP NE1 CE2  sing Y N 369 
TRP NE1 HE1  sing N N 370 
TRP CE2 CZ2  sing Y N 371 
TRP CE3 CZ3  doub Y N 372 
TRP CE3 HE3  sing N N 373 
TRP CZ2 CH2  doub Y N 374 
TRP CZ2 HZ2  sing N N 375 
TRP CZ3 CH2  sing Y N 376 
TRP CZ3 HZ3  sing N N 377 
TRP CH2 HH2  sing N N 378 
TRP OXT HXT  sing N N 379 
TYR N   CA   sing N N 380 
TYR N   H    sing N N 381 
TYR N   H2   sing N N 382 
TYR CA  C    sing N N 383 
TYR CA  CB   sing N N 384 
TYR CA  HA   sing N N 385 
TYR C   O    doub N N 386 
TYR C   OXT  sing N N 387 
TYR CB  CG   sing N N 388 
TYR CB  HB2  sing N N 389 
TYR CB  HB3  sing N N 390 
TYR CG  CD1  doub Y N 391 
TYR CG  CD2  sing Y N 392 
TYR CD1 CE1  sing Y N 393 
TYR CD1 HD1  sing N N 394 
TYR CD2 CE2  doub Y N 395 
TYR CD2 HD2  sing N N 396 
TYR CE1 CZ   doub Y N 397 
TYR CE1 HE1  sing N N 398 
TYR CE2 CZ   sing Y N 399 
TYR CE2 HE2  sing N N 400 
TYR CZ  OH   sing N N 401 
TYR OH  HH   sing N N 402 
TYR OXT HXT  sing N N 403 
# 
_pdbx_audit_support.funding_organization   'Canadian Institutes of Health Research (CIHR)' 
_pdbx_audit_support.country                Canada 
_pdbx_audit_support.grant_number           PJT-148533 
_pdbx_audit_support.ordinal                1 
# 
_pdbx_initial_refinement_model.id               1 
_pdbx_initial_refinement_model.entity_id_list   ? 
_pdbx_initial_refinement_model.type             'experimental model' 
_pdbx_initial_refinement_model.source_name      PDB 
_pdbx_initial_refinement_model.accession_code   5WLE 
_pdbx_initial_refinement_model.details          ? 
# 
_space_group.name_H-M_alt     'P 21 21 21' 
_space_group.name_Hall        'P 2ac 2ab' 
_space_group.IT_number        19 
_space_group.crystal_system   orthorhombic 
_space_group.id               1 
# 
_atom_sites.entry_id                    9C0O 
_atom_sites.Cartn_transf_matrix[1][1]   ? 
_atom_sites.Cartn_transf_matrix[1][2]   ? 
_atom_sites.Cartn_transf_matrix[1][3]   ? 
_atom_sites.Cartn_transf_matrix[2][1]   ? 
_atom_sites.Cartn_transf_matrix[2][2]   ? 
_atom_sites.Cartn_transf_matrix[2][3]   ? 
_atom_sites.Cartn_transf_matrix[3][1]   ? 
_atom_sites.Cartn_transf_matrix[3][2]   ? 
_atom_sites.Cartn_transf_matrix[3][3]   ? 
_atom_sites.Cartn_transf_vector[1]      ? 
_atom_sites.Cartn_transf_vector[2]      ? 
_atom_sites.Cartn_transf_vector[3]      ? 
_atom_sites.Cartn_transform_axes        ? 
_atom_sites.fract_transf_matrix[1][1]   -0.00570212 
_atom_sites.fract_transf_matrix[1][2]   0.00281743 
_atom_sites.fract_transf_matrix[1][3]   0.02937637 
_atom_sites.fract_transf_matrix[2][1]   -0.02261423 
_atom_sites.fract_transf_matrix[2][2]   -0.00311160 
_atom_sites.fract_transf_matrix[2][3]   -0.00409112 
_atom_sites.fract_transf_matrix[3][1]   0.00240955 
_atom_sites.fract_transf_matrix[3][2]   -0.02074246 
_atom_sites.fract_transf_matrix[3][3]   0.00245707 
_atom_sites.fract_transf_vector[1]      0.107793 
_atom_sites.fract_transf_vector[2]      0.200951 
_atom_sites.fract_transf_vector[3]      0.133213 
_atom_sites.solution_primary            ? 
_atom_sites.solution_secondary          ? 
_atom_sites.solution_hydrogens          ? 
_atom_sites.special_details             ? 
# 
loop_
_atom_type.symbol 
_atom_type.scat_dispersion_real 
_atom_type.scat_dispersion_imag 
_atom_type.scat_Cromer_Mann_a1 
_atom_type.scat_Cromer_Mann_a2 
_atom_type.scat_Cromer_Mann_a3 
_atom_type.scat_Cromer_Mann_a4 
_atom_type.scat_Cromer_Mann_b1 
_atom_type.scat_Cromer_Mann_b2 
_atom_type.scat_Cromer_Mann_b3 
_atom_type.scat_Cromer_Mann_b4 
_atom_type.scat_Cromer_Mann_c 
_atom_type.scat_source 
_atom_type.scat_dispersion_source 
C  ? ? 3.54356  2.42580 ? ? 25.62398 1.50364  ? ? 0.0 
;2-Gaussian fit: Grosse-Kunstleve RW, Sauter NK, Adams PD: Newsletter of the IUCr Commission on Crystallographic Computing 2004, 3, 22-31.
;
? 
N  ? ? 4.01032  2.96436 ? ? 19.97189 1.75589  ? ? 0.0 
;2-Gaussian fit: Grosse-Kunstleve RW, Sauter NK, Adams PD: Newsletter of the IUCr Commission on Crystallographic Computing 2004, 3, 22-31.
;
? 
O  ? ? 4.49882  3.47563 ? ? 15.80542 1.70748  ? ? 0.0 
;2-Gaussian fit: Grosse-Kunstleve RW, Sauter NK, Adams PD: Newsletter of the IUCr Commission on Crystallographic Computing 2004, 3, 22-31.
;
? 
S  ? ? 9.55732  6.39887 ? ? 1.23737  29.19336 ? ? 0.0 
;2-Gaussian fit: Grosse-Kunstleve RW, Sauter NK, Adams PD: Newsletter of the IUCr Commission on Crystallographic Computing 2004, 3, 22-31.
;
? 
ZN ? ? 24.64596 5.25405 ? ? 2.14387  29.76375 ? ? 0.0 
;2-Gaussian fit: Grosse-Kunstleve RW, Sauter NK, Adams PD: Newsletter of the IUCr Commission on Crystallographic Computing 2004, 3, 22-31.
;
? 
# 
loop_
_atom_site.group_PDB 
_atom_site.id 
_atom_site.type_symbol 
_atom_site.label_atom_id 
_atom_site.label_alt_id 
_atom_site.label_comp_id 
_atom_site.label_asym_id 
_atom_site.label_entity_id 
_atom_site.label_seq_id 
_atom_site.pdbx_PDB_ins_code 
_atom_site.Cartn_x 
_atom_site.Cartn_y 
_atom_site.Cartn_z 
_atom_site.occupancy 
_atom_site.B_iso_or_equiv 
_atom_site.pdbx_formal_charge 
_atom_site.auth_seq_id 
_atom_site.auth_comp_id 
_atom_site.auth_asym_id 
_atom_site.auth_atom_id 
_atom_site.pdbx_PDB_model_num 
ATOM   1   N  N   . GLN A 1 4  ? 9.26502   14.52330  -4.35664  1.000 43.57748 ? 57  GLN A N   1 
ATOM   2   C  CA  . GLN A 1 4  ? 8.39018   13.58824  -3.65848  1.000 41.72479 ? 57  GLN A CA  1 
ATOM   3   C  C   . GLN A 1 4  ? 8.94101   13.29497  -2.26474  1.000 37.55947 ? 57  GLN A C   1 
ATOM   4   O  O   . GLN A 1 4  ? 10.06085  12.79996  -2.12221  1.000 37.34889 ? 57  GLN A O   1 
ATOM   5   C  CB  . GLN A 1 4  ? 8.23870   12.28686  -4.45731  1.000 42.38579 ? 57  GLN A CB  1 
ATOM   6   C  CG  . GLN A 1 4  ? 7.28215   12.37736  -5.64844  1.000 41.76492 ? 57  GLN A CG  1 
ATOM   7   C  CD  . GLN A 1 4  ? 7.14275   11.05710  -6.39901  1.000 40.32177 ? 57  GLN A CD  1 
ATOM   8   O  OE1 . GLN A 1 4  ? 8.07732   10.25255  -6.44318  1.000 41.15363 ? 57  GLN A OE1 1 
ATOM   9   N  NE2 . GLN A 1 4  ? 5.97347   10.83413  -7.00106  1.000 35.36975 ? 57  GLN A NE2 1 
ATOM   10  N  N   . GLU A 1 5  ? 8.15574   13.60172  -1.23620  1.000 32.87163 ? 58  GLU A N   1 
ATOM   11  C  CA  . GLU A 1 5  ? 8.61730   13.37529  0.12258   1.000 31.43084 ? 58  GLU A CA  1 
ATOM   12  C  C   . GLU A 1 5  ? 8.61531   11.88352  0.44403   1.000 28.36491 ? 58  GLU A C   1 
ATOM   13  O  O   . GLU A 1 5  ? 7.90811   11.08296  -0.17335  1.000 28.33442 ? 58  GLU A O   1 
ATOM   14  C  CB  . GLU A 1 5  ? 7.74987   14.14247  1.12842   1.000 34.44510 ? 58  GLU A CB  1 
ATOM   15  C  CG  . GLU A 1 5  ? 6.40860   13.50293  1.44063   1.000 35.77637 ? 58  GLU A CG  1 
ATOM   16  C  CD  . GLU A 1 5  ? 5.54721   14.34718  2.37609   1.000 35.58762 ? 58  GLU A CD  1 
ATOM   17  O  OE1 . GLU A 1 5  ? 6.01160   15.40824  2.84421   1.000 31.86345 ? 58  GLU A OE1 1 
ATOM   18  O  OE2 . GLU A 1 5  ? 4.40004   13.94127  2.65061   1.000 37.97399 ? 58  GLU A OE2 1 
ATOM   19  N  N   . ASP A 1 6  ? 9.44939   11.51287  1.41033   1.000 27.49337 ? 59  ASP A N   1 
ATOM   20  C  CA  . ASP A 1 6  ? 9.45924   10.14566  1.90669   1.000 27.11235 ? 59  ASP A CA  1 
ATOM   21  C  C   . ASP A 1 6  ? 8.11729   9.83172   2.55810   1.000 25.08881 ? 59  ASP A C   1 
ATOM   22  O  O   . ASP A 1 6  ? 7.55471   10.66256  3.27640   1.000 29.10222 ? 59  ASP A O   1 
ATOM   23  C  CB  . ASP A 1 6  ? 10.61055  9.97090   2.90064   1.000 31.43380 ? 59  ASP A CB  1 
ATOM   24  C  CG  . ASP A 1 6  ? 10.57883  8.63553   3.60869   1.000 38.07785 ? 59  ASP A CG  1 
ATOM   25  O  OD1 . ASP A 1 6  ? 11.28538  7.70321   3.17070   1.000 41.64199 ? 59  ASP A OD1 1 
ATOM   26  O  OD2 . ASP A 1 6  ? 9.85671   8.52301   4.61663   1.000 42.18353 ? 59  ASP A OD2 1 
ATOM   27  N  N   . GLN A 1 7  ? 7.59230   8.63028   2.29121   1.000 20.44089 ? 60  GLN A N   1 
ATOM   28  C  CA  . GLN A 1 7  ? 6.26381   8.23625   2.75242   1.000 18.70249 ? 60  GLN A CA  1 
ATOM   29  C  C   . GLN A 1 7  ? 6.30545   7.15946   3.83333   1.000 17.27901 ? 60  GLN A C   1 
ATOM   30  O  O   . GLN A 1 7  ? 5.31784   6.44095   4.02288   1.000 17.04168 ? 60  GLN A O   1 
ATOM   31  C  CB  . GLN A 1 7  ? 5.40823   7.75688   1.57672   1.000 19.14074 ? 60  GLN A CB  1 
ATOM   32  C  CG  . GLN A 1 7  ? 4.65964   8.86445   0.85944   1.000 18.64145 ? 60  GLN A CG  1 
ATOM   33  C  CD  . GLN A 1 7  ? 3.77328   8.35995   -0.27199  1.000 17.49873 ? 60  GLN A CD  1 
ATOM   34  O  OE1 . GLN A 1 7  ? 3.89208   7.21925   -0.72008  1.000 18.63251 ? 60  GLN A OE1 1 
ATOM   35  N  NE2 . GLN A 1 7  ? 2.88149   9.21899   -0.74047  1.000 19.19993 ? 60  GLN A NE2 1 
ATOM   36  N  N   . ALA A 1 8  ? 7.42196   7.03172   4.55243   1.000 18.64521 ? 61  ALA A N   1 
ATOM   37  C  CA  . ALA A 1 8  ? 7.48011   6.05402   5.63155   1.000 19.05379 ? 61  ALA A CA  1 
ATOM   38  C  C   . ALA A 1 8  ? 6.44539   6.34161   6.71110   1.000 18.65382 ? 61  ALA A C   1 
ATOM   39  O  O   . ALA A 1 8  ? 6.02020   5.41551   7.40996   1.000 21.75363 ? 61  ALA A O   1 
ATOM   40  C  CB  . ALA A 1 8  ? 8.88445   6.01066   6.24020   1.000 23.55770 ? 61  ALA A CB  1 
ATOM   41  N  N   . TYR A 1 9  ? 6.01410   7.59903   6.84601   1.000 17.89272 ? 62  TYR A N   1 
ATOM   42  C  CA  . TYR A 1 9  ? 4.98461   7.94890   7.81560   1.000 18.90013 ? 62  TYR A CA  1 
ATOM   43  C  C   . TYR A 1 9  ? 3.62572   7.36999   7.45255   1.000 18.77655 ? 62  TYR A C   1 
ATOM   44  O  O   . TYR A 1 9  ? 2.70636   7.42306   8.27772   1.000 21.52253 ? 62  TYR A O   1 
ATOM   45  C  CB  . TYR A 1 9  ? 4.88531   9.46933   7.95364   1.000 20.27098 ? 62  TYR A CB  1 
ATOM   46  C  CG  . TYR A 1 9  ? 4.40097   10.19540  6.71171   1.000 23.24995 ? 62  TYR A CG  1 
ATOM   47  C  CD1 . TYR A 1 9  ? 3.04304   10.32377  6.43650   1.000 25.17525 ? 62  TYR A CD1 1 
ATOM   48  C  CD2 . TYR A 1 9  ? 5.30330   10.77090  5.82507   1.000 23.67634 ? 62  TYR A CD2 1 
ATOM   49  C  CE1 . TYR A 1 9  ? 2.60265   10.98874  5.30705   1.000 24.66941 ? 62  TYR A CE1 1 
ATOM   50  C  CE2 . TYR A 1 9  ? 4.87082   11.44319  4.69716   1.000 24.14534 ? 62  TYR A CE2 1 
ATOM   51  C  CZ  . TYR A 1 9  ? 3.51969   11.54768  4.44198   1.000 25.57410 ? 62  TYR A CZ  1 
ATOM   52  O  OH  . TYR A 1 9  ? 3.08574   12.21993  3.32366   1.000 27.52494 ? 62  TYR A OH  1 
ATOM   53  N  N   . CYS A 1 10 ? 3.47442   6.83874   6.23922   1.000 16.29009 ? 63  CYS A N   1 
ATOM   54  C  CA  . CYS A 1 10 ? 2.24962   6.15665   5.84805   1.000 13.90471 ? 63  CYS A CA  1 
ATOM   55  C  C   . CYS A 1 10 ? 2.20658   4.71534   6.32542   1.000 14.07099 ? 63  CYS A C   1 
ATOM   56  O  O   . CYS A 1 10 ? 1.18006   4.05336   6.15195   1.000 15.59539 ? 63  CYS A O   1 
ATOM   57  C  CB  . CYS A 1 10 ? 2.09150   6.17454   4.32520   1.000 13.71449 ? 63  CYS A CB  1 
ATOM   58  S  SG  . CYS A 1 10 ? 1.83411   7.80105   3.58073   1.000 15.81539 ? 63  CYS A SG  1 
ATOM   59  N  N   . ILE A 1 11 ? 3.29525   4.20753   6.90067   1.000 15.06702 ? 64  ILE A N   1 
ATOM   60  C  CA  . ILE A 1 11 ? 3.32972   2.81477   7.32416   1.000 17.41698 ? 64  ILE A CA  1 
ATOM   61  C  C   . ILE A 1 11 ? 2.47259   2.63372   8.56521   1.000 16.93508 ? 64  ILE A C   1 
ATOM   62  O  O   . ILE A 1 11 ? 2.49628   3.45800   9.49067   1.000 19.11883 ? 64  ILE A O   1 
ATOM   63  C  CB  . ILE A 1 11 ? 4.77561   2.36165   7.57858   1.000 16.61034 ? 64  ILE A CB  1 
ATOM   64  C  CG1 . ILE A 1 11 ? 5.55955   2.35844   6.26599   1.000 18.12665 ? 64  ILE A CG1 1 
ATOM   65  C  CG2 . ILE A 1 11 ? 4.79683   0.98917   8.22784   1.000 17.52438 ? 64  ILE A CG2 1 
ATOM   66  C  CD1 . ILE A 1 11 ? 7.04868   2.17111   6.43312   1.000 22.92583 ? 64  ILE A CD1 1 
ATOM   67  N  N   . CYS A 1 12 ? 1.69682   1.55689   8.58580   1.000 16.38478 ? 65  CYS A N   1 
ATOM   68  C  CA  . CYS A 1 12 ? 0.95620   1.16545   9.77255   1.000 19.14939 ? 65  CYS A CA  1 
ATOM   69  C  C   . CYS A 1 12 ? 1.70161   0.03313   10.45719  1.000 22.46284 ? 65  CYS A C   1 
ATOM   70  O  O   . CYS A 1 12 ? 1.94781   -1.01292  9.84808   1.000 27.16390 ? 65  CYS A O   1 
ATOM   71  C  CB  . CYS A 1 12 ? -0.46165  0.71935   9.43849   1.000 17.59576 ? 65  CYS A CB  1 
ATOM   72  S  SG  . CYS A 1 12 ? -1.36471  0.24277   10.92258  1.000 18.74506 ? 65  CYS A SG  1 
ATOM   73  N  N   . ARG A 1 13 ? 2.05247   0.23888   11.71979  1.000 25.51845 ? 66  ARG A N   1 
ATOM   74  C  CA  . ARG A 1 13 ? 2.62253   -0.82650  12.53067  1.000 31.91269 ? 66  ARG A CA  1 
ATOM   75  C  C   . ARG A 1 13 ? 1.74031   -1.12819  13.73490  1.000 35.57161 ? 66  ARG A C   1 
ATOM   76  O  O   . ARG A 1 13 ? 2.22562   -1.63785  14.74819  1.000 37.67652 ? 66  ARG A O   1 
ATOM   77  C  CB  . ARG A 1 13 ? 4.04103   -0.46091  12.96474  1.000 36.20215 ? 66  ARG A CB  1 
ATOM   78  C  CG  . ARG A 1 13 ? 5.12333   -1.19090  12.18618  1.000 41.06852 ? 66  ARG A CG  1 
ATOM   79  C  CD  . ARG A 1 13 ? 6.45353   -0.46949  12.32151  1.000 46.62206 ? 66  ARG A CD  1 
ATOM   80  N  NE  . ARG A 1 13 ? 7.24046   -0.48517  11.09353  1.000 48.58051 ? 66  ARG A NE  1 
ATOM   81  C  CZ  . ARG A 1 13 ? 7.80008   0.58574   10.54633  1.000 48.96369 ? 66  ARG A CZ  1 
ATOM   82  N  NH1 . ARG A 1 13 ? 7.64112   1.79196   11.06726  1.000 50.12130 ? 66  ARG A NH1 1 
ATOM   83  N  NH2 . ARG A 1 13 ? 8.55090   0.44056   9.45780   1.000 48.41940 ? 66  ARG A NH2 1 
ATOM   84  N  N   . SER A 1 14 ? 0.45006   -0.81745  13.63715  1.000 35.30259 ? 67  SER A N   1 
ATOM   85  C  CA  . SER A 1 14 ? -0.49993  -1.00538  14.72475  1.000 37.51649 ? 67  SER A CA  1 
ATOM   86  C  C   . SER A 1 14 ? -1.26873  -2.30043  14.50680  1.000 40.80026 ? 67  SER A C   1 
ATOM   87  O  O   . SER A 1 14 ? -1.85348  -2.51121  13.43848  1.000 40.56318 ? 67  SER A O   1 
ATOM   88  C  CB  . SER A 1 14 ? -1.46891  0.17381   14.81048  1.000 38.85278 ? 67  SER A CB  1 
ATOM   89  O  OG  . SER A 1 14 ? -0.81160  1.34085   15.26904  1.000 41.70520 ? 67  SER A OG  1 
ATOM   90  N  N   . SER A 1 15 ? -1.27817  -3.15462  15.53114  1.000 45.63044 ? 68  SER A N   1 
ATOM   91  C  CA  . SER A 1 15 ? -1.89251  -4.47046  15.40433  1.000 47.55451 ? 68  SER A CA  1 
ATOM   92  C  C   . SER A 1 15 ? -3.39090  -4.38447  15.15166  1.000 46.51227 ? 68  SER A C   1 
ATOM   93  O  O   . SER A 1 15 ? -3.94767  -5.22833  14.43881  1.000 50.67179 ? 68  SER A O   1 
ATOM   94  C  CB  . SER A 1 15 ? -1.61088  -5.29025  16.66081  1.000 48.54455 ? 68  SER A CB  1 
ATOM   95  O  OG  . SER A 1 15 ? -1.73561  -4.49009  17.82465  1.000 48.18175 ? 68  SER A OG  1 
ATOM   96  N  N   . ASP A 1 16 ? -4.05832  -3.37649  15.71164  1.000 38.88637 ? 69  ASP A N   1 
ATOM   97  C  CA  . ASP A 1 16 ? -5.51426  -3.33276  15.74079  1.000 36.57030 ? 69  ASP A CA  1 
ATOM   98  C  C   . ASP A 1 16 ? -6.10091  -2.29744  14.78994  1.000 32.79520 ? 69  ASP A C   1 
ATOM   99  O  O   . ASP A 1 16 ? -7.27020  -1.92168  14.93243  1.000 36.42525 ? 69  ASP A O   1 
ATOM   100 C  CB  . ASP A 1 16 ? -5.99189  -3.05640  17.16166  1.000 37.74752 ? 69  ASP A CB  1 
ATOM   101 N  N   . CYS A 1 17 ? -5.32595  -1.83497  13.81896  1.000 23.84716 ? 70  CYS A N   1 
ATOM   102 C  CA  . CYS A 1 17 ? -5.77413  -0.71906  13.00002  1.000 19.68471 ? 70  CYS A CA  1 
ATOM   103 C  C   . CYS A 1 17 ? -6.87176  -1.15914  12.04207  1.000 18.88403 ? 70  CYS A C   1 
ATOM   104 O  O   . CYS A 1 17 ? -6.75143  -2.19313  11.38159  1.000 20.09433 ? 70  CYS A O   1 
ATOM   105 C  CB  . CYS A 1 17 ? -4.60347  -0.13127  12.22794  1.000 17.48162 ? 70  CYS A CB  1 
ATOM   106 S  SG  . CYS A 1 17 ? -5.05971  1.34659   11.33952  1.000 17.47030 ? 70  CYS A SG  1 
ATOM   107 N  N   . SER A 1 18 ? -7.94107  -0.36412  11.96270  1.000 18.57473 ? 71  SER A N   1 
ATOM   108 C  CA  . SER A 1 18 ? -9.09188  -0.65977  11.11633  1.000 18.19673 ? 71  SER A CA  1 
ATOM   109 C  C   . SER A 1 18 ? -9.15486  0.22321   9.87385   1.000 15.32402 ? 71  SER A C   1 
ATOM   110 O  O   . SER A 1 18 ? -10.16853 0.21203   9.16529   1.000 16.31776 ? 71  SER A O   1 
ATOM   111 C  CB  . SER A 1 18 ? -10.38505 -0.52150  11.92183  1.000 20.28653 ? 71  SER A CB  1 
ATOM   112 O  OG  . SER A 1 18 ? -10.49739 0.77121   12.49310  1.000 22.32217 ? 71  SER A OG  1 
ATOM   113 N  N   . ARG A 1 19 ? -8.10626  0.99114   9.59913   1.000 14.63778 ? 72  ARG A N   1 
ATOM   114 C  CA  . ARG A 1 19 ? -8.05057  1.81398   8.40034   1.000 12.27191 ? 72  ARG A CA  1 
ATOM   115 C  C   . ARG A 1 19 ? -7.75412  0.95422   7.17760   1.000 12.92105 ? 72  ARG A C   1 
ATOM   116 O  O   . ARG A 1 19 ? -7.02633  -0.03809  7.25628   1.000 16.39024 ? 72  ARG A O   1 
ATOM   117 C  CB  . ARG A 1 19 ? -6.97085  2.88833   8.53935   1.000 12.13937 ? 72  ARG A CB  1 
ATOM   118 C  CG  . ARG A 1 19 ? -7.24433  3.91972   9.61669   1.000 13.83274 ? 72  ARG A CG  1 
ATOM   119 C  CD  . ARG A 1 19 ? -6.00318  4.75086   9.90850   1.000 14.31558 ? 72  ARG A CD  1 
ATOM   120 N  NE  . ARG A 1 19 ? -5.60720  5.57232   8.76984   1.000 13.21806 ? 72  ARG A NE  1 
ATOM   121 C  CZ  . ARG A 1 19 ? -4.54331  6.36306   8.75697   1.000 13.20152 ? 72  ARG A CZ  1 
ATOM   122 N  NH1 . ARG A 1 19 ? -3.74359  6.45871   9.80725   1.000 12.45846 ? 72  ARG A NH1 1 
ATOM   123 N  NH2 . ARG A 1 19 ? -4.27548  7.07648   7.66323   1.000 13.33268 ? 72  ARG A NH2 1 
ATOM   124 N  N   . PHE A 1 20 ? -8.32383  1.34263   6.03805   1.000 12.61124 ? 73  PHE A N   1 
ATOM   125 C  CA  . PHE A 1 20 ? -7.99301  0.67066   4.78663   1.000 13.64511 ? 73  PHE A CA  1 
ATOM   126 C  C   . PHE A 1 20 ? -6.49224  0.74609   4.52901   1.000 13.10342 ? 73  PHE A C   1 
ATOM   127 O  O   . PHE A 1 20 ? -5.89509  1.82638   4.56022   1.000 14.29277 ? 73  PHE A O   1 
ATOM   128 C  CB  . PHE A 1 20 ? -8.75808  1.29693   3.62153   1.000 14.18553 ? 73  PHE A CB  1 
ATOM   129 C  CG  . PHE A 1 20 ? -8.33966  0.77022   2.28333   1.000 15.78425 ? 73  PHE A CG  1 
ATOM   130 C  CD1 . PHE A 1 20 ? -8.45954  -0.57749  1.99059   1.000 16.99648 ? 73  PHE A CD1 1 
ATOM   131 C  CD2 . PHE A 1 20 ? -7.81038  1.61531   1.32852   1.000 17.18260 ? 73  PHE A CD2 1 
ATOM   132 C  CE1 . PHE A 1 20 ? -8.06722  -1.07174  0.76474   1.000 18.71648 ? 73  PHE A CE1 1 
ATOM   133 C  CE2 . PHE A 1 20 ? -7.40815  1.12774   0.10510   1.000 17.56996 ? 73  PHE A CE2 1 
ATOM   134 C  CZ  . PHE A 1 20 ? -7.54049  -0.21732  -0.17980  1.000 17.45968 ? 73  PHE A CZ  1 
ATOM   135 N  N   A MET A 1 21 ? -5.87985  -0.41428  4.27584   0.405 13.97000 ? 74  MET A N   1 
ATOM   136 N  N   B MET A 1 21 ? -5.88470  -0.40506  4.27077   0.595 13.92000 ? 74  MET A N   1 
ATOM   137 C  CA  A MET A 1 21 ? -4.44188  -0.52167  4.06055   0.405 13.86000 ? 74  MET A CA  1 
ATOM   138 C  CA  B MET A 1 21 ? -4.44505  -0.45365  4.10673   0.595 13.80000 ? 74  MET A CA  1 
ATOM   139 C  C   A MET A 1 21 ? -4.14286  -1.38290  2.83879   0.405 14.78000 ? 74  MET A C   1 
ATOM   140 C  C   B MET A 1 21 ? -4.10222  -1.50608  3.07013   0.595 14.83000 ? 74  MET A C   1 
ATOM   141 O  O   A MET A 1 21 ? -5.00116  -2.10456  2.32263   0.405 17.40000 ? 74  MET A O   1 
ATOM   142 O  O   B MET A 1 21 ? -4.86118  -2.45072  2.83433   0.595 12.66000 ? 74  MET A O   1 
ATOM   143 C  CB  A MET A 1 21 ? -3.71978  -1.11858  5.27737   0.405 16.09000 ? 74  MET A CB  1 
ATOM   144 C  CB  B MET A 1 21 ? -3.74751  -0.75823  5.43155   0.595 13.76000 ? 74  MET A CB  1 
ATOM   145 C  CG  A MET A 1 21 ? -3.90465  -0.37338  6.57969   0.405 20.68000 ? 74  MET A CG  1 
ATOM   146 C  CG  B MET A 1 21 ? -4.11930  -2.10474  5.98560   0.595 15.14000 ? 74  MET A CG  1 
ATOM   147 S  SD  A MET A 1 21 ? -3.17244  -1.32651  7.92159   0.405 24.20000 ? 74  MET A SD  1 
ATOM   148 S  SD  B MET A 1 21 ? -3.34455  -2.40195  7.57250   0.595 20.34000 ? 74  MET A SD  1 
ATOM   149 C  CE  A MET A 1 21 ? -4.60875  -1.63224  8.93938   0.405 17.63000 ? 74  MET A CE  1 
ATOM   150 C  CE  B MET A 1 21 ? -3.71636  -0.86662  8.42298   0.595 19.58000 ? 74  MET A CE  1 
ATOM   151 N  N   A ILE A 1 22 ? -2.89020  -1.30370  2.39081   0.405 14.36000 ? 75  ILE A N   1 
ATOM   152 N  N   B ILE A 1 22 ? -2.94167  -1.32666  2.45492   0.595 14.39000 ? 75  ILE A N   1 
ATOM   153 C  CA  A ILE A 1 22 ? -2.37437  -2.08848  1.27367   0.405 14.79000 ? 75  ILE A CA  1 
ATOM   154 C  CA  B ILE A 1 22 ? -2.46542  -2.19790  1.39571   0.595 14.73000 ? 75  ILE A CA  1 
ATOM   155 C  C   A ILE A 1 22 ? -0.97464  -2.56019  1.64323   0.405 14.88000 ? 75  ILE A C   1 
ATOM   156 C  C   B ILE A 1 22 ? -1.03384  -2.59368  1.72228   0.595 14.78000 ? 75  ILE A C   1 
ATOM   157 O  O   A ILE A 1 22 ? -0.15199  -1.76324  2.10722   0.405 15.41000 ? 75  ILE A O   1 
ATOM   158 O  O   B ILE A 1 22 ? -0.25532  -1.78773  2.24582   0.595 15.46000 ? 75  ILE A O   1 
ATOM   159 C  CB  A ILE A 1 22 ? -2.33790  -1.27039  -0.03276  0.405 13.98000 ? 75  ILE A CB  1 
ATOM   160 C  CB  B ILE A 1 22 ? -2.57010  -1.50317  0.02258   0.595 14.28000 ? 75  ILE A CB  1 
ATOM   161 C  CG1 A ILE A 1 22 ? -3.71900  -0.69434  -0.35138  0.405 12.89000 ? 75  ILE A CG1 1 
ATOM   162 C  CG1 B ILE A 1 22 ? -2.12422  -2.43124  -1.10812  0.595 17.73000 ? 75  ILE A CG1 1 
ATOM   163 C  CG2 A ILE A 1 22 ? -1.81876  -2.11590  -1.18548  0.405 16.36000 ? 75  ILE A CG2 1 
ATOM   164 C  CG2 B ILE A 1 22 ? -1.76822  -0.22975  0.01239   0.595 15.25000 ? 75  ILE A CG2 1 
ATOM   165 C  CD1 A ILE A 1 22 ? -3.69753  0.37608   -1.40658  0.405 13.25000 ? 75  ILE A CD1 1 
ATOM   166 C  CD1 B ILE A 1 22 ? -2.73342  -2.07882  -2.44806  0.595 23.01000 ? 75  ILE A CD1 1 
ATOM   167 N  N   . GLY A 1 23 ? -0.69906  -3.84837  1.44341   1.000 14.40458 ? 76  GLY A N   1 
ATOM   168 C  CA  . GLY A 1 23 ? 0.62636   -4.36465  1.73475   1.000 15.74784 ? 76  GLY A CA  1 
ATOM   169 C  C   . GLY A 1 23 ? 1.56395   -4.12182  0.56371   1.000 14.68021 ? 76  GLY A C   1 
ATOM   170 O  O   . GLY A 1 23 ? 1.19938   -4.30999  -0.59540  1.000 15.96634 ? 76  GLY A O   1 
ATOM   171 N  N   . CYS A 1 24 ? 2.77558   -3.67801  0.87922   1.000 15.55630 ? 77  CYS A N   1 
ATOM   172 C  CA  . CYS A 1 24 ? 3.79066   -3.52105  -0.15144  1.000 15.56287 ? 77  CYS A CA  1 
ATOM   173 C  C   . CYS A 1 24 ? 4.44760   -4.86545  -0.44105  1.000 15.82889 ? 77  CYS A C   1 
ATOM   174 O  O   . CYS A 1 24 ? 4.93455   -5.53712  0.47161   1.000 16.08349 ? 77  CYS A O   1 
ATOM   175 C  CB  . CYS A 1 24 ? 4.84698   -2.50631  0.27375   1.000 15.49100 ? 77  CYS A CB  1 
ATOM   176 S  SG  . CYS A 1 24 ? 6.16799   -2.34511  -0.94739  1.000 15.41868 ? 77  CYS A SG  1 
ATOM   177 N  N   A ASP A 1 25 ? 4.47575   -5.23951  -1.71507  0.705 15.97000 ? 78  ASP A N   1 
ATOM   178 N  N   B ASP A 1 25 ? 4.44622   -5.27866  -1.70816  0.295 15.97000 ? 78  ASP A N   1 
ATOM   179 C  CA  A ASP A 1 25 ? 5.07882   -6.50180  -2.10951  0.705 18.62000 ? 78  ASP A CA  1 
ATOM   180 C  CA  B ASP A 1 25 ? 5.09573   -6.53479  -2.07011  0.295 18.62000 ? 78  ASP A CA  1 
ATOM   181 C  C   A ASP A 1 25 ? 6.59379   -6.42061  -2.19203  0.705 18.55000 ? 78  ASP A C   1 
ATOM   182 C  C   B ASP A 1 25 ? 6.59159   -6.38605  -2.31228  0.295 18.55000 ? 78  ASP A C   1 
ATOM   183 O  O   A ASP A 1 25 ? 7.24045   -7.44436  -2.43334  0.705 19.73000 ? 78  ASP A O   1 
ATOM   184 O  O   B ASP A 1 25 ? 7.22086   -7.32420  -2.81373  0.295 19.73000 ? 78  ASP A O   1 
ATOM   185 C  CB  A ASP A 1 25 ? 4.48358   -6.95905  -3.44134  0.705 17.89000 ? 78  ASP A CB  1 
ATOM   186 C  CB  B ASP A 1 25 ? 4.42823   -7.16433  -3.29627  0.295 17.89000 ? 78  ASP A CB  1 
ATOM   187 C  CG  A ASP A 1 25 ? 3.02164   -7.35301  -3.30868  0.705 19.77000 ? 78  ASP A CG  1 
ATOM   188 C  CG  B ASP A 1 25 ? 3.13995   -7.88431  -2.94747  0.295 19.77000 ? 78  ASP A CG  1 
ATOM   189 O  OD1 A ASP A 1 25 ? 2.75034   -8.52689  -2.97082  0.705 28.71000 ? 78  ASP A OD1 1 
ATOM   190 O  OD1 B ASP A 1 25 ? 2.90024   -8.11160  -1.74227  0.295 28.71000 ? 78  ASP A OD1 1 
ATOM   191 O  OD2 A ASP A 1 25 ? 2.14221   -6.48737  -3.51798  0.705 19.97000 ? 78  ASP A OD2 1 
ATOM   192 O  OD2 B ASP A 1 25 ? 2.38688   -8.25582  -3.87268  0.295 19.97000 ? 78  ASP A OD2 1 
ATOM   193 N  N   . GLY A 1 26 ? 7.17091   -5.24237  -1.96545  1.000 16.36599 ? 79  GLY A N   1 
ATOM   194 C  CA  . GLY A 1 26 ? 8.60899   -5.07567  -2.00972  1.000 14.14867 ? 79  GLY A CA  1 
ATOM   195 C  C   . GLY A 1 26 ? 9.26352   -5.11598  -0.64309  1.000 15.83363 ? 79  GLY A C   1 
ATOM   196 O  O   . GLY A 1 26 ? 10.41087  -5.55614  -0.53289  1.000 16.25378 ? 79  GLY A O   1 
ATOM   197 N  N   . CYS A 1 27 ? 8.55348   -4.66592  0.40841   1.000 15.66046 ? 80  CYS A N   1 
ATOM   198 C  CA  . CYS A 1 27 ? 9.09197   -4.65851  1.76544   1.000 16.32265 ? 80  CYS A CA  1 
ATOM   199 C  C   . CYS A 1 27 ? 8.16923   -5.29228  2.80034   1.000 17.94718 ? 80  CYS A C   1 
ATOM   200 O  O   . CYS A 1 27 ? 8.55711   -5.38069  3.97129   1.000 20.02425 ? 80  CYS A O   1 
ATOM   201 C  CB  . CYS A 1 27 ? 9.43538   -3.22512  2.21217   1.000 16.60015 ? 80  CYS A CB  1 
ATOM   202 S  SG  . CYS A 1 27 ? 8.03391   -2.07920  2.30572   1.000 15.57666 ? 80  CYS A SG  1 
ATOM   203 N  N   A GLU A 1 28 ? 6.96904   -5.72567  2.41018   0.491 17.88000 ? 81  GLU A N   1 
ATOM   204 N  N   B GLU A 1 28 ? 6.96841   -5.72286  2.40506   0.509 17.90000 ? 81  GLU A N   1 
ATOM   205 C  CA  A GLU A 1 28 ? 6.01328   -6.40764  3.28509   0.491 16.90000 ? 81  GLU A CA  1 
ATOM   206 C  CA  B GLU A 1 28 ? 6.01576   -6.40247  3.28634   0.509 16.91000 ? 81  GLU A CA  1 
ATOM   207 C  C   A GLU A 1 28 ? 5.53072   -5.53121  4.43892   0.491 18.64000 ? 81  GLU A C   1 
ATOM   208 C  C   B GLU A 1 28 ? 5.59571   -5.53121  4.47015   0.509 18.52000 ? 81  GLU A C   1 
ATOM   209 O  O   A GLU A 1 28 ? 5.08373   -6.04662  5.46601   0.491 23.32000 ? 81  GLU A O   1 
ATOM   210 O  O   B GLU A 1 28 ? 5.26051   -6.04182  5.53946   0.509 23.95000 ? 81  GLU A O   1 
ATOM   211 C  CB  A GLU A 1 28 ? 6.58952   -7.72212  3.82322   0.491 18.91000 ? 81  GLU A CB  1 
ATOM   212 C  CB  B GLU A 1 28 ? 6.56651   -7.74946  3.76803   0.509 18.96000 ? 81  GLU A CB  1 
ATOM   213 C  CG  A GLU A 1 28 ? 6.90807   -8.72785  2.73271   0.491 25.87000 ? 81  GLU A CG  1 
ATOM   214 C  CG  B GLU A 1 28 ? 7.11438   -8.62266  2.64167   0.509 25.86000 ? 81  GLU A CG  1 
ATOM   215 C  CD  A GLU A 1 28 ? 5.67942   -9.14526  1.95322   0.491 20.24000 ? 81  GLU A CD  1 
ATOM   216 C  CD  B GLU A 1 28 ? 6.67252   -10.07346 2.74116   0.509 26.72000 ? 81  GLU A CD  1 
ATOM   217 O  OE1 A GLU A 1 28 ? 4.62261   -9.36099  2.58095   0.491 33.14000 ? 81  GLU A OE1 1 
ATOM   218 O  OE1 B GLU A 1 28 ? 6.75066   -10.64838 3.84688   0.509 32.74000 ? 81  GLU A OE1 1 
ATOM   219 O  OE2 A GLU A 1 28 ? 5.76862   -9.24916  0.71187   0.491 29.67000 ? 81  GLU A OE2 1 
ATOM   220 O  OE2 B GLU A 1 28 ? 6.25303   -10.64003 1.70972   0.509 28.10000 ? 81  GLU A OE2 1 
ATOM   221 N  N   . GLU A 1 29 ? 5.59602   -4.21298  4.29033   1.000 17.40367 ? 82  GLU A N   1 
ATOM   222 C  CA  . GLU A 1 29 ? 4.99641   -3.30116  5.25390   1.000 17.45037 ? 82  GLU A CA  1 
ATOM   223 C  C   . GLU A 1 29 ? 3.57798   -2.95874  4.81501   1.000 17.33584 ? 82  GLU A C   1 
ATOM   224 O  O   . GLU A 1 29 ? 3.25782   -2.98273  3.62555   1.000 18.85881 ? 82  GLU A O   1 
ATOM   225 C  CB  . GLU A 1 29 ? 5.81422   -2.01595  5.39161   1.000 19.45491 ? 82  GLU A CB  1 
ATOM   226 C  CG  . GLU A 1 29 ? 7.22464   -2.22996  5.89675   1.000 21.96534 ? 82  GLU A CG  1 
ATOM   227 C  CD  . GLU A 1 29 ? 7.25950   -2.63577  7.35494   1.000 25.25485 ? 82  GLU A CD  1 
ATOM   228 O  OE1 . GLU A 1 29 ? 8.24366   -3.28975  7.75750   1.000 24.92267 ? 82  GLU A OE1 1 
ATOM   229 O  OE2 . GLU A 1 29 ? 6.31023   -2.30027  8.10000   1.000 30.59861 ? 82  GLU A OE2 1 
ATOM   230 N  N   . TRP A 1 30 ? 2.72526   -2.65343  5.79016   1.000 15.67270 ? 83  TRP A N   1 
ATOM   231 C  CA  . TRP A 1 30 ? 1.36441   -2.20367  5.52189   1.000 14.11805 ? 83  TRP A CA  1 
ATOM   232 C  C   . TRP A 1 30 ? 1.33587   -0.68467  5.42435   1.000 13.85793 ? 83  TRP A C   1 
ATOM   233 O  O   . TRP A 1 30 ? 1.92035   0.00888   6.26521   1.000 15.67460 ? 83  TRP A O   1 
ATOM   234 C  CB  . TRP A 1 30 ? 0.40327   -2.66535  6.61902   1.000 16.45062 ? 83  TRP A CB  1 
ATOM   235 C  CG  . TRP A 1 30 ? 0.11688   -4.13299  6.59777   1.000 21.91210 ? 83  TRP A CG  1 
ATOM   236 C  CD1 . TRP A 1 30 ? 0.68232   -5.08532  7.38764   1.000 29.05837 ? 83  TRP A CD1 1 
ATOM   237 C  CD2 . TRP A 1 30 ? -0.80680  -4.81710  5.73988   1.000 25.28655 ? 83  TRP A CD2 1 
ATOM   238 N  NE1 . TRP A 1 30 ? 0.17108   -6.32243  7.07762   1.000 32.37354 ? 83  TRP A NE1 1 
ATOM   239 C  CE2 . TRP A 1 30 ? -0.74453  -6.18477  6.06743   1.000 30.33819 ? 83  TRP A CE2 1 
ATOM   240 C  CE3 . TRP A 1 30 ? -1.67681  -4.40559  4.72562   1.000 23.44566 ? 83  TRP A CE3 1 
ATOM   241 C  CZ2 . TRP A 1 30 ? -1.52083  -7.14477  5.41967   1.000 30.48331 ? 83  TRP A CZ2 1 
ATOM   242 C  CZ3 . TRP A 1 30 ? -2.45061  -5.36252  4.08430   1.000 24.10953 ? 83  TRP A CZ3 1 
ATOM   243 C  CH2 . TRP A 1 30 ? -2.36328  -6.71497  4.43309   1.000 27.44001 ? 83  TRP A CH2 1 
ATOM   244 N  N   . TYR A 1 31 ? 0.64269   -0.17363  4.41172   1.000 14.39040 ? 84  TYR A N   1 
ATOM   245 C  CA  . TYR A 1 31 ? 0.55477   1.25784   4.15021   1.000 12.82886 ? 84  TYR A CA  1 
ATOM   246 C  C   . TYR A 1 31 ? -0.90130  1.69548   4.17869   1.000 14.43068 ? 84  TYR A C   1 
ATOM   247 O  O   . TYR A 1 31 ? -1.75486  1.04390   3.57091   1.000 15.01426 ? 84  TYR A O   1 
ATOM   248 C  CB  . TYR A 1 31 ? 1.16719   1.60451   2.79070   1.000 13.81217 ? 84  TYR A CB  1 
ATOM   249 C  CG  . TYR A 1 31 ? 2.66838   1.69754   2.79924   1.000 14.94105 ? 84  TYR A CG  1 
ATOM   250 C  CD1 . TYR A 1 31 ? 3.45851   0.57422   2.59300   1.000 14.11417 ? 84  TYR A CD1 1 
ATOM   251 C  CD2 . TYR A 1 31 ? 3.29822   2.91200   3.01523   1.000 14.87220 ? 84  TYR A CD2 1 
ATOM   252 C  CE1 . TYR A 1 31 ? 4.83737   0.66547   2.60255   1.000 14.73126 ? 84  TYR A CE1 1 
ATOM   253 C  CE2 . TYR A 1 31 ? 4.66857   3.01326   3.02158   1.000 16.18171 ? 84  TYR A CE2 1 
ATOM   254 C  CZ  . TYR A 1 31 ? 5.43460   1.88965   2.82086   1.000 16.03985 ? 84  TYR A CZ  1 
ATOM   255 O  OH  . TYR A 1 31 ? 6.80516   2.00160   2.82675   1.000 19.31056 ? 84  TYR A OH  1 
ATOM   256 N  N   . HIS A 1 32 ? -1.18053  2.80554   4.86114   1.000 15.12743 ? 85  HIS A N   1 
ATOM   257 C  CA  . HIS A 1 32 ? -2.52379  3.37339   4.84124   1.000 15.31917 ? 85  HIS A CA  1 
ATOM   258 C  C   . HIS A 1 32 ? -2.87998  3.85661   3.44463   1.000 14.04099 ? 85  HIS A C   1 
ATOM   259 O  O   . HIS A 1 32 ? -2.13879  4.63992   2.84633   1.000 14.27817 ? 85  HIS A O   1 
ATOM   260 C  CB  . HIS A 1 32 ? -2.62325  4.53273   5.81561   1.000 13.68858 ? 85  HIS A CB  1 
ATOM   261 C  CG  . HIS A 1 32 ? -2.42858  4.13122   7.23411   1.000 14.90768 ? 85  HIS A CG  1 
ATOM   262 N  ND1 . HIS A 1 32 ? -1.43527  4.66124   8.02731   1.000 17.98891 ? 85  HIS A ND1 1 
ATOM   263 C  CD2 . HIS A 1 32 ? -3.09568  3.24462   8.00285   1.000 14.74683 ? 85  HIS A CD2 1 
ATOM   264 C  CE1 . HIS A 1 32 ? -1.50221  4.12346   9.22897   1.000 17.05171 ? 85  HIS A CE1 1 
ATOM   265 N  NE2 . HIS A 1 32 ? -2.50385  3.26674   9.23966   1.000 15.05097 ? 85  HIS A NE2 1 
ATOM   266 N  N   . GLY A 1 33 ? -4.04134  3.41859   2.94683   1.000 14.36613 ? 86  GLY A N   1 
ATOM   267 C  CA  . GLY A 1 33 ? -4.41180  3.71709   1.57109   1.000 12.69415 ? 86  GLY A CA  1 
ATOM   268 C  C   . GLY A 1 33 ? -4.60168  5.19943   1.31496   1.000 12.79278 ? 86  GLY A C   1 
ATOM   269 O  O   . GLY A 1 33 ? -4.15900  5.72155   0.28632   1.000 13.20123 ? 86  GLY A O   1 
ATOM   270 N  N   . ASP A 1 34 ? -5.27658  5.89861   2.23159   1.000 12.69594 ? 87  ASP A N   1 
ATOM   271 C  CA  . ASP A 1 34 ? -5.46531  7.32819   2.01722   1.000 13.75298 ? 87  ASP A CA  1 
ATOM   272 C  C   . ASP A 1 34 ? -4.12623  8.05412   2.00002   1.000 14.23255 ? 87  ASP A C   1 
ATOM   273 O  O   . ASP A 1 34 ? -3.90006  8.93336   1.16053   1.000 14.72606 ? 87  ASP A O   1 
ATOM   274 C  CB  . ASP A 1 34 ? -6.43451  7.92358   3.05380   1.000 13.00008 ? 87  ASP A CB  1 
ATOM   275 C  CG  . ASP A 1 34 ? -6.04051  7.65957   4.51254   1.000 11.64666 ? 87  ASP A CG  1 
ATOM   276 O  OD1 . ASP A 1 34 ? -5.01750  7.00785   4.80209   1.000 13.17092 ? 87  ASP A OD1 1 
ATOM   277 O  OD2 . ASP A 1 34 ? -6.81170  8.11023   5.39295   1.000 13.40705 ? 87  ASP A OD2 1 
ATOM   278 N  N   . CYS A 1 35 ? -3.20582  7.65248   2.87688   1.000 12.67730 ? 88  CYS A N   1 
ATOM   279 C  CA  . CYS A 1 35 ? -1.89920  8.29701   2.95282   1.000 13.44083 ? 88  CYS A CA  1 
ATOM   280 C  C   . CYS A 1 35 ? -1.12002  8.16591   1.64339   1.000 13.76210 ? 88  CYS A C   1 
ATOM   281 O  O   . CYS A 1 35 ? -0.43524  9.10971   1.21916   1.000 13.94804 ? 88  CYS A O   1 
ATOM   282 C  CB  . CYS A 1 35 ? -1.11996  7.69537   4.11851   1.000 13.66482 ? 88  CYS A CB  1 
ATOM   283 S  SG  . CYS A 1 35 ? 0.32711   8.61464   4.66097   1.000 16.37852 ? 88  CYS A SG  1 
ATOM   284 N  N   . ILE A 1 36 ? -1.19814  7.00665   0.98772   1.000 15.05086 ? 89  ILE A N   1 
ATOM   285 C  CA  . ILE A 1 36 ? -0.44181  6.77804   -0.24423  1.000 14.78318 ? 89  ILE A CA  1 
ATOM   286 C  C   . ILE A 1 36 ? -1.26627  7.09765   -1.48821  1.000 14.22761 ? 89  ILE A C   1 
ATOM   287 O  O   . ILE A 1 36 ? -0.80912  6.85750   -2.61467  1.000 14.90156 ? 89  ILE A O   1 
ATOM   288 C  CB  . ILE A 1 36 ? 0.10158   5.34475   -0.32019  1.000 14.20000 ? 89  ILE A CB  1 
ATOM   289 C  CG1 . ILE A 1 36 ? -1.05504  4.34480   -0.31610  1.000 14.92344 ? 89  ILE A CG1 1 
ATOM   290 C  CG2 . ILE A 1 36 ? 1.09156   5.07504   0.80852   1.000 16.16176 ? 89  ILE A CG2 1 
ATOM   291 C  CD1 . ILE A 1 36 ? -0.61194  2.94861   -0.58549  1.000 17.22494 ? 89  ILE A CD1 1 
ATOM   292 N  N   . GLY A 1 37 ? -2.46874  7.63817   -1.31543  1.000 14.15586 ? 90  GLY A N   1 
ATOM   293 C  CA  . GLY A 1 37 ? -3.23731  8.10220   -2.45448  1.000 16.13182 ? 90  GLY A CA  1 
ATOM   294 C  C   . GLY A 1 37 ? -3.80883  7.01021   -3.33149  1.000 15.71995 ? 90  GLY A C   1 
ATOM   295 O  O   . GLY A 1 37 ? -3.93626  7.20884   -4.54356  1.000 16.59703 ? 90  GLY A O   1 
ATOM   296 N  N   . ILE A 1 38 ? -4.17709  5.86662   -2.75567  1.000 14.87259 ? 91  ILE A N   1 
ATOM   297 C  CA  . ILE A 1 38 ? -4.80093  4.77416   -3.50025  1.000 15.32347 ? 91  ILE A CA  1 
ATOM   298 C  C   . ILE A 1 38 ? -6.18764  4.52548   -2.92482  1.000 16.56205 ? 91  ILE A C   1 
ATOM   299 O  O   . ILE A 1 38 ? -6.31686  4.13043   -1.75989  1.000 17.71154 ? 91  ILE A O   1 
ATOM   300 C  CB  . ILE A 1 38 ? -3.95933  3.49007   -3.44749  1.000 17.12031 ? 91  ILE A CB  1 
ATOM   301 C  CG1 . ILE A 1 38 ? -2.58110  3.73632   -4.05223  1.000 17.74104 ? 91  ILE A CG1 1 
ATOM   302 C  CG2 . ILE A 1 38 ? -4.66469  2.36214   -4.18833  1.000 18.88006 ? 91  ILE A CG2 1 
ATOM   303 C  CD1 . ILE A 1 38 ? -1.70224  2.50363   -4.07972  1.000 17.99035 ? 91  ILE A CD1 1 
ATOM   304 N  N   . THR A 1 39 ? -7.21813  4.74451   -3.73970  1.000 16.50684 ? 92  THR A N   1 
ATOM   305 C  CA  . THR A 1 39 ? -8.58204  4.45825   -3.31803  1.000 15.88336 ? 92  THR A CA  1 
ATOM   306 C  C   . THR A 1 39 ? -8.83091  2.95408   -3.28615  1.000 14.74411 ? 92  THR A C   1 
ATOM   307 O  O   . THR A 1 39 ? -8.11203  2.15908   -3.90077  1.000 14.93046 ? 92  THR A O   1 
ATOM   308 C  CB  . THR A 1 39 ? -9.60116  5.10866   -4.25573  1.000 17.87666 ? 92  THR A CB  1 
ATOM   309 O  OG1 . THR A 1 39 ? -9.46591  4.55928   -5.57269  1.000 17.97441 ? 92  THR A OG1 1 
ATOM   310 C  CG2 . THR A 1 39 ? -9.39578  6.61210   -4.32096  1.000 18.72986 ? 92  THR A CG2 1 
ATOM   311 N  N   . GLU A 1 40 ? -9.87873  2.56722   -2.55933  1.000 14.86594 ? 93  GLU A N   1 
ATOM   312 C  CA  . GLU A 1 40 ? -10.29164 1.16912   -2.56916  1.000 16.74683 ? 93  GLU A CA  1 
ATOM   313 C  C   . GLU A 1 40 ? -10.62263 0.70459   -3.98129  1.000 18.31628 ? 93  GLU A C   1 
ATOM   314 O  O   . GLU A 1 40 ? -10.30554 -0.43057  -4.35780  1.000 17.91548 ? 93  GLU A O   1 
ATOM   315 C  CB  . GLU A 1 40 ? -11.48549 0.96506   -1.63770  1.000 17.38845 ? 93  GLU A CB  1 
ATOM   316 C  CG  . GLU A 1 40 ? -11.13354 1.16393   -0.17444  1.000 19.69459 ? 93  GLU A CG  1 
ATOM   317 C  CD  . GLU A 1 40 ? -12.32992 1.01621   0.73647   1.000 24.00967 ? 93  GLU A CD  1 
ATOM   318 O  OE1 . GLU A 1 40 ? -13.21797 0.20316   0.41433   1.000 24.96980 ? 93  GLU A OE1 1 
ATOM   319 O  OE2 . GLU A 1 40 ? -12.37677 1.70001   1.78020   1.000 25.70438 ? 93  GLU A OE2 1 
ATOM   320 N  N   . LYS A 1 41 ? -11.24035 1.57325   -4.78764  1.000 17.89769 ? 94  LYS A N   1 
ATOM   321 C  CA  . LYS A 1 41 ? -11.62442 1.15323   -6.13004  1.000 18.17914 ? 94  LYS A CA  1 
ATOM   322 C  C   . LYS A 1 41 ? -10.39457 0.88747   -6.98956  1.000 17.30423 ? 94  LYS A C   1 
ATOM   323 O  O   . LYS A 1 41 ? -10.35936 -0.09696  -7.73743  1.000 18.18320 ? 94  LYS A O   1 
ATOM   324 C  CB  . LYS A 1 41 ? -12.53826 2.19349   -6.78215  1.000 21.49777 ? 94  LYS A CB  1 
ATOM   325 C  CG  . LYS A 1 41 ? -12.71815 1.99701   -8.28528  1.000 27.62368 ? 94  LYS A CG  1 
ATOM   326 C  CD  . LYS A 1 41 ? -13.73787 2.95881   -8.87884  0.406 32.64249 ? 94  LYS A CD  1 
ATOM   327 C  CE  . LYS A 1 41 ? -13.08432 4.17479   -9.50076  0.490 36.34339 ? 94  LYS A CE  1 
ATOM   328 N  NZ  . LYS A 1 41 ? -13.94675 4.74785   -10.57354 0.971 39.79466 ? 94  LYS A NZ  1 
ATOM   329 N  N   . GLU A 1 42 ? -9.36678  1.73828   -6.88946  1.000 16.64286 ? 95  GLU A N   1 
ATOM   330 C  CA  . GLU A 1 42 ? -8.14044  1.46836   -7.63625  1.000 15.04680 ? 95  GLU A CA  1 
ATOM   331 C  C   . GLU A 1 42 ? -7.45352  0.20495   -7.12935  1.000 15.17282 ? 95  GLU A C   1 
ATOM   332 O  O   . GLU A 1 42 ? -6.92184  -0.58129  -7.92545  1.000 15.02240 ? 95  GLU A O   1 
ATOM   333 C  CB  . GLU A 1 42 ? -7.17692  2.65831   -7.56685  1.000 15.64104 ? 95  GLU A CB  1 
ATOM   334 C  CG  . GLU A 1 42 ? -5.89148  2.40543   -8.35909  1.000 18.15709 ? 95  GLU A CG  1 
ATOM   335 C  CD  . GLU A 1 42 ? -4.84111  3.48767   -8.19633  1.000 20.97423 ? 95  GLU A CD  1 
ATOM   336 O  OE1 . GLU A 1 42 ? -5.10921  4.49625   -7.51732  1.000 20.14215 ? 95  GLU A OE1 1 
ATOM   337 O  OE2 . GLU A 1 42 ? -3.73778  3.32756   -8.76302  1.000 26.05837 ? 95  GLU A OE2 1 
ATOM   338 N  N   . ALA A 1 43 ? -7.46121  -0.01338  -5.81068  1.000 14.20442 ? 96  ALA A N   1 
ATOM   339 C  CA  . ALA A 1 43 ? -6.75826  -1.15973  -5.24416  1.000 13.65863 ? 96  ALA A CA  1 
ATOM   340 C  C   . ALA A 1 43 ? -7.32647  -2.48455  -5.73205  1.000 14.23842 ? 96  ALA A C   1 
ATOM   341 O  O   . ALA A 1 43 ? -6.60279  -3.48658  -5.74958  1.000 14.38619 ? 96  ALA A O   1 
ATOM   342 C  CB  . ALA A 1 43 ? -6.79762  -1.10658  -3.71478  1.000 14.48215 ? 96  ALA A CB  1 
ATOM   343 N  N   . LYS A 1 44 ? -8.59634  -2.51003  -6.14239  1.000 13.99005 ? 97  LYS A N   1 
ATOM   344 C  CA  . LYS A 1 44 ? -9.15878  -3.72247  -6.73191  1.000 14.87199 ? 97  LYS A CA  1 
ATOM   345 C  C   . LYS A 1 44 ? -8.38248  -4.15024  -7.96536  1.000 15.35771 ? 97  LYS A C   1 
ATOM   346 O  O   . LYS A 1 44 ? -8.33971  -5.34219  -8.30098  1.000 16.60431 ? 97  LYS A O   1 
ATOM   347 C  CB  . LYS A 1 44 ? -10.62470 -3.49738  -7.10231  1.000 15.16556 ? 97  LYS A CB  1 
ATOM   348 C  CG  . LYS A 1 44 ? -11.51642 -3.16756  -5.92428  1.000 17.18934 ? 97  LYS A CG  1 
ATOM   349 C  CD  . LYS A 1 44 ? -12.94802 -2.92027  -6.38110  1.000 21.48123 ? 97  LYS A CD  1 
ATOM   350 C  CE  . LYS A 1 44 ? -13.84046 -2.52756  -5.21612  1.000 24.67118 ? 97  LYS A CE  1 
ATOM   351 N  NZ  . LYS A 1 44 ? -15.27839 -2.77752  -5.52013  1.000 28.47175 ? 97  LYS A NZ  1 
ATOM   352 N  N   . HIS A 1 45 ? -7.77044  -3.19287  -8.65395  1.000 16.27881 ? 98  HIS A N   1 
ATOM   353 C  CA  . HIS A 1 45 ? -7.05571  -3.44623  -9.89167  1.000 15.70042 ? 98  HIS A CA  1 
ATOM   354 C  C   . HIS A 1 45 ? -5.54732  -3.48163  -9.69615  1.000 15.81987 ? 98  HIS A C   1 
ATOM   355 O  O   . HIS A 1 45 ? -4.80498  -3.40054  -10.67570 1.000 17.04090 ? 98  HIS A O   1 
ATOM   356 C  CB  . HIS A 1 45 ? -7.42713  -2.38650  -10.92566 1.000 16.30983 ? 98  HIS A CB  1 
ATOM   357 C  CG  . HIS A 1 45 ? -8.89845  -2.29753  -11.19835 1.000 18.71758 ? 98  HIS A CG  1 
ATOM   358 N  ND1 . HIS A 1 45 ? -9.51735  -3.03192  -12.18601 1.000 19.98529 ? 98  HIS A ND1 1 
ATOM   359 C  CD2 . HIS A 1 45 ? -9.87148  -1.55175  -10.62252 1.000 18.33177 ? 98  HIS A CD2 1 
ATOM   360 C  CE1 . HIS A 1 45 ? -10.80804 -2.75333  -12.20119 1.000 19.31288 ? 98  HIS A CE1 1 
ATOM   361 N  NE2 . HIS A 1 45 ? -11.04922 -1.85474  -11.26401 1.000 19.78204 ? 98  HIS A NE2 1 
ATOM   362 N  N   . ILE A 1 46 ? -5.07123  -3.59103  -8.46036  1.000 15.00128 ? 99  ILE A N   1 
ATOM   363 C  CA  . ILE A 1 46 ? -3.63842  -3.67000  -8.20106  1.000 15.30928 ? 99  ILE A CA  1 
ATOM   364 C  C   . ILE A 1 46 ? -3.27972  -5.12283  -7.92578  1.000 15.71927 ? 99  ILE A C   1 
ATOM   365 O  O   . ILE A 1 46 ? -3.83459  -5.74820  -7.01447  1.000 16.78368 ? 99  ILE A O   1 
ATOM   366 C  CB  . ILE A 1 46 ? -3.21818  -2.76120  -7.03766  1.000 14.63717 ? 99  ILE A CB  1 
ATOM   367 C  CG1 . ILE A 1 46 ? -3.34863  -1.29185  -7.44478  1.000 15.89892 ? 99  ILE A CG1 1 
ATOM   368 C  CG2 . ILE A 1 46 ? -1.78291  -3.04485  -6.63395  1.000 15.40888 ? 99  ILE A CG2 1 
ATOM   369 C  CD1 . ILE A 1 46 ? -2.97776  -0.32936  -6.34568  1.000 15.60102 ? 99  ILE A CD1 1 
ATOM   370 N  N   . LYS A 1 47 ? -2.36501  -5.66450  -8.73235  1.000 14.21110 ? 100 LYS A N   1 
ATOM   371 C  CA  . LYS A 1 47 ? -1.82330  -6.99758  -8.49377  1.000 14.92898 ? 100 LYS A CA  1 
ATOM   372 C  C   . LYS A 1 47 ? -0.77317  -6.97688  -7.38822  1.000 15.47441 ? 100 LYS A C   1 
ATOM   373 O  O   . LYS A 1 47 ? -0.85182  -7.75253  -6.42545  1.000 17.91564 ? 100 LYS A O   1 
ATOM   374 C  CB  . LYS A 1 47 ? -1.23195  -7.54940  -9.79381  1.000 17.57106 ? 100 LYS A CB  1 
ATOM   375 C  CG  . LYS A 1 47 ? -0.85474  -9.01333  -9.75271  1.000 22.00840 ? 100 LYS A CG  1 
ATOM   376 C  CD  . LYS A 1 47 ? -0.05331  -9.38774  -10.99204 1.000 26.95304 ? 100 LYS A CD  1 
ATOM   377 C  CE  . LYS A 1 47 ? 0.50261   -10.79295 -10.89655 0.759 30.88633 ? 100 LYS A CE  1 
ATOM   378 N  NZ  . LYS A 1 47 ? 0.46396   -11.46201 -12.22388 0.871 33.02601 ? 100 LYS A NZ  1 
ATOM   379 N  N   . GLN A 1 48 ? 0.21856   -6.09794  -7.51974  1.000 16.60946 ? 101 GLN A N   1 
ATOM   380 C  CA  . GLN A 1 48 ? 1.28330   -5.93643  -6.53911  1.000 16.17526 ? 101 GLN A CA  1 
ATOM   381 C  C   . GLN A 1 48 ? 1.54745   -4.45134  -6.34755  1.000 14.64899 ? 101 GLN A C   1 
ATOM   382 O  O   . GLN A 1 48 ? 1.80273   -3.73313  -7.32191  1.000 14.91706 ? 101 GLN A O   1 
ATOM   383 C  CB  . GLN A 1 48 ? 2.56799   -6.64379  -6.98914  1.000 17.03488 ? 101 GLN A CB  1 
ATOM   384 C  CG  . GLN A 1 48 ? 2.47746   -8.15608  -6.97577  1.000 19.36952 ? 101 GLN A CG  1 
ATOM   385 C  CD  . GLN A 1 48 ? 3.51611   -8.81739  -7.85040  1.000 25.40724 ? 101 GLN A CD  1 
ATOM   386 O  OE1 . GLN A 1 48 ? 3.63873   -8.51115  -9.03593  1.000 27.96280 ? 101 GLN A OE1 1 
ATOM   387 N  NE2 . GLN A 1 48 ? 4.28107   -9.72951  -7.26499  1.000 29.05604 ? 101 GLN A NE2 1 
ATOM   388 N  N   . TYR A 1 49 ? 1.48192   -3.99493  -5.09785  1.000 14.24615 ? 102 TYR A N   1 
ATOM   389 C  CA  . TYR A 1 49 ? 1.82982   -2.62196  -4.75682  1.000 13.13495 ? 102 TYR A CA  1 
ATOM   390 C  C   . TYR A 1 49 ? 3.30411   -2.53866  -4.37889  1.000 13.65650 ? 102 TYR A C   1 
ATOM   391 O  O   . TYR A 1 49 ? 3.82075   -3.39153  -3.64983  1.000 14.40436 ? 102 TYR A O   1 
ATOM   392 C  CB  . TYR A 1 49 ? 0.96023   -2.11505  -3.60300  1.000 14.21201 ? 102 TYR A CB  1 
ATOM   393 C  CG  . TYR A 1 49 ? 1.42600   -0.80406  -3.00192  1.000 14.44204 ? 102 TYR A CG  1 
ATOM   394 C  CD1 . TYR A 1 49 ? 1.46439   0.35594   -3.76859  1.000 15.31714 ? 102 TYR A CD1 1 
ATOM   395 C  CD2 . TYR A 1 49 ? 1.81912   -0.72065  -1.66787  1.000 17.21326 ? 102 TYR A CD2 1 
ATOM   396 C  CE1 . TYR A 1 49 ? 1.89341   1.55726   -3.23248  1.000 14.74137 ? 102 TYR A CE1 1 
ATOM   397 C  CE2 . TYR A 1 49 ? 2.24189   0.48270   -1.12182  1.000 15.98098 ? 102 TYR A CE2 1 
ATOM   398 C  CZ  . TYR A 1 49 ? 2.27512   1.61648   -1.91140  1.000 16.13926 ? 102 TYR A CZ  1 
ATOM   399 O  OH  . TYR A 1 49 ? 2.70055   2.81635   -1.39019  1.000 17.11744 ? 102 TYR A OH  1 
ATOM   400 N  N   . TYR A 1 50 ? 3.98530   -1.51721  -4.89468  1.000 13.99085 ? 103 TYR A N   1 
ATOM   401 C  CA  . TYR A 1 50 ? 5.35373   -1.20887  -4.49144  1.000 13.87865 ? 103 TYR A CA  1 
ATOM   402 C  C   . TYR A 1 50 ? 5.38814   0.21668   -3.96561  1.000 12.97701 ? 103 TYR A C   1 
ATOM   403 O  O   . TYR A 1 50 ? 5.05433   1.16054   -4.69137  1.000 15.35378 ? 103 TYR A O   1 
ATOM   404 C  CB  . TYR A 1 50 ? 6.33988   -1.40045  -5.64527  1.000 14.58638 ? 103 TYR A CB  1 
ATOM   405 C  CG  . TYR A 1 50 ? 6.47781   -2.84869  -6.03170  1.000 17.12293 ? 103 TYR A CG  1 
ATOM   406 C  CD1 . TYR A 1 50 ? 7.20669   -3.73180  -5.24461  1.000 17.94865 ? 103 TYR A CD1 1 
ATOM   407 C  CD2 . TYR A 1 50 ? 5.84261   -3.34484  -7.15827  1.000 18.12541 ? 103 TYR A CD2 1 
ATOM   408 C  CE1 . TYR A 1 50 ? 7.32080   -5.06935  -5.59391  1.000 18.41084 ? 103 TYR A CE1 1 
ATOM   409 C  CE2 . TYR A 1 50 ? 5.94821   -4.66590  -7.51031  1.000 19.23793 ? 103 TYR A CE2 1 
ATOM   410 C  CZ  . TYR A 1 50 ? 6.68706   -5.52660  -6.73033  1.000 19.73721 ? 103 TYR A CZ  1 
ATOM   411 O  OH  . TYR A 1 50 ? 6.78457   -6.85036  -7.09224  1.000 23.62180 ? 103 TYR A OH  1 
ATOM   412 N  N   . CYS A 1 51 ? 5.78511   0.36567   -2.70429  1.000 13.07354 ? 104 CYS A N   1 
ATOM   413 C  CA  . CYS A 1 51 ? 5.72474   1.65465   -2.03839  1.000 14.25392 ? 104 CYS A CA  1 
ATOM   414 C  C   . CYS A 1 51 ? 6.79696   2.60210   -2.57753  1.000 15.22369 ? 104 CYS A C   1 
ATOM   415 O  O   . CYS A 1 51 ? 7.72442   2.20939   -3.29382  1.000 13.67369 ? 104 CYS A O   1 
ATOM   416 C  CB  . CYS A 1 51 ? 5.87146   1.47804   -0.52864  1.000 13.88519 ? 104 CYS A CB  1 
ATOM   417 S  SG  . CYS A 1 51 ? 7.55442   1.07755   0.03731   1.000 14.56219 ? 104 CYS A SG  1 
ATOM   418 N  N   . ARG A 1 52 ? 6.64210   3.88000   -2.22797  1.000 15.13112 ? 105 ARG A N   1 
ATOM   419 C  CA  . ARG A 1 52 ? 7.57001   4.89719   -2.70717  1.000 16.34077 ? 105 ARG A CA  1 
ATOM   420 C  C   . ARG A 1 52 ? 9.00553   4.57603   -2.30982  1.000 16.84021 ? 105 ARG A C   1 
ATOM   421 O  O   . ARG A 1 52 ? 9.93270   4.75271   -3.11026  1.000 16.67190 ? 105 ARG A O   1 
ATOM   422 C  CB  . ARG A 1 52 ? 7.15671   6.26938   -2.17719  1.000 17.18189 ? 105 ARG A CB  1 
ATOM   423 C  CG  . ARG A 1 52 ? 8.08908   7.39528   -2.60217  1.000 15.35240 ? 105 ARG A CG  1 
ATOM   424 C  CD  . ARG A 1 52 ? 7.47671   8.75060   -2.30758  1.000 15.28990 ? 105 ARG A CD  1 
ATOM   425 N  NE  . ARG A 1 52 ? 6.26187   8.95820   -3.08491  1.000 14.27541 ? 105 ARG A NE  1 
ATOM   426 C  CZ  . ARG A 1 52 ? 5.46814   10.01349  -2.97060  1.000 15.64396 ? 105 ARG A CZ  1 
ATOM   427 N  NH1 . ARG A 1 52 ? 5.73294   10.98813  -2.11264  1.000 17.36944 ? 105 ARG A NH1 1 
ATOM   428 N  NH2 . ARG A 1 52 ? 4.38883   10.09929  -3.74491  1.000 16.04650 ? 105 ARG A NH2 1 
ATOM   429 N  N   . ARG A 1 53 ? 9.21479   4.09787   -1.08289  1.000 16.17288 ? 106 ARG A N   1 
ATOM   430 C  CA  . ARG A 1 53 ? 10.58084  3.83093   -0.64899  1.000 15.45639 ? 106 ARG A CA  1 
ATOM   431 C  C   . ARG A 1 53 ? 11.17371  2.64455   -1.39809  1.000 14.56618 ? 106 ARG A C   1 
ATOM   432 O  O   . ARG A 1 53 ? 12.36222  2.65939   -1.73848  1.000 17.49591 ? 106 ARG A O   1 
ATOM   433 C  CB  . ARG A 1 53 ? 10.61628  3.61364   0.86048   1.000 20.44237 ? 106 ARG A CB  1 
ATOM   434 C  CG  . ARG A 1 53 ? 11.81734  2.85881   1.36685   1.000 22.01319 ? 106 ARG A CG  1 
ATOM   435 C  CD  . ARG A 1 53 ? 11.64744  2.58288   2.84825   0.702 24.16935 ? 106 ARG A CD  1 
ATOM   436 N  NE  . ARG A 1 53 ? 11.08474  1.25992   3.07966   0.706 26.93471 ? 106 ARG A NE  1 
ATOM   437 C  CZ  . ARG A 1 53 ? 10.61969  0.84031   4.24716   0.525 28.91425 ? 106 ARG A CZ  1 
ATOM   438 N  NH1 . ARG A 1 53 ? 10.64320  1.61547   5.32093   1.000 32.15681 ? 106 ARG A NH1 1 
ATOM   439 N  NH2 . ARG A 1 53 ? 10.11109  -0.38408  4.33822   1.000 28.42759 ? 106 ARG A NH2 1 
ATOM   440 N  N   . CYS A 1 54 ? 10.35429  1.63446   -1.70471  1.000 14.56006 ? 107 CYS A N   1 
ATOM   441 C  CA  . CYS A 1 54 ? 10.82305  0.50469   -2.50436  1.000 16.14086 ? 107 CYS A CA  1 
ATOM   442 C  C   . CYS A 1 54 ? 11.16260  0.92813   -3.92855  1.000 16.21052 ? 107 CYS A C   1 
ATOM   443 O  O   . CYS A 1 54 ? 12.13944  0.44209   -4.50769  1.000 18.12121 ? 107 CYS A O   1 
ATOM   444 C  CB  . CYS A 1 54 ? 9.76795   -0.60005  -2.51741  1.000 16.92752 ? 107 CYS A CB  1 
ATOM   445 S  SG  . CYS A 1 54 ? 9.82417   -1.67238  -1.06800  1.000 17.30699 ? 107 CYS A SG  1 
ATOM   446 N  N   . LYS A 1 55 ? 10.35795  1.81541   -4.52005  1.000 16.09469 ? 108 LYS A N   1 
ATOM   447 C  CA  . LYS A 1 55 ? 10.63523  2.28078   -5.87258  1.000 17.70137 ? 108 LYS A CA  1 
ATOM   448 C  C   . LYS A 1 55 ? 11.80578  3.25508   -5.91442  1.000 19.62362 ? 108 LYS A C   1 
ATOM   449 O  O   . LYS A 1 55 ? 12.41935  3.42247   -6.97382  1.000 22.67025 ? 108 LYS A O   1 
ATOM   450 C  CB  . LYS A 1 55 ? 9.37125   2.90073   -6.47212  1.000 16.99093 ? 108 LYS A CB  1 
ATOM   451 C  CG  . LYS A 1 55 ? 8.21278   1.90515   -6.52829  1.000 16.63001 ? 108 LYS A CG  1 
ATOM   452 C  CD  . LYS A 1 55 ? 7.00403   2.45578   -7.25503  1.000 15.69090 ? 108 LYS A CD  1 
ATOM   453 C  CE  . LYS A 1 55 ? 6.28091   3.48462   -6.40518  1.000 15.31968 ? 108 LYS A CE  1 
ATOM   454 N  NZ  . LYS A 1 55 ? 4.79791   3.28970   -6.43637  1.000 14.39566 ? 108 LYS A NZ  1 
ATOM   455 N  N   . LYS A 1 56 ? 12.12411  3.89120   -4.78385  1.000 20.90824 ? 109 LYS A N   1 
ATOM   456 C  CA  . LYS A 1 56 ? 13.41019  4.56435   -4.62651  1.000 23.05624 ? 109 LYS A CA  1 
ATOM   457 C  C   . LYS A 1 56 ? 14.55847  3.56303   -4.64355  1.000 23.77177 ? 109 LYS A C   1 
ATOM   458 O  O   . LYS A 1 56 ? 15.56798  3.76738   -5.32827  1.000 24.35596 ? 109 LYS A O   1 
ATOM   459 C  CB  . LYS A 1 56 ? 13.43022  5.33943   -3.31024  1.000 27.23829 ? 109 LYS A CB  1 
ATOM   460 C  CG  . LYS A 1 56 ? 14.60825  6.28140   -3.12226  1.000 33.25417 ? 109 LYS A CG  1 
ATOM   461 C  CD  . LYS A 1 56 ? 14.17638  7.69134   -2.77930  1.000 39.10376 ? 109 LYS A CD  1 
ATOM   462 C  CE  . LYS A 1 56 ? 15.39446  8.57866   -2.63353  1.000 43.39583 ? 109 LYS A CE  1 
ATOM   463 N  NZ  . LYS A 1 56 ? 16.20444  8.17889   -1.44546  1.000 45.50385 ? 109 LYS A NZ  1 
ATOM   464 N  N   . GLU A 1 57 ? 14.43361  2.48651   -3.85969  1.000 24.31855 ? 110 GLU A N   1 
ATOM   465 C  CA  . GLU A 1 57 ? 15.52049  1.51842   -3.73387  1.000 25.25042 ? 110 GLU A CA  1 
ATOM   466 C  C   . GLU A 1 57 ? 15.77206  0.77824   -5.03882  1.000 25.93311 ? 110 GLU A C   1 
ATOM   467 O  O   . GLU A 1 57 ? 16.91783  0.42689   -5.34872  1.000 26.43276 ? 110 GLU A O   1 
ATOM   468 C  CB  . GLU A 1 57 ? 15.20733  0.51143   -2.62431  1.000 26.35694 ? 110 GLU A CB  1 
ATOM   469 C  CG  . GLU A 1 57 ? 15.59371  0.97237   -1.23627  1.000 29.69786 ? 110 GLU A CG  1 
ATOM   470 C  CD  . GLU A 1 57 ? 15.27467  -0.05274  -0.16172  1.000 33.11429 ? 110 GLU A CD  1 
ATOM   471 O  OE1 . GLU A 1 57 ? 14.24278  -0.75068  -0.26515  1.000 31.90930 ? 110 GLU A OE1 1 
ATOM   472 O  OE2 . GLU A 1 57 ? 16.08962  -0.18309  0.77305   1.000 38.15331 ? 110 GLU A OE2 1 
ATOM   473 N  N   . ASN A 1 58 ? 14.71693  0.51771   -5.80108  1.000 23.49651 ? 111 ASN A N   1 
ATOM   474 C  CA  . ASN A 1 58 ? 14.81310  -0.10577  -7.11599  1.000 23.91252 ? 111 ASN A CA  1 
ATOM   475 C  C   . ASN A 1 58 ? 13.94463  0.71161   -8.05864  1.000 22.75245 ? 111 ASN A C   1 
ATOM   476 O  O   . ASN A 1 58 ? 12.73658  0.47131   -8.17099  1.000 23.07945 ? 111 ASN A O   1 
ATOM   477 C  CB  . ASN A 1 58 ? 14.37735  -1.56822  -7.07635  1.000 28.94309 ? 111 ASN A CB  1 
ATOM   478 C  CG  . ASN A 1 58 ? 14.61097  -2.28035  -8.39913  1.000 33.85249 ? 111 ASN A CG  1 
ATOM   479 O  OD1 . ASN A 1 58 ? 15.09956  -1.68374  -9.35967  1.000 35.84667 ? 111 ASN A OD1 1 
ATOM   480 N  ND2 . ASN A 1 58 ? 14.27173  -3.56332  -8.45106  1.000 33.73878 ? 111 ASN A ND2 1 
ATOM   481 N  N   . PRO A 1 59 ? 14.52493  1.70091   -8.74265  1.000 25.08734 ? 112 PRO A N   1 
ATOM   482 C  CA  . PRO A 1 59 ? 13.73945  2.49528   -9.70476  1.000 28.64245 ? 112 PRO A CA  1 
ATOM   483 C  C   . PRO A 1 59 ? 13.14278  1.66898   -10.83719 1.000 30.58030 ? 112 PRO A C   1 
ATOM   484 O  O   . PRO A 1 59 ? 12.32195  2.19617   -11.59791 1.000 32.49497 ? 112 PRO A O   1 
ATOM   485 C  CB  . PRO A 1 59 ? 14.74794  3.52259   -10.23866 1.000 29.93599 ? 112 PRO A CB  1 
ATOM   486 C  CG  . PRO A 1 59 ? 15.91511  3.49358   -9.31767  0.612 28.83133 ? 112 PRO A CG  1 
ATOM   487 C  CD  . PRO A 1 59 ? 15.86598  2.25149   -8.48311  1.000 25.88085 ? 112 PRO A CD  1 
ATOM   488 N  N   . GLU A 1 60 ? 13.53519  0.40071   -10.97306 1.000 31.49831 ? 113 GLU A N   1 
ATOM   489 C  CA  . GLU A 1 60 ? 12.90410  -0.49468  -11.93469 1.000 33.30121 ? 113 GLU A CA  1 
ATOM   490 C  C   . GLU A 1 60 ? 11.45871  -0.78873  -11.55474 1.000 30.82429 ? 113 GLU A C   1 
ATOM   491 O  O   . GLU A 1 60 ? 10.63069  -1.06672  -12.43035 1.000 31.49497 ? 113 GLU A O   1 
ATOM   492 C  CB  . GLU A 1 60 ? 13.69425  -1.80127  -12.00224 1.000 38.58399 ? 113 GLU A CB  1 
ATOM   493 C  CG  . GLU A 1 60 ? 14.53275  -2.02763  -13.24266 1.000 44.35187 ? 113 GLU A CG  1 
ATOM   494 C  CD  . GLU A 1 60 ? 15.44343  -3.23538  -13.08588 0.241 48.21851 ? 113 GLU A CD  1 
ATOM   495 O  OE1 . GLU A 1 60 ? 15.04880  -4.19004  -12.38058 1.000 50.62322 ? 113 GLU A OE1 1 
ATOM   496 O  OE2 . GLU A 1 60 ? 16.55806  -3.22494  -13.65187 1.000 49.33862 ? 113 GLU A OE2 1 
ATOM   497 N  N   . LEU A 1 61 ? 11.14142  -0.73327  -10.26177 1.000 27.39989 ? 114 LEU A N   1 
ATOM   498 C  CA  . LEU A 1 61 ? 9.86315   -1.21854  -9.76384  1.000 23.30052 ? 114 LEU A CA  1 
ATOM   499 C  C   . LEU A 1 61 ? 8.74684   -0.23252  -10.06187 1.000 20.40560 ? 114 LEU A C   1 
ATOM   500 O  O   . LEU A 1 61 ? 8.93429   0.98496   -10.00449 1.000 21.76231 ? 114 LEU A O   1 
ATOM   501 C  CB  . LEU A 1 61 ? 9.92788   -1.47220  -8.25520  1.000 21.22249 ? 114 LEU A CB  1 
ATOM   502 C  CG  . LEU A 1 61 ? 10.78462  -2.64576  -7.77306  1.000 22.98249 ? 114 LEU A CG  1 
ATOM   503 C  CD1 . LEU A 1 61 ? 10.92607  -2.61758  -6.26257  1.000 23.00490 ? 114 LEU A CD1 1 
ATOM   504 C  CD2 . LEU A 1 61 ? 10.18173  -3.95781  -8.22498  1.000 25.40658 ? 114 LEU A CD2 1 
ATOM   505 N  N   . GLN A 1 62 ? 7.58080   -0.77539  -10.38608 1.000 18.51926 ? 115 GLN A N   1 
ATOM   506 C  CA  . GLN A 1 62 ? 6.35418   -0.00911  -10.50690 1.000 19.96594 ? 115 GLN A CA  1 
ATOM   507 C  C   . GLN A 1 62 ? 5.23234   -0.87320  -9.96761  1.000 18.52329 ? 115 GLN A C   1 
ATOM   508 O  O   . GLN A 1 62 ? 5.26087   -2.09759  -10.12632 1.000 19.53300 ? 115 GLN A O   1 
ATOM   509 C  CB  . GLN A 1 62 ? 6.05199   0.38117   -11.95961 1.000 24.50313 ? 115 GLN A CB  1 
ATOM   510 C  CG  . GLN A 1 62 ? 6.63904   1.70525   -12.39486 0.690 29.62225 ? 115 GLN A CG  1 
ATOM   511 C  CD  . GLN A 1 62 ? 6.02251   2.20232   -13.68513 1.000 35.51044 ? 115 GLN A CD  1 
ATOM   512 O  OE1 . GLN A 1 62 ? 6.14923   1.56775   -14.73216 1.000 39.75310 ? 115 GLN A OE1 1 
ATOM   513 N  NE2 . GLN A 1 62 ? 5.34835   3.34227   -13.61683 0.528 34.69978 ? 115 GLN A NE2 1 
ATOM   514 N  N   . THR A 1 63 ? 4.26530   -0.24160  -9.30648  1.000 16.23886 ? 116 THR A N   1 
ATOM   515 C  CA  . THR A 1 63 ? 3.04938   -0.94715  -8.93216  1.000 15.24125 ? 116 THR A CA  1 
ATOM   516 C  C   . THR A 1 63 ? 2.45414   -1.62778  -10.16172 1.000 15.51746 ? 116 THR A C   1 
ATOM   517 O  O   . THR A 1 63 ? 2.41972   -1.05081  -11.25240 1.000 17.51858 ? 116 THR A O   1 
ATOM   518 C  CB  . THR A 1 63 ? 2.05935   0.03577   -8.30399  1.000 14.52655 ? 116 THR A CB  1 
ATOM   519 O  OG1 . THR A 1 63 ? 2.57823   0.47824   -7.04450  1.000 15.31946 ? 116 THR A OG1 1 
ATOM   520 C  CG2 . THR A 1 63 ? 0.69999   -0.61452  -8.08605  1.000 17.26109 ? 116 THR A CG2 1 
ATOM   521 N  N   . ILE A 1 64 ? 2.02871   -2.87975  -9.99061  1.000 16.17124 ? 117 ILE A N   1 
ATOM   522 C  CA  . ILE A 1 64 ? 1.57625   -3.72999  -11.08787 1.000 17.45042 ? 117 ILE A CA  1 
ATOM   523 C  C   . ILE A 1 64 ? 0.06175   -3.86525  -11.01396 1.000 15.63905 ? 117 ILE A C   1 
ATOM   524 O  O   . ILE A 1 64 ? -0.48713  -4.23638  -9.96773  1.000 17.29615 ? 117 ILE A O   1 
ATOM   525 C  CB  . ILE A 1 64 ? 2.26038   -5.10701  -11.04003 1.000 18.58735 ? 117 ILE A CB  1 
ATOM   526 C  CG1 . ILE A 1 64 ? 3.77170   -4.94665  -11.22447 1.000 20.57678 ? 117 ILE A CG1 1 
ATOM   527 C  CG2 . ILE A 1 64 ? 1.65718   -6.05538  -12.07238 1.000 19.76733 ? 117 ILE A CG2 1 
ATOM   528 C  CD1 . ILE A 1 64 ? 4.55085   -6.21406  -11.02546 1.000 23.35034 ? 117 ILE A CD1 1 
ATOM   529 N  N   . PHE A 1 65 ? -0.60850  -3.57909  -12.12391 1.000 15.43073 ? 118 PHE A N   1 
ATOM   530 C  CA  . PHE A 1 65 ? -2.06122  -3.53059  -12.15866 1.000 15.67430 ? 118 PHE A CA  1 
ATOM   531 C  C   . PHE A 1 65 ? -2.63181  -4.77100  -12.83274 1.000 20.32244 ? 118 PHE A C   1 
ATOM   532 O  O   . PHE A 1 65 ? -1.91484  -5.56806  -13.43784 1.000 24.88218 ? 118 PHE A O   1 
ATOM   533 C  CB  . PHE A 1 65 ? -2.52203  -2.24454  -12.84820 1.000 15.50928 ? 118 PHE A CB  1 
ATOM   534 C  CG  . PHE A 1 65 ? -2.21161  -1.01724  -12.04510 1.000 16.13568 ? 118 PHE A CG  1 
ATOM   535 C  CD1 . PHE A 1 65 ? -0.93253  -0.48627  -12.04341 1.000 15.60790 ? 118 PHE A CD1 1 
ATOM   536 C  CD2 . PHE A 1 65 ? -3.17883  -0.42268  -11.25166 1.000 16.47472 ? 118 PHE A CD2 1 
ATOM   537 C  CE1 . PHE A 1 65 ? -0.62708  0.62524   -11.27886 1.000 16.62591 ? 118 PHE A CE1 1 
ATOM   538 C  CE2 . PHE A 1 65 ? -2.88166  0.69688   -10.49000 1.000 17.03801 ? 118 PHE A CE2 1 
ATOM   539 C  CZ  . PHE A 1 65 ? -1.60604  1.21816   -10.50015 1.000 16.09414 ? 118 PHE A CZ  1 
ATOM   540 N  N   . ARG A 1 66 ? -3.94185  -4.94127  -12.68845 1.000 18.62483 ? 119 ARG A N   1 
ATOM   541 C  CA  . ARG A 1 66 ? -4.64184  -6.10244  -13.23103 1.000 21.05542 ? 119 ARG A CA  1 
ATOM   542 C  C   . ARG A 1 66 ? -6.05408  -5.72028  -13.65775 1.000 21.67349 ? 119 ARG A C   1 
ATOM   543 O  O   . ARG A 1 66 ? -6.67015  -6.38545  -14.49294 1.000 23.28478 ? 119 ARG A O   1 
ATOM   544 C  CB  . ARG A 1 66 ? -4.69862  -7.22865  -12.19936 1.000 22.52600 ? 119 ARG A CB  1 
ATOM   545 C  CG  . ARG A 1 66 ? -5.77141  -7.02535  -11.14038 1.000 22.80505 ? 119 ARG A CG  1 
ATOM   546 C  CD  . ARG A 1 66 ? -5.55127  -7.91918  -9.93666  1.000 22.76815 ? 119 ARG A CD  1 
ATOM   547 N  NE  . ARG A 1 66 ? -6.36144  -7.49909  -8.79923  1.000 22.47602 ? 119 ARG A NE  1 
ATOM   548 C  CZ  . ARG A 1 66 ? -6.32646  -8.07584  -7.60479  1.000 22.86738 ? 119 ARG A CZ  1 
ATOM   549 N  NH1 . ARG A 1 66 ? -5.51394  -9.09014  -7.35095  1.000 27.49849 ? 119 ARG A NH1 1 
ATOM   550 N  NH2 . ARG A 1 66 ? -7.12649  -7.62493  -6.64067  1.000 21.79166 ? 119 ARG A NH2 1 
ATOM   551 O  OXT . ARG A 1 66 ? -6.61545  -4.73749  -13.15836 1.000 21.70642 ? 119 ARG A OXT 1 
ATOM   552 N  N   . ALA B 2 1  ? -3.98180  -7.27577  -4.82638  1.000 21.17439 ? 1   ALA D N   1 
ATOM   553 C  CA  . ALA B 2 1  ? -2.98711  -6.98982  -3.80397  1.000 20.17155 ? 1   ALA D CA  1 
ATOM   554 C  C   . ALA B 2 1  ? -3.50529  -7.42891  -2.44360  1.000 21.91123 ? 1   ALA D C   1 
ATOM   555 O  O   . ALA B 2 1  ? -4.69480  -7.70578  -2.27602  1.000 20.92850 ? 1   ALA D O   1 
ATOM   556 C  CB  . ALA B 2 1  ? -2.64110  -5.51059  -3.78911  1.000 22.77284 ? 1   ALA D CB  1 
ATOM   557 N  N   . ARG B 2 2  ? -2.60984  -7.50127  -1.46723  1.000 19.10553 ? 2   ARG D N   1 
ATOM   558 C  CA  . ARG B 2 2  ? -3.02537  -7.77861  -0.10251  1.000 19.69160 ? 2   ARG D CA  1 
ATOM   559 C  C   . ARG B 2 2  ? -3.52578  -6.48153  0.51013   1.000 17.41402 ? 2   ARG D C   1 
ATOM   560 O  O   . ARG B 2 2  ? -2.79427  -5.48623  0.55870   1.000 18.82560 ? 2   ARG D O   1 
ATOM   561 C  CB  . ARG B 2 2  ? -1.87583  -8.38622  0.69343   1.000 21.51129 ? 2   ARG D CB  1 
ATOM   562 C  CG  . ARG B 2 2  ? -1.19929  -9.53153  -0.05495  1.000 26.16204 ? 2   ARG D CG  1 
ATOM   563 C  CD  . ARG B 2 2  ? 0.05028   -9.97095  0.65492   0.789 27.43967 ? 2   ARG D CD  1 
ATOM   564 N  NE  . ARG B 2 2  ? 1.15333   -9.07239  0.34587   0.669 27.79323 ? 2   ARG D NE  1 
ATOM   565 C  CZ  . ARG B 2 2  ? 1.72993   -8.28428  1.24023   0.319 29.36689 ? 2   ARG D CZ  1 
ATOM   566 N  NH1 . ARG B 2 2  ? 1.31694   -8.25030  2.49526   1.000 33.24635 ? 2   ARG D NH1 1 
ATOM   567 N  NH2 . ARG B 2 2  ? 2.73461   -7.50176  0.86393   1.000 27.75090 ? 2   ARG D NH2 1 
ATOM   568 N  N   . THR B 2 3  ? -4.79170  -6.47506  0.90865   1.000 17.79957 ? 3   THR D N   1 
ATOM   569 C  CA  . THR B 2 3  ? -5.40089  -5.30392  1.51475   1.000 18.19505 ? 3   THR D CA  1 
ATOM   570 C  C   . THR B 2 3  ? -6.12393  -5.72478  2.78146   1.000 19.80173 ? 3   THR D C   1 
ATOM   571 O  O   . THR B 2 3  ? -6.38445  -6.90837  2.99880   1.000 20.97323 ? 3   THR D O   1 
ATOM   572 C  CB  . THR B 2 3  ? -6.39389  -4.60523  0.56876   1.000 19.18157 ? 3   THR D CB  1 
ATOM   573 O  OG1 . THR B 2 3  ? -7.47168  -5.49905  0.25873   1.000 22.82534 ? 3   THR D OG1 1 
ATOM   574 C  CG2 . THR B 2 3  ? -5.69874  -4.17720  -0.71946  1.000 20.16732 ? 3   THR D CG2 1 
HETATM 575 N  N   . M3L B 2 4  ? -6.44903  -4.74618  3.61263   1.000 18.52757 ? 4   M3L D N   1 
HETATM 576 C  CA  . M3L B 2 4  ? -7.15432  -4.98966  4.83521   1.000 22.51637 ? 4   M3L D CA  1 
HETATM 577 C  CB  . M3L B 2 4  ? -6.19813  -5.13838  6.02939   1.000 26.13932 ? 4   M3L D CB  1 
HETATM 578 C  CG  . M3L B 2 4  ? -5.80247  -6.57662  6.26959   1.000 33.30586 ? 4   M3L D CG  1 
HETATM 579 C  CD  . M3L B 2 4  ? -4.60964  -6.64430  7.21055   0.604 37.83251 ? 4   M3L D CD  1 
HETATM 580 C  CE  . M3L B 2 4  ? -4.81895  -5.64876  8.34775   1.000 41.42712 ? 4   M3L D CE  1 
HETATM 581 N  NZ  . M3L B 2 4  ? -4.31152  -6.04119  9.71871   0.737 43.10992 ? 4   M3L D NZ  1 
HETATM 582 C  C   . M3L B 2 4  ? -8.11704  -3.86404  5.15682   1.000 22.23701 ? 4   M3L D C   1 
HETATM 583 O  O   . M3L B 2 4  ? -7.86572  -2.69058  4.86850   1.000 20.93482 ? 4   M3L D O   1 
HETATM 584 C  CM1 . M3L B 2 4  ? -5.07991  -7.19223  10.27301  1.000 43.97316 ? 4   M3L D CM1 1 
HETATM 585 C  CM2 . M3L B 2 4  ? -4.38972  -4.88979  10.66747  1.000 44.05497 ? 4   M3L D CM2 1 
HETATM 586 C  CM3 . M3L B 2 4  ? -2.88306  -6.46488  9.57661   1.000 42.07169 ? 4   M3L D CM3 1 
ATOM   587 N  N   A GLN B 2 5  ? -9.23999  -4.22712  5.77164   0.719 23.05000 ? 5   GLN D N   1 
ATOM   588 N  N   B GLN B 2 5  ? -9.24867  -4.26462  5.73504   0.281 23.18000 ? 5   GLN D N   1 
ATOM   589 C  CA  A GLN B 2 5  ? -10.19586 -3.26656  6.32768   0.719 26.66000 ? 5   GLN D CA  1 
ATOM   590 C  CA  B GLN B 2 5  ? -10.24810 -3.36016  6.29275   0.281 26.67000 ? 5   GLN D CA  1 
ATOM   591 C  C   A GLN B 2 5  ? -10.78408 -2.28519  5.30624   0.719 26.90000 ? 5   GLN D C   1 
ATOM   592 C  C   B GLN B 2 5  ? -10.74138 -2.31195  5.30196   0.281 26.90000 ? 5   GLN D C   1 
ATOM   593 O  O   A GLN B 2 5  ? -10.90365 -1.08969  5.58261   0.719 27.83000 ? 5   GLN D O   1 
ATOM   594 O  O   B GLN B 2 5  ? -10.73912 -1.11338  5.58517   0.281 27.86000 ? 5   GLN D O   1 
ATOM   595 C  CB  A GLN B 2 5  ? -9.53925  -2.47811  7.47050   0.719 29.77000 ? 5   GLN D CB  1 
ATOM   596 C  CB  B GLN B 2 5  ? -9.68014  -2.70055  7.54853   0.281 29.76000 ? 5   GLN D CB  1 
ATOM   597 C  CG  A GLN B 2 5  ? -8.69848  -3.32538  8.42925   0.719 29.04000 ? 5   GLN D CG  1 
ATOM   598 C  CG  B GLN B 2 5  ? -9.43450  -3.71371  8.65360   0.281 28.76000 ? 5   GLN D CG  1 
ATOM   599 C  CD  A GLN B 2 5  ? -9.53792  -4.06663  9.45553   0.719 34.05000 ? 5   GLN D CD  1 
ATOM   600 C  CD  B GLN B 2 5  ? -7.97200  -3.84287  9.01147   0.281 30.53000 ? 5   GLN D CD  1 
ATOM   601 O  OE1 A GLN B 2 5  ? -10.75371 -3.88832  9.52330   0.719 40.69000 ? 5   GLN D OE1 1 
ATOM   602 O  OE1 B GLN B 2 5  ? -7.58532  -4.71851  9.78391   0.281 29.75000 ? 5   GLN D OE1 1 
ATOM   603 N  NE2 A GLN B 2 5  ? -8.88842  -4.89346  10.27062  0.719 30.25000 ? 5   GLN D NE2 1 
ATOM   604 N  NE2 B GLN B 2 5  ? -7.14636  -2.96797  8.44795   0.281 20.77000 ? 5   GLN D NE2 1 
ATOM   605 N  N   . THR B 2 6  ? -11.17146 -2.78408  4.13682   1.000 28.43511 ? 6   THR D N   1 
ATOM   606 C  CA  . THR B 2 6  ? -11.80367 -1.92237  3.14798   1.000 30.17064 ? 6   THR D CA  1 
ATOM   607 C  C   . THR B 2 6  ? -13.23081 -1.59594  3.57619   1.000 34.74077 ? 6   THR D C   1 
ATOM   608 O  O   . THR B 2 6  ? -13.93104 -2.43871  4.14535   1.000 37.99747 ? 6   THR D O   1 
ATOM   609 C  CB  . THR B 2 6  ? -11.81374 -2.59722  1.77475   1.000 30.03534 ? 6   THR D CB  1 
ATOM   610 N  N   . ALA B 2 7  ? -13.65735 -0.35688  3.31300   1.000 35.39718 ? 7   ALA D N   1 
ATOM   611 C  CA  . ALA B 2 7  ? -15.04658 0.00473   3.57362   1.000 37.45297 ? 7   ALA D CA  1 
ATOM   612 C  C   . ALA B 2 7  ? -15.99746 -0.82219  2.71988   1.000 41.01208 ? 7   ALA D C   1 
ATOM   613 O  O   . ALA B 2 7  ? -17.10612 -1.14741  3.16470   1.000 43.11122 ? 7   ALA D O   1 
ATOM   614 C  CB  . ALA B 2 7  ? -15.26269 1.49874   3.32602   1.000 37.14974 ? 7   ALA D CB  1 
ATOM   615 N  N   . ARG B 2 8  ? -15.57551 -1.16810  1.49781   1.000 41.75342 ? 8   ARG D N   1 
ATOM   616 C  CA  . ARG B 2 8  ? -16.31638 -2.05975  0.59774   1.000 41.17580 ? 8   ARG D CA  1 
ATOM   617 C  C   . ARG B 2 8  ? -17.77530 -1.63244  0.45343   1.000 46.56717 ? 8   ARG D C   1 
ATOM   618 O  O   . ARG B 2 8  ? -18.68628 -2.46106  0.38829   1.000 46.81602 ? 8   ARG D O   1 
ATOM   619 C  CB  . ARG B 2 8  ? -16.21583 -3.51480  1.06207   1.000 34.60029 ? 8   ARG D CB  1 
ATOM   620 N  N   . LYS B 2 9  ? -17.99711 -0.32263  0.40446   1.000 49.69424 ? 9   LYS D N   1 
ATOM   621 C  CA  . LYS B 2 9  ? -19.34400 0.22161   0.29203   1.000 51.25289 ? 9   LYS D CA  1 
ATOM   622 C  C   . LYS B 2 9  ? -19.79760 0.24288   -1.16322  1.000 51.68244 ? 9   LYS D C   1 
ATOM   623 O  O   . LYS B 2 9  ? -20.46324 -0.68324  -1.62739  1.000 52.44558 ? 9   LYS D O   1 
ATOM   624 C  CB  . LYS B 2 9  ? -19.40522 1.62927   0.89039   1.000 51.75323 ? 9   LYS D CB  1 
HETATM 625 S  S   . DMS C 3 .  ? 2.59081   -8.71995  5.10564   0.774 56.01000 ? 201 DMS A S   1 
HETATM 626 O  O   . DMS C 3 .  ? 2.33138   -7.47895  4.31029   0.774 45.93000 ? 201 DMS A O   1 
HETATM 627 C  C1  . DMS C 3 .  ? 3.03604   -8.26993  6.80656   0.774 59.36000 ? 201 DMS A C1  1 
HETATM 628 C  C2  . DMS C 3 .  ? 1.03287   -9.60198  5.40558   0.774 57.50000 ? 201 DMS A C2  1 
HETATM 629 ZN ZN  . ZN  D 4 .  ? -2.91089  1.90050   10.92723  1.000 18.27000 ? 202 ZN  A ZN  1 
HETATM 630 ZN ZN  . ZN  E 4 .  ? 7.89167   -1.22690  0.12218   1.000 16.46000 ? 203 ZN  A ZN  1 
HETATM 631 ZN ZN  . ZN  F 4 .  ? -8.52230  -4.67776  -13.38811 0.815 20.25000 ? 204 ZN  A ZN  1 
HETATM 632 S  S   . SO4 G 5 .  ? 4.35557   6.73896   -5.56083  1.000 16.06000 ? 205 SO4 A S   1 
HETATM 633 O  O1  . SO4 G 5 .  ? 3.50436   7.81677   -5.06425  1.000 17.25000 ? 205 SO4 A O1  1 
HETATM 634 O  O2  . SO4 G 5 .  ? 4.26067   6.62363   -7.00737  1.000 16.04000 ? 205 SO4 A O2  1 
HETATM 635 O  O3  . SO4 G 5 .  ? 5.74034   7.00938   -5.17518  1.000 19.24000 ? 205 SO4 A O3  1 
HETATM 636 O  O4  . SO4 G 5 .  ? 3.91386   5.47420   -4.97577  1.000 17.66000 ? 205 SO4 A O4  1 
HETATM 637 S  S   . SO4 H 5 .  ? -11.85258 5.39737   -0.30066  0.602 18.26000 ? 206 SO4 A S   1 
HETATM 638 O  O1  . SO4 H 5 .  ? -11.00962 5.74624   0.83801   0.602 41.43000 ? 206 SO4 A O1  1 
HETATM 639 O  O2  . SO4 H 5 .  ? -12.22229 6.60993   -1.02381  0.602 26.56000 ? 206 SO4 A O2  1 
HETATM 640 O  O3  . SO4 H 5 .  ? -11.13278 4.52405   -1.21998  0.602 21.69000 ? 206 SO4 A O3  1 
HETATM 641 O  O4  . SO4 H 5 .  ? -13.05472 4.71429   0.17693   0.602 25.61000 ? 206 SO4 A O4  1 
HETATM 642 O  O   . HOH I 6 .  ? 4.70162   -9.91311  -1.13686  1.000 41.74000 ? 301 HOH A O   1 
HETATM 643 O  O   . HOH I 6 .  ? 4.73202   5.29598   -14.55048 1.000 19.49000 ? 302 HOH A O   1 
HETATM 644 O  O   . HOH I 6 .  ? 0.10513   -8.82976  -3.83219  1.000 35.93000 ? 303 HOH A O   1 
HETATM 645 O  O   . HOH I 6 .  ? 0.69783   6.09812   8.78524   1.000 25.07000 ? 304 HOH A O   1 
HETATM 646 O  O   . HOH I 6 .  ? -6.73634  5.99238   -6.40525  1.000 20.17000 ? 305 HOH A O   1 
HETATM 647 O  O   . HOH I 6 .  ? 8.85069   6.90193   0.99788   1.000 34.61000 ? 306 HOH A O   1 
HETATM 648 O  O   . HOH I 6 .  ? 0.05937   -6.27524  -2.09787  1.000 29.58000 ? 307 HOH A O   1 
HETATM 649 O  O   . HOH I 6 .  ? 9.84041   3.36529   -10.11700 1.000 39.38000 ? 308 HOH A O   1 
HETATM 650 O  O   . HOH I 6 .  ? 9.16380   -5.67205  6.44071   1.000 21.26000 ? 309 HOH A O   1 
HETATM 651 O  O   . HOH I 6 .  ? 11.61451  -0.20499  1.04242   1.000 28.15000 ? 310 HOH A O   1 
HETATM 652 O  O   . HOH I 6 .  ? 3.00799   5.17915   -2.56117  1.000 20.87000 ? 311 HOH A O   1 
HETATM 653 O  O   . HOH I 6 .  ? 7.90321   7.03102   -6.65186  1.000 19.59000 ? 312 HOH A O   1 
HETATM 654 O  O   . HOH I 6 .  ? 11.55882  4.06097   5.67700   1.000 48.43000 ? 313 HOH A O   1 
HETATM 655 O  O   . HOH I 6 .  ? 3.72696   -2.70807  8.43482   1.000 21.88000 ? 314 HOH A O   1 
HETATM 656 O  O   . HOH I 6 .  ? 7.15815   -3.68808  -11.06762 1.000 29.52000 ? 315 HOH A O   1 
HETATM 657 O  O   . HOH I 6 .  ? 3.21135   -1.54031  -13.74397 1.000 22.33000 ? 316 HOH A O   1 
HETATM 658 O  O   . HOH I 6 .  ? 7.62729   -8.55074  -5.13878  1.000 29.60000 ? 317 HOH A O   1 
HETATM 659 O  O   . HOH I 6 .  ? 5.06087   8.57892   -8.64317  1.000 16.11000 ? 318 HOH A O   1 
HETATM 660 O  O   . HOH I 6 .  ? 18.27469  -0.85189  -7.26327  1.000 30.24000 ? 319 HOH A O   1 
HETATM 661 O  O   . HOH I 6 .  ? 7.24988   4.82593   9.73579   1.000 44.49000 ? 320 HOH A O   1 
HETATM 662 O  O   . HOH I 6 .  ? 10.24794  -1.09103  6.95823   1.000 40.67000 ? 321 HOH A O   1 
HETATM 663 O  O   . HOH I 6 .  ? 12.92465  -2.04270  -3.73034  1.000 42.89000 ? 322 HOH A O   1 
HETATM 664 O  O   . HOH I 6 .  ? -11.19470 3.73547   3.14636   1.000 18.20000 ? 323 HOH A O   1 
HETATM 665 O  O   . HOH I 6 .  ? 1.39884   11.17479  1.45966   1.000 21.73000 ? 324 HOH A O   1 
HETATM 666 O  O   . HOH I 6 .  ? -1.78723  -8.20422  -14.11092 1.000 38.98000 ? 325 HOH A O   1 
HETATM 667 O  O   . HOH I 6 .  ? -9.28475  9.00997   4.67985   1.000 15.12000 ? 326 HOH A O   1 
HETATM 668 O  O   . HOH I 6 .  ? -10.42340 7.26133   3.02903   1.000 23.06000 ? 327 HOH A O   1 
HETATM 669 O  O   . HOH I 6 .  ? 4.71923   4.71728   -0.00321  1.000 19.31000 ? 328 HOH A O   1 
HETATM 670 O  O   . HOH I 6 .  ? 1.99469   6.13080   -8.46078  1.000 13.59000 ? 329 HOH A O   1 
HETATM 671 O  O   . HOH I 6 .  ? 12.92956  -2.73588  -1.64663  1.000 39.42000 ? 330 HOH A O   1 
HETATM 672 O  O   . HOH I 6 .  ? -6.29083  -5.71048  -4.15611  1.000 25.95000 ? 331 HOH A O   1 
HETATM 673 O  O   . HOH I 6 .  ? -4.96733  9.44513   -5.79009  1.000 20.47000 ? 332 HOH A O   1 
HETATM 674 O  O   . HOH I 6 .  ? 8.42208   9.53516   6.74881   1.000 30.97000 ? 333 HOH A O   1 
HETATM 675 O  O   . HOH I 6 .  ? -5.76130  9.85843   -0.67908  1.000 26.91000 ? 334 HOH A O   1 
HETATM 676 O  O   . HOH I 6 .  ? 1.51167   8.35959   -3.16624  1.000 17.19000 ? 335 HOH A O   1 
HETATM 677 O  O   . HOH I 6 .  ? -6.87733  4.46620   4.38823   1.000 14.40000 ? 336 HOH A O   1 
HETATM 678 O  O   . HOH I 6 .  ? 1.52640   3.09161   -6.70326  1.000 17.85000 ? 337 HOH A O   1 
HETATM 679 O  O   . HOH I 6 .  ? -6.26176  -9.05894  -15.35884 1.000 42.94000 ? 338 HOH A O   1 
HETATM 680 O  O   . HOH I 6 .  ? -8.87250  4.97941   2.57298   1.000 18.25000 ? 339 HOH A O   1 
HETATM 681 O  O   . HOH I 6 .  ? 10.10934  6.44443   -5.40808  1.000 20.40000 ? 340 HOH A O   1 
HETATM 682 O  O   . HOH I 6 .  ? 8.47375   13.00748  4.66700   1.000 35.04000 ? 341 HOH A O   1 
HETATM 683 O  O   . HOH I 6 .  ? -10.29583 -2.52981  -2.37509  1.000 29.38000 ? 342 HOH A O   1 
HETATM 684 O  O   . HOH I 6 .  ? 0.88065   4.64210   11.62899  1.000 32.84000 ? 343 HOH A O   1 
HETATM 685 O  O   . HOH I 6 .  ? -1.14503  -3.35471  10.71515  1.000 40.79000 ? 344 HOH A O   1 
HETATM 686 O  O   . HOH I 6 .  ? 0.84459   -2.96687  -14.60300 1.000 24.65000 ? 345 HOH A O   1 
HETATM 687 O  O   . HOH I 6 .  ? -12.84940 3.84906   -3.81047  1.000 19.42000 ? 346 HOH A O   1 
HETATM 688 O  O   . HOH I 6 .  ? 8.06259   -6.43674  -9.73328  1.000 29.16000 ? 347 HOH A O   1 
HETATM 689 O  O   . HOH I 6 .  ? 16.08138  6.33309   -6.78548  1.000 48.56000 ? 348 HOH A O   1 
HETATM 690 O  O   . HOH I 6 .  ? 1.59969   2.69567   13.37587  1.000 27.10000 ? 349 HOH A O   1 
HETATM 691 O  O   . HOH I 6 .  ? -10.59915 6.00113   -8.01263  1.000 37.72000 ? 350 HOH A O   1 
HETATM 692 O  O   . HOH I 6 .  ? 10.98393  13.74059  2.84083   1.000 41.11000 ? 351 HOH A O   1 
HETATM 693 O  O   . HOH I 6 .  ? 7.17321   4.59167   1.18682   1.000 17.47000 ? 352 HOH A O   1 
HETATM 694 O  O   . HOH I 6 .  ? -0.75046  0.36299   18.23116  1.000 34.88000 ? 353 HOH A O   1 
HETATM 695 O  O   . HOH I 6 .  ? 0.80563   4.99209   -4.91450  1.000 18.31000 ? 354 HOH A O   1 
HETATM 696 O  O   . HOH I 6 .  ? -7.60387  2.48539   13.27789  1.000 24.27000 ? 355 HOH A O   1 
HETATM 697 O  O   . HOH I 6 .  ? -1.95165  11.20052  -0.70262  1.000 32.11000 ? 356 HOH A O   1 
HETATM 698 O  O   . HOH I 6 .  ? 14.46178  4.44735   -0.07492  1.000 39.22000 ? 357 HOH A O   1 
HETATM 699 O  O   . HOH I 6 .  ? 0.95995   -9.12713  -14.58154 1.000 30.31000 ? 358 HOH A O   1 
HETATM 700 O  O   . HOH I 6 .  ? -13.02986 5.78690   3.81170   1.000 23.21000 ? 359 HOH A O   1 
HETATM 701 O  O   . HOH I 6 .  ? -12.92204 5.78366   -5.64518  1.000 39.20000 ? 360 HOH A O   1 
HETATM 702 O  O   . HOH I 6 .  ? 12.15532  7.07704   -7.43889  1.000 40.49000 ? 361 HOH A O   1 
HETATM 703 O  O   . HOH I 6 .  ? 0.49004   -4.65304  11.51145  1.000 43.37000 ? 362 HOH A O   1 
HETATM 704 O  O   . HOH I 6 .  ? 11.05454  9.02873   -4.51053  1.000 40.73000 ? 363 HOH A O   1 
HETATM 705 O  O   . HOH I 6 .  ? -4.62998  1.65982   15.24398  1.000 39.16000 ? 364 HOH A O   1 
HETATM 706 O  O   . HOH I 6 .  ? -14.98412 2.39740   -3.12243  1.000 34.04000 ? 365 HOH A O   1 
HETATM 707 O  O   . HOH I 6 .  ? 19.37049  -0.03598  -9.01192  1.000 45.15000 ? 366 HOH A O   1 
HETATM 708 O  O   . HOH J 6 .  ? -9.94067  -5.67469  0.83152   1.000 40.67000 ? 101 HOH D O   1 
HETATM 709 O  O   . HOH J 6 .  ? -6.73973  -7.98728  -0.69470  1.000 27.62000 ? 102 HOH D O   1 
HETATM 710 O  O   . HOH J 6 .  ? -11.37024 -5.54059  3.25329   1.000 33.67000 ? 103 HOH D O   1 
HETATM 711 O  O   . HOH J 6 .  ? -15.87840 1.65292   -0.16955  1.000 48.28000 ? 104 HOH D O   1 
# 
loop_
_atom_site_anisotrop.id 
_atom_site_anisotrop.type_symbol 
_atom_site_anisotrop.pdbx_label_atom_id 
_atom_site_anisotrop.pdbx_label_alt_id 
_atom_site_anisotrop.pdbx_label_comp_id 
_atom_site_anisotrop.pdbx_label_asym_id 
_atom_site_anisotrop.pdbx_label_seq_id 
_atom_site_anisotrop.pdbx_PDB_ins_code 
_atom_site_anisotrop.U[1][1] 
_atom_site_anisotrop.U[2][2] 
_atom_site_anisotrop.U[3][3] 
_atom_site_anisotrop.U[1][2] 
_atom_site_anisotrop.U[1][3] 
_atom_site_anisotrop.U[2][3] 
_atom_site_anisotrop.pdbx_auth_seq_id 
_atom_site_anisotrop.pdbx_auth_comp_id 
_atom_site_anisotrop.pdbx_auth_asym_id 
_atom_site_anisotrop.pdbx_auth_atom_id 
1   N N   . GLN A 4  ? 0.60515 0.50799 0.54260 -0.09361 -0.06049 0.02117  57  GLN A N   
2   C CA  . GLN A 4  ? 0.54363 0.50040 0.54132 -0.10799 -0.03813 0.02267  57  GLN A CA  
3   C C   . GLN A 4  ? 0.43944 0.46548 0.52217 -0.06383 -0.01110 -0.05178 57  GLN A C   
4   O O   . GLN A 4  ? 0.39505 0.50175 0.52228 0.00164  -0.00467 -0.06222 57  GLN A O   
5   C CB  . GLN A 4  ? 0.54355 0.50876 0.55816 -0.14317 -0.01767 0.05424  57  GLN A CB  
6   C CG  . GLN A 4  ? 0.52734 0.49170 0.56785 -0.12924 0.00942  0.01123  57  GLN A CG  
7   C CD  . GLN A 4  ? 0.50339 0.47523 0.55342 -0.09137 0.07990  -0.00095 57  GLN A CD  
8   O OE1 . GLN A 4  ? 0.52827 0.49875 0.53662 -0.03087 0.11051  -0.01467 57  GLN A OE1 
9   N NE2 . GLN A 4  ? 0.43228 0.40323 0.50838 -0.12666 0.09746  -0.04355 57  GLN A NE2 
10  N N   . GLU A 5  ? 0.36376 0.38403 0.50118 -0.08444 0.05470  -0.05902 58  GLU A N   
11  C CA  . GLU A 5  ? 0.35126 0.34915 0.49382 -0.07785 0.05119  -0.03598 58  GLU A CA  
12  C C   . GLU A 5  ? 0.30118 0.33207 0.44449 -0.07348 0.02166  -0.01868 58  GLU A C   
13  O O   . GLU A 5  ? 0.31502 0.29116 0.47040 -0.05156 0.00515  -0.07852 58  GLU A O   
14  C CB  . GLU A 5  ? 0.39731 0.37203 0.53942 -0.07881 0.03898  0.00656  58  GLU A CB  
15  C CG  . GLU A 5  ? 0.41964 0.39266 0.54704 -0.05034 0.03654  0.01557  58  GLU A CG  
16  C CD  . GLU A 5  ? 0.39036 0.40005 0.56175 -0.01670 0.04445  -0.00431 58  GLU A CD  
17  O OE1 . GLU A 5  ? 0.35553 0.39343 0.46170 -0.05125 0.09449  0.03592  58  GLU A OE1 
18  O OE2 . GLU A 5  ? 0.38705 0.40916 0.64662 0.03567  0.02424  -0.04250 58  GLU A OE2 
19  N N   . ASP A 6  ? 0.28813 0.35654 0.39995 -0.06520 0.03495  0.03392  59  ASP A N   
20  C CA  . ASP A 6  ? 0.28610 0.35940 0.38465 -0.03435 0.02106  0.03510  59  ASP A CA  
21  C C   . ASP A 6  ? 0.26338 0.29808 0.39180 -0.04541 0.01760  0.00962  59  ASP A C   
22  O O   . ASP A 6  ? 0.33310 0.30825 0.46438 -0.04773 0.04594  0.02747  59  ASP A O   
23  C CB  . ASP A 6  ? 0.33379 0.44332 0.41723 -0.00144 -0.01082 0.03927  59  ASP A CB  
24  C CG  . ASP A 6  ? 0.39856 0.54226 0.50597 0.02940  0.00323  0.04225  59  ASP A CG  
25  O OD1 . ASP A 6  ? 0.42671 0.57233 0.58316 0.02885  -0.04607 0.04005  59  ASP A OD1 
26  O OD2 . ASP A 6  ? 0.44866 0.58976 0.56435 0.04367  0.00995  0.02520  59  ASP A OD2 
27  N N   . GLN A 7  ? 0.20842 0.24827 0.31998 -0.06181 -0.04987 0.02057  60  GLN A N   
28  C CA  . GLN A 7  ? 0.20048 0.22367 0.28646 -0.01567 -0.02288 -0.03626 60  GLN A CA  
29  C C   . GLN A 7  ? 0.18051 0.21160 0.26442 -0.02710 -0.02824 -0.03909 60  GLN A C   
30  O O   . GLN A 7  ? 0.16841 0.18246 0.29663 -0.02917 -0.01370 0.02319  60  GLN A O   
31  C CB  . GLN A 7  ? 0.21899 0.21956 0.28872 0.01461  -0.02437 -0.06015 60  GLN A CB  
32  C CG  . GLN A 7  ? 0.19074 0.25158 0.26597 0.03200  -0.04996 -0.00129 60  GLN A CG  
33  C CD  . GLN A 7  ? 0.16564 0.25163 0.24760 0.05510  -0.03574 -0.00996 60  GLN A CD  
34  O OE1 . GLN A 7  ? 0.14625 0.28752 0.27418 0.02853  -0.02060 -0.01211 60  GLN A OE1 
35  N NE2 . GLN A 7  ? 0.16178 0.24182 0.32591 0.04527  -0.03514 0.02174  60  GLN A NE2 
36  N N   . ALA A 8  ? 0.19480 0.26436 0.24927 0.00859  -0.01473 -0.02288 61  ALA A N   
37  C CA  . ALA A 8  ? 0.17571 0.30371 0.24453 -0.00820 -0.01448 0.01688  61  ALA A CA  
38  C C   . ALA A 8  ? 0.18742 0.28369 0.23764 -0.00215 -0.04017 0.00773  61  ALA A C   
39  O O   . ALA A 8  ? 0.20737 0.30794 0.31124 -0.00298 -0.02549 0.01720  61  ALA A O   
40  C CB  . ALA A 8  ? 0.22935 0.34800 0.31773 -0.05345 0.02291  0.05758  61  ALA A CB  
41  N N   . TYR A 9  ? 0.14864 0.25584 0.27536 0.02694  -0.03699 -0.03211 62  TYR A N   
42  C CA  . TYR A 9  ? 0.15812 0.23314 0.32686 -0.00537 0.01234  -0.05183 62  TYR A CA  
43  C C   . TYR A 9  ? 0.15252 0.24798 0.31292 -0.03441 0.01576  -0.00898 62  TYR A C   
44  O O   . TYR A 9  ? 0.18920 0.26789 0.36067 -0.06965 0.01684  -0.04705 62  TYR A O   
45  C CB  . TYR A 9  ? 0.19577 0.24601 0.32842 -0.01102 0.04763  -0.08956 62  TYR A CB  
46  C CG  . TYR A 9  ? 0.24580 0.25140 0.38619 -0.02063 -0.03892 -0.10714 62  TYR A CG  
47  C CD1 . TYR A 9  ? 0.28919 0.23670 0.43066 -0.02829 -0.04942 -0.11750 62  TYR A CD1 
48  C CD2 . TYR A 9  ? 0.28924 0.26301 0.34733 -0.04944 -0.10318 -0.08142 62  TYR A CD2 
49  C CE1 . TYR A 9  ? 0.32946 0.21578 0.39209 -0.07793 -0.08775 -0.09498 62  TYR A CE1 
50  C CE2 . TYR A 9  ? 0.30038 0.26201 0.35501 -0.09025 -0.12409 -0.06687 62  TYR A CE2 
51  C CZ  . TYR A 9  ? 0.33862 0.26597 0.36711 -0.09638 -0.12733 -0.06718 62  TYR A CZ  
52  O OH  . TYR A 9  ? 0.34481 0.30707 0.39394 -0.11415 -0.13909 -0.00316 62  TYR A OH  
53  N N   . CYS A 10 ? 0.16128 0.21632 0.24136 0.00738  -0.06366 -0.04478 63  CYS A N   
54  C CA  . CYS A 10 ? 0.11300 0.19705 0.21826 0.00875  -0.07508 -0.01098 63  CYS A CA  
55  C C   . CYS A 10 ? 0.09191 0.20982 0.23290 0.03500  -0.02569 -0.00218 63  CYS A C   
56  O O   . CYS A 10 ? 0.13054 0.20048 0.26153 0.01251  -0.00816 -0.00803 63  CYS A O   
57  C CB  . CYS A 10 ? 0.15942 0.13600 0.22567 -0.01831 -0.07325 -0.00835 63  CYS A CB  
58  S SG  . CYS A 10 ? 0.15390 0.16747 0.27954 -0.01670 -0.02300 0.00472  63  CYS A SG  
59  N N   . ILE A 11 ? 0.12639 0.20500 0.24110 0.01670  -0.04036 -0.01991 64  ILE A N   
60  C CA  . ILE A 11 ? 0.18306 0.22648 0.25223 0.01186  -0.02436 -0.00510 64  ILE A CA  
61  C C   . ILE A 11 ? 0.19956 0.22276 0.22113 0.00108  -0.03170 -0.00423 64  ILE A C   
62  O O   . ILE A 11 ? 0.26897 0.22666 0.23080 -0.00530 -0.02791 -0.02279 64  ILE A O   
63  C CB  . ILE A 11 ? 0.17054 0.22938 0.23120 0.04582  0.00810  -0.02086 64  ILE A CB  
64  C CG1 . ILE A 11 ? 0.16964 0.24832 0.27078 0.06423  -0.02769 -0.02241 64  ILE A CG1 
65  C CG2 . ILE A 11 ? 0.17514 0.24227 0.24844 0.06953  0.01848  -0.00453 64  ILE A CG2 
66  C CD1 . ILE A 11 ? 0.22867 0.27222 0.37021 0.08215  -0.07001 0.02318  64  ILE A CD1 
67  N N   . CYS A 12 ? 0.17238 0.22536 0.22480 0.03389  -0.02423 0.00705  65  CYS A N   
68  C CA  . CYS A 12 ? 0.22445 0.27067 0.23247 0.04260  -0.02761 0.04234  65  CYS A CA  
69  C C   . CYS A 12 ? 0.24924 0.34612 0.25812 0.06136  0.01723  0.07934  65  CYS A C   
70  O O   . CYS A 12 ? 0.30156 0.36890 0.36165 0.06212  0.00868  0.04608  65  CYS A O   
71  C CB  . CYS A 12 ? 0.19366 0.24555 0.22935 0.01256  0.02327  0.00659  65  CYS A CB  
72  S SG  . CYS A 12 ? 0.18428 0.25137 0.27659 0.01449  0.02841  0.04621  65  CYS A SG  
73  N N   . ARG A 13 ? 0.27099 0.42545 0.27315 0.03774  0.00293  0.11044  66  ARG A N   
74  C CA  . ARG A 13 ? 0.35129 0.52681 0.33444 0.06008  0.02214  0.11700  66  ARG A CA  
75  C C   . ARG A 13 ? 0.38134 0.58123 0.38899 0.09483  0.04628  0.12834  66  ARG A C   
76  O O   . ARG A 13 ? 0.41803 0.59787 0.41564 0.12196  0.04718  0.14842  66  ARG A O   
77  C CB  . ARG A 13 ? 0.40438 0.58499 0.38615 0.05693  -0.01490 0.11324  66  ARG A CB  
78  C CG  . ARG A 13 ? 0.46534 0.65720 0.43787 0.03619  -0.04413 0.10723  66  ARG A CG  
79  C CD  . ARG A 13 ? 0.52978 0.72628 0.51538 0.04105  -0.04336 0.10323  66  ARG A CD  
80  N NE  . ARG A 13 ? 0.57295 0.76181 0.51107 0.08244  -0.09483 0.08440  66  ARG A NE  
81  C CZ  . ARG A 13 ? 0.57361 0.75932 0.52747 0.12875  -0.13626 0.04363  66  ARG A CZ  
82  N NH1 . ARG A 13 ? 0.59493 0.71926 0.59019 0.11456  -0.15809 0.00394  66  ARG A NH1 
83  N NH2 . ARG A 13 ? 0.53204 0.78069 0.52699 0.19873  -0.13753 0.03316  66  ARG A NH2 
84  N N   . SER A 14 ? 0.35655 0.60134 0.38346 0.08219  0.07181  0.12962  67  SER A N   
85  C CA  . SER A 14 ? 0.43095 0.60214 0.39237 0.00678  0.07421  0.11178  67  SER A CA  
86  C C   . SER A 14 ? 0.50697 0.60725 0.43600 -0.03572 0.05212  0.13821  67  SER A C   
87  O O   . SER A 14 ? 0.51871 0.60207 0.42043 -0.06410 0.09398  0.15572  67  SER A O   
88  C CB  . SER A 14 ? 0.45336 0.60196 0.42089 0.01027  0.08700  0.02666  67  SER A CB  
89  O OG  . SER A 14 ? 0.49727 0.61459 0.47274 0.01738  0.07259  -0.03749 67  SER A OG  
90  N N   . SER A 15 ? 0.56030 0.61607 0.55736 -0.02387 -0.01226 0.14277  68  SER A N   
91  C CA  . SER A 15 ? 0.60628 0.62227 0.57831 -0.00630 -0.01931 0.15647  68  SER A CA  
92  C C   . SER A 15 ? 0.60759 0.59133 0.56835 -0.01996 -0.00811 0.16969  68  SER A C   
93  O O   . SER A 15 ? 0.70771 0.59240 0.62518 -0.04293 -0.07531 0.16941  68  SER A O   
94  C CB  . SER A 15 ? 0.66011 0.64979 0.53458 0.02647  -0.00355 0.15562  68  SER A CB  
95  O OG  . SER A 15 ? 0.69830 0.66331 0.46907 0.05948  0.00194  0.14802  68  SER A OG  
96  N N   . ASP A 16 ? 0.48008 0.55754 0.43989 0.00840  0.09140  0.17878  69  ASP A N   
97  C CA  . ASP A 16 ? 0.44235 0.56265 0.38450 0.02149  0.08516  0.15125  69  ASP A CA  
98  C C   . ASP A 16 ? 0.40769 0.48306 0.35531 0.01143  0.07697  0.14102  69  ASP A C   
99  O O   . ASP A 16 ? 0.44091 0.51393 0.42916 -0.05022 0.07997  0.18060  69  ASP A O   
100 C CB  . ASP A 16 ? 0.42781 0.62926 0.37716 0.01576  0.10898  0.13575  69  ASP A CB  
101 N N   . CYS A 17 ? 0.31430 0.35339 0.23839 0.02576  0.02548  0.07996  70  CYS A N   
102 C CA  . CYS A 17 ? 0.25412 0.27212 0.22169 0.02466  0.01454  0.01480  70  CYS A CA  
103 C C   . CYS A 17 ? 0.23338 0.22737 0.25676 0.02623  0.00702  -0.00771 70  CYS A C   
104 O O   . CYS A 17 ? 0.23102 0.19114 0.34133 0.06128  -0.01917 -0.05840 70  CYS A O   
105 C CB  . CYS A 17 ? 0.18916 0.22906 0.24600 -0.01110 0.03551  -0.01590 70  CYS A CB  
106 S SG  . CYS A 17 ? 0.17272 0.20737 0.28370 -0.02329 0.01103  0.00003  70  CYS A SG  
107 N N   . SER A 18 ? 0.25534 0.20786 0.24255 -0.00276 0.00660  0.01981  71  SER A N   
108 C CA  . SER A 18 ? 0.22973 0.21228 0.24939 -0.01471 0.02834  0.03951  71  SER A CA  
109 C C   . SER A 18 ? 0.17325 0.17969 0.22930 -0.00284 0.01986  0.02365  71  SER A C   
110 O O   . SER A 18 ? 0.17612 0.17136 0.27252 0.00241  0.01035  0.03353  71  SER A O   
111 C CB  . SER A 18 ? 0.26356 0.22982 0.27741 -0.00003 0.03059  0.01015  71  SER A CB  
112 O OG  . SER A 18 ? 0.27439 0.26149 0.31226 0.04457  0.01412  0.03198  71  SER A OG  
113 N N   . ARG A 19 ? 0.14914 0.17612 0.23091 -0.02343 0.03521  0.02847  72  ARG A N   
114 C CA  . ARG A 19 ? 0.14286 0.15171 0.17171 -0.04599 0.02292  -0.00176 72  ARG A CA  
115 C C   . ARG A 19 ? 0.17342 0.14427 0.17325 -0.03940 -0.00060 -0.02716 72  ARG A C   
116 O O   . ARG A 19 ? 0.20759 0.12448 0.29069 0.02188  -0.00755 -0.03049 72  ARG A O   
117 C CB  . ARG A 19 ? 0.14636 0.14248 0.17240 -0.05977 -0.05098 -0.02966 72  ARG A CB  
118 C CG  . ARG A 19 ? 0.16155 0.16885 0.19518 -0.05277 -0.04845 -0.04302 72  ARG A CG  
119 C CD  . ARG A 19 ? 0.17780 0.16370 0.20244 -0.03482 -0.03155 -0.00369 72  ARG A CD  
120 N NE  . ARG A 19 ? 0.14798 0.16550 0.18876 -0.01034 0.02701  0.01803  72  ARG A NE  
121 C CZ  . ARG A 19 ? 0.16677 0.13886 0.19597 0.02071  -0.01654 -0.00289 72  ARG A CZ  
122 N NH1 . ARG A 19 ? 0.14592 0.16977 0.15767 0.00970  -0.04403 -0.01058 72  ARG A NH1 
123 N NH2 . ARG A 19 ? 0.13914 0.16737 0.20007 0.03317  -0.00151 0.00825  72  ARG A NH2 
124 N N   . PHE A 20 ? 0.14079 0.16769 0.17069 -0.04535 0.00370  -0.05697 73  PHE A N   
125 C CA  . PHE A 20 ? 0.13258 0.20348 0.18239 -0.04860 0.01335  -0.02064 73  PHE A CA  
126 C C   . PHE A 20 ? 0.15457 0.15634 0.18696 -0.08211 0.00647  0.01871  73  PHE A C   
127 O O   . PHE A 20 ? 0.14385 0.19571 0.20349 -0.03909 0.03236  -0.00753 73  PHE A O   
128 C CB  . PHE A 20 ? 0.15411 0.23253 0.15235 -0.04284 -0.01691 -0.02231 73  PHE A CB  
129 C CG  . PHE A 20 ? 0.14954 0.25764 0.19255 -0.03412 -0.04344 -0.04511 73  PHE A CG  
130 C CD1 . PHE A 20 ? 0.15573 0.23833 0.25172 -0.04715 -0.06509 -0.03931 73  PHE A CD1 
131 C CD2 . PHE A 20 ? 0.16212 0.29072 0.20002 -0.00897 -0.02752 -0.03641 73  PHE A CD2 
132 C CE1 . PHE A 20 ? 0.17144 0.25253 0.28717 -0.00991 -0.03558 -0.04199 73  PHE A CE1 
133 C CE2 . PHE A 20 ? 0.18758 0.28951 0.19049 -0.01369 -0.04592 -0.05762 73  PHE A CE2 
134 C CZ  . PHE A 20 ? 0.18055 0.26805 0.21480 -0.00890 0.00356  -0.06987 73  PHE A CZ  
167 N N   . GLY A 23 ? 0.16470 0.15513 0.22748 0.00546  0.02612  0.01896  76  GLY A N   
168 C CA  . GLY A 23 ? 0.16084 0.17968 0.25784 0.02762  -0.00261 0.00565  76  GLY A CA  
169 C C   . GLY A 23 ? 0.12902 0.16770 0.26106 0.00477  0.00243  0.00324  76  GLY A C   
170 O O   . GLY A 23 ? 0.16422 0.18711 0.25532 0.02153  -0.01552 0.01937  76  GLY A O   
171 N N   . CYS A 24 ? 0.17237 0.15585 0.26284 -0.02766 -0.01306 0.00452  77  CYS A N   
172 C CA  . CYS A 24 ? 0.16896 0.15660 0.26576 -0.00741 0.00968  0.00285  77  CYS A CA  
173 C C   . CYS A 24 ? 0.16901 0.17325 0.25916 0.00596  0.00055  0.00003  77  CYS A C   
174 O O   . CYS A 24 ? 0.18966 0.15785 0.26360 0.00157  -0.01983 0.00264  77  CYS A O   
175 C CB  . CYS A 24 ? 0.14701 0.16799 0.27359 -0.01706 0.00130  0.02322  77  CYS A CB  
176 S SG  . CYS A 24 ? 0.14633 0.18933 0.25017 0.01193  0.00005  0.01993  77  CYS A SG  
193 N N   . GLY A 26 ? 0.18389 0.22092 0.21703 0.02684  -0.00619 0.00974  79  GLY A N   
194 C CA  . GLY A 26 ? 0.14012 0.20337 0.19410 0.03135  0.01605  -0.01322 79  GLY A CA  
195 C C   . GLY A 26 ? 0.17698 0.19736 0.22727 0.02013  -0.02344 0.00224  79  GLY A C   
196 O O   . GLY A 26 ? 0.13454 0.22171 0.26130 0.03253  -0.02418 0.00971  79  GLY A O   
197 N N   . CYS A 27 ? 0.23597 0.18692 0.17214 0.02508  -0.02782 0.03094  80  CYS A N   
198 C CA  . CYS A 27 ? 0.25706 0.18813 0.17500 0.00893  -0.01596 0.00746  80  CYS A CA  
199 C C   . CYS A 27 ? 0.24992 0.18606 0.24593 0.02660  -0.03248 -0.02423 80  CYS A C   
200 O O   . CYS A 27 ? 0.24362 0.16020 0.35702 0.07517  -0.04114 0.00245  80  CYS A O   
201 C CB  . CYS A 27 ? 0.22357 0.19942 0.20774 0.03973  -0.02454 0.00796  80  CYS A CB  
202 S SG  . CYS A 27 ? 0.17090 0.19041 0.23054 0.02862  -0.01892 0.02606  80  CYS A SG  
221 N N   . GLU A 29 ? 0.20603 0.21021 0.24503 0.00307  0.03237  0.01584  82  GLU A N   
222 C CA  . GLU A 29 ? 0.20059 0.24778 0.21468 0.03924  -0.03341 0.05433  82  GLU A CA  
223 C C   . GLU A 29 ? 0.19867 0.26194 0.19807 0.02707  -0.05233 0.07857  82  GLU A C   
224 O O   . GLU A 29 ? 0.17818 0.31029 0.22808 0.01057  -0.00147 0.03446  82  GLU A O   
225 C CB  . GLU A 29 ? 0.24475 0.25737 0.23708 0.06633  -0.08314 0.04450  82  GLU A CB  
226 C CG  . GLU A 29 ? 0.28591 0.33864 0.21003 0.10135  -0.07716 0.02524  82  GLU A CG  
227 C CD  . GLU A 29 ? 0.26933 0.41694 0.27330 0.17745  -0.02779 0.01067  82  GLU A CD  
228 O OE1 . GLU A 29 ? 0.27220 0.37944 0.29531 0.14174  -0.04193 -0.03442 82  GLU A OE1 
229 O OE2 . GLU A 29 ? 0.29431 0.53843 0.32987 0.19810  -0.03122 0.05771  82  GLU A OE2 
230 N N   . TRP A 30 ? 0.18504 0.21642 0.19403 0.00215  -0.01016 0.06391  83  TRP A N   
231 C CA  . TRP A 30 ? 0.16426 0.16899 0.20317 -0.04576 -0.01242 0.04464  83  TRP A CA  
232 C C   . TRP A 30 ? 0.14580 0.16602 0.21472 -0.04908 0.00217  0.02107  83  TRP A C   
233 O O   . TRP A 30 ? 0.15326 0.20700 0.23529 -0.02725 -0.03042 -0.00629 83  TRP A O   
234 C CB  . TRP A 30 ? 0.22249 0.19494 0.20762 -0.04721 -0.00676 0.06450  83  TRP A CB  
235 C CG  . TRP A 30 ? 0.33686 0.22904 0.26666 -0.05054 -0.07048 0.09147  83  TRP A CG  
236 C CD1 . TRP A 30 ? 0.44117 0.28357 0.37935 -0.08123 -0.17455 0.08367  83  TRP A CD1 
237 C CD2 . TRP A 30 ? 0.36330 0.23995 0.35752 -0.05405 -0.05971 0.07981  83  TRP A CD2 
238 N NE1 . TRP A 30 ? 0.48310 0.29007 0.45688 -0.09654 -0.21312 0.08089  83  TRP A NE1 
239 C CE2 . TRP A 30 ? 0.44636 0.27202 0.43433 -0.07467 -0.15418 0.10364  83  TRP A CE2 
240 C CE3 . TRP A 30 ? 0.34249 0.22745 0.32090 -0.05069 -0.00078 -0.00658 83  TRP A CE3 
241 C CZ2 . TRP A 30 ? 0.44291 0.26146 0.45386 -0.07474 -0.11215 0.10002  83  TRP A CZ2 
242 C CZ3 . TRP A 30 ? 0.33986 0.23001 0.34618 -0.05183 0.05247  0.02629  83  TRP A CZ3 
243 C CH2 . TRP A 30 ? 0.39681 0.24761 0.39817 -0.06365 -0.02010 0.05891  83  TRP A CH2 
244 N N   . TYR A 31 ? 0.13634 0.16789 0.24253 -0.00611 0.01135  0.04984  84  TYR A N   
245 C CA  . TYR A 31 ? 0.10359 0.14655 0.23730 -0.01549 0.05757  0.03440  84  TYR A CA  
246 C C   . TYR A 31 ? 0.14837 0.14321 0.25673 -0.01377 0.02328  -0.00764 84  TYR A C   
247 O O   . TYR A 31 ? 0.15914 0.14053 0.27080 0.00627  0.02030  -0.01748 84  TYR A O   
248 C CB  . TYR A 31 ? 0.10030 0.20031 0.22419 -0.03266 0.05804  0.01986  84  TYR A CB  
249 C CG  . TYR A 31 ? 0.13448 0.21052 0.22268 -0.01438 0.04793  0.01007  84  TYR A CG  
250 C CD1 . TYR A 31 ? 0.14278 0.21542 0.17806 0.00873  0.01376  -0.00277 84  TYR A CD1 
251 C CD2 . TYR A 31 ? 0.15902 0.20394 0.20212 -0.02130 0.04946  -0.01364 84  TYR A CD2 
252 C CE1 . TYR A 31 ? 0.16412 0.20128 0.19432 -0.05164 -0.00774 -0.01585 84  TYR A CE1 
253 C CE2 . TYR A 31 ? 0.16605 0.24536 0.20341 -0.02401 -0.00398 -0.03375 84  TYR A CE2 
254 C CZ  . TYR A 31 ? 0.15210 0.23978 0.21756 -0.02728 -0.01626 -0.02663 84  TYR A CZ  
255 O OH  . TYR A 31 ? 0.15503 0.27691 0.30176 -0.00432 0.00670  -0.02104 84  TYR A OH  
256 N N   . HIS A 32 ? 0.15288 0.16358 0.25831 -0.00499 -0.01781 -0.01956 85  HIS A N   
257 C CA  . HIS A 32 ? 0.17518 0.18388 0.22300 -0.00791 -0.04503 -0.05812 85  HIS A CA  
258 C C   . HIS A 32 ? 0.19138 0.18436 0.15775 0.00497  -0.02163 -0.04410 85  HIS A C   
259 O O   . HIS A 32 ? 0.14855 0.17244 0.22151 0.01836  0.00656  0.00392  85  HIS A O   
260 C CB  . HIS A 32 ? 0.15977 0.19682 0.16352 -0.01774 -0.00197 -0.03663 85  HIS A CB  
261 C CG  . HIS A 32 ? 0.15353 0.20877 0.20413 -0.01464 0.04602  -0.03544 85  HIS A CG  
262 N ND1 . HIS A 32 ? 0.21524 0.23897 0.22930 -0.03506 0.01669  -0.01328 85  HIS A ND1 
263 C CD2 . HIS A 32 ? 0.16446 0.21380 0.18206 0.01628  -0.01200 -0.02547 85  HIS A CD2 
264 C CE1 . HIS A 32 ? 0.18247 0.18619 0.27923 -0.05246 0.00873  -0.03604 85  HIS A CE1 
265 N NE2 . HIS A 32 ? 0.17801 0.20484 0.18903 -0.01711 -0.03132 0.00342  85  HIS A NE2 
266 N N   . GLY A 33 ? 0.18761 0.15161 0.20662 0.03336  -0.00372 -0.01558 86  GLY A N   
267 C CA  . GLY A 33 ? 0.17303 0.08539 0.22390 0.02357  0.00320  -0.03244 86  GLY A CA  
268 C C   . GLY A 33 ? 0.13774 0.14365 0.20468 0.02429  0.02375  -0.02837 86  GLY A C   
269 O O   . GLY A 33 ? 0.14076 0.20690 0.15394 0.01367  0.00732  -0.01843 86  GLY A O   
270 N N   . ASP A 34 ? 0.14189 0.14200 0.19852 0.03323  0.01566  -0.01526 87  ASP A N   
271 C CA  . ASP A 34 ? 0.19068 0.13862 0.19324 0.01555  0.02148  0.00568  87  ASP A CA  
272 C C   . ASP A 34 ? 0.17380 0.11789 0.24909 -0.02158 0.00933  0.02686  87  ASP A C   
273 O O   . ASP A 34 ? 0.14432 0.15224 0.26296 -0.02050 -0.00689 0.00362  87  ASP A O   
274 C CB  . ASP A 34 ? 0.21674 0.13662 0.14058 0.01839  0.03705  -0.01840 87  ASP A CB  
275 C CG  . ASP A 34 ? 0.13169 0.13923 0.17160 0.00115  0.07624  -0.04583 87  ASP A CG  
276 O OD1 . ASP A 34 ? 0.12107 0.12984 0.24954 -0.02794 -0.03589 -0.05581 87  ASP A OD1 
277 O OD2 . ASP A 34 ? 0.17681 0.16028 0.17232 -0.01843 0.01736  -0.00947 87  ASP A OD2 
278 N N   . CYS A 35 ? 0.13482 0.11459 0.23227 0.00319  0.03287  0.00744  88  CYS A N   
279 C CA  . CYS A 35 ? 0.14705 0.15326 0.21038 0.00617  0.01920  -0.00574 88  CYS A CA  
280 C C   . CYS A 35 ? 0.18401 0.14364 0.19525 -0.00682 0.03317  -0.01262 88  CYS A C   
281 O O   . CYS A 35 ? 0.15912 0.15612 0.21472 -0.02116 0.04037  -0.00687 88  CYS A O   
282 C CB  . CYS A 35 ? 0.12058 0.19100 0.20762 -0.03562 -0.01135 0.01693  88  CYS A CB  
283 S SG  . CYS A 35 ? 0.14433 0.17637 0.30162 -0.01319 -0.01298 -0.01488 88  CYS A SG  
284 N N   . ILE A 36 ? 0.19598 0.16432 0.21157 0.02728  0.02711  -0.01504 89  ILE A N   
285 C CA  . ILE A 36 ? 0.16472 0.19405 0.20292 0.01206  -0.02158 0.00680  89  ILE A CA  
286 C C   . ILE A 36 ? 0.15621 0.19087 0.19351 0.00524  -0.03516 -0.00113 89  ILE A C   
287 O O   . ILE A 36 ? 0.17446 0.19400 0.19772 0.01862  -0.02858 0.00661  89  ILE A O   
288 C CB  . ILE A 36 ? 0.11297 0.22515 0.20141 0.00855  -0.03806 -0.04111 89  ILE A CB  
289 C CG1 . ILE A 36 ? 0.10914 0.24575 0.21213 0.01339  -0.00346 -0.05554 89  ILE A CG1 
290 C CG2 . ILE A 36 ? 0.11739 0.23888 0.25781 0.01348  -0.01380 -0.02201 89  ILE A CG2 
291 C CD1 . ILE A 36 ? 0.12292 0.25983 0.27172 0.01189  -0.02363 -0.06119 89  ILE A CD1 
292 N N   . GLY A 37 ? 0.15201 0.18404 0.20182 0.02642  -0.03493 -0.01288 90  GLY A N   
293 C CA  . GLY A 37 ? 0.19087 0.19747 0.22459 0.00629  -0.02936 -0.02574 90  GLY A CA  
294 C C   . GLY A 37 ? 0.15643 0.20356 0.23729 0.01878  -0.00039 -0.04741 90  GLY A C   
295 O O   . GLY A 37 ? 0.18333 0.20665 0.24063 -0.00821 0.04584  -0.03126 90  GLY A O   
296 N N   . ILE A 38 ? 0.16778 0.19309 0.20422 0.01273  -0.00318 -0.00670 91  ILE A N   
297 C CA  . ILE A 38 ? 0.17227 0.19976 0.21019 0.03412  0.00974  -0.01310 91  ILE A CA  
298 C C   . ILE A 38 ? 0.20123 0.21755 0.21050 0.02305  -0.00822 -0.03286 91  ILE A C   
299 O O   . ILE A 38 ? 0.20013 0.22142 0.25140 -0.01957 -0.03484 -0.02142 91  ILE A O   
300 C CB  . ILE A 38 ? 0.20803 0.20246 0.24000 0.03356  -0.04326 -0.05022 91  ILE A CB  
301 C CG1 . ILE A 38 ? 0.20341 0.22553 0.24514 0.08691  0.03169  -0.00341 91  ILE A CG1 
302 C CG2 . ILE A 38 ? 0.27894 0.20592 0.23248 0.01210  -0.04250 -0.06081 91  ILE A CG2 
303 C CD1 . ILE A 38 ? 0.25835 0.21019 0.21501 0.07480  -0.01342 -0.02161 91  ILE A CD1 
304 N N   . THR A 39 ? 0.19128 0.19197 0.24394 0.02338  -0.00144 -0.05020 92  THR A N   
305 C CA  . THR A 39 ? 0.19078 0.17364 0.23908 -0.00917 0.00345  -0.03723 92  THR A CA  
306 C C   . THR A 39 ? 0.17900 0.17370 0.20751 -0.02592 -0.04496 0.00165  92  THR A C   
307 O O   . THR A 39 ? 0.16224 0.18683 0.21822 -0.04503 -0.03224 0.00505  92  THR A O   
308 C CB  . THR A 39 ? 0.24682 0.19465 0.23775 -0.01607 -0.00241 -0.01898 92  THR A CB  
309 O OG1 . THR A 39 ? 0.24497 0.19096 0.24702 -0.03335 -0.02675 0.00367  92  THR A OG1 
310 C CG2 . THR A 39 ? 0.27781 0.19287 0.24097 -0.04054 0.01352  0.01250  92  THR A CG2 
311 N N   . GLU A 40 ? 0.17091 0.16266 0.23125 -0.04446 0.01995  0.01325  93  GLU A N   
312 C CA  . GLU A 40 ? 0.21057 0.19492 0.23082 -0.07713 0.03859  -0.02395 93  GLU A CA  
313 C C   . GLU A 40 ? 0.23744 0.23777 0.22072 -0.06813 -0.00494 -0.02806 93  GLU A C   
314 O O   . GLU A 40 ? 0.22901 0.23800 0.21369 -0.06660 -0.00695 -0.03974 93  GLU A O   
315 C CB  . GLU A 40 ? 0.22185 0.21806 0.22078 -0.08175 0.05305  -0.02153 93  GLU A CB  
316 C CG  . GLU A 40 ? 0.23334 0.25064 0.26432 -0.07413 0.02863  -0.07923 93  GLU A CG  
317 C CD  . GLU A 40 ? 0.27993 0.30247 0.32986 -0.10925 0.00373  -0.05264 93  GLU A CD  
318 O OE1 . GLU A 40 ? 0.27797 0.32408 0.34668 -0.10952 0.01885  -0.05867 93  GLU A OE1 
319 O OE2 . GLU A 40 ? 0.28937 0.34095 0.34633 -0.11471 0.03086  -0.04186 93  GLU A OE2 
320 N N   . LYS A 41 ? 0.21059 0.25628 0.21316 -0.05420 -0.01463 0.01365  94  LYS A N   
321 C CA  . LYS A 41 ? 0.21787 0.27682 0.19604 -0.02989 -0.02279 0.00859  94  LYS A CA  
322 C C   . LYS A 41 ? 0.20098 0.24844 0.20806 -0.06164 -0.00382 -0.00255 94  LYS A C   
323 O O   . LYS A 41 ? 0.21051 0.23452 0.24585 -0.10126 -0.01695 -0.04890 94  LYS A O   
324 C CB  . LYS A 41 ? 0.26394 0.32688 0.22600 0.00834  -0.05262 -0.01008 94  LYS A CB  
325 C CG  . LYS A 41 ? 0.30986 0.38748 0.35224 0.00633  -0.05630 0.01538  94  LYS A CG  
326 C CD  . LYS A 41 ? 0.36001 0.43447 0.44579 -0.01732 -0.06218 0.02519  94  LYS A CD  
327 C CE  . LYS A 41 ? 0.38327 0.47929 0.51833 -0.02224 -0.05056 0.05529  94  LYS A CE  
328 N NZ  . LYS A 41 ? 0.40440 0.51686 0.59074 -0.01795 -0.03908 0.08646  94  LYS A NZ  
329 N N   . GLU A 42 ? 0.17741 0.23433 0.22062 -0.05527 -0.03308 0.01232  95  GLU A N   
330 C CA  . GLU A 42 ? 0.16338 0.19306 0.21528 -0.05731 -0.00714 0.03008  95  GLU A CA  
331 C C   . GLU A 42 ? 0.13846 0.18437 0.25367 0.00688  0.00854  0.02718  95  GLU A C   
332 O O   . GLU A 42 ? 0.14443 0.18156 0.24480 0.01000  -0.01137 0.01371  95  GLU A O   
333 C CB  . GLU A 42 ? 0.16177 0.19714 0.23538 -0.04842 0.03689  0.00752  95  GLU A CB  
334 C CG  . GLU A 42 ? 0.16903 0.20070 0.32016 -0.08087 0.01389  -0.01535 95  GLU A CG  
335 C CD  . GLU A 42 ? 0.16931 0.23461 0.39300 -0.05701 0.04665  -0.02665 95  GLU A CD  
336 O OE1 . GLU A 42 ? 0.19026 0.23309 0.34196 -0.01769 0.03307  -0.02389 95  GLU A OE1 
337 O OE2 . GLU A 42 ? 0.19761 0.26423 0.52825 -0.07415 0.06710  -0.08647 95  GLU A OE2 
338 N N   . ALA A 43 ? 0.13571 0.15638 0.24762 0.01056  0.01376  0.00262  96  ALA A N   
339 C CA  . ALA A 43 ? 0.14282 0.16189 0.21426 0.00630  -0.02079 -0.02528 96  ALA A CA  
340 C C   . ALA A 43 ? 0.17371 0.16755 0.19974 -0.03834 -0.02356 -0.00606 96  ALA A C   
341 O O   . ALA A 43 ? 0.14896 0.18237 0.21527 0.00414  -0.02151 -0.01315 96  ALA A O   
342 C CB  . ALA A 43 ? 0.12868 0.18706 0.23451 0.02116  -0.03329 -0.03819 96  ALA A CB  
343 N N   . LYS A 44 ? 0.16506 0.18972 0.17678 -0.05229 -0.02344 -0.01103 97  LYS A N   
344 C CA  . LYS A 44 ? 0.18411 0.19030 0.19066 -0.02582 -0.01197 -0.04133 97  LYS A CA  
345 C C   . LYS A 44 ? 0.19478 0.16898 0.21976 -0.00706 -0.01509 -0.01784 97  LYS A C   
346 O O   . LYS A 44 ? 0.20981 0.15325 0.26783 -0.00294 -0.00595 -0.02104 97  LYS A O   
347 C CB  . LYS A 44 ? 0.20118 0.20102 0.17403 -0.03316 -0.02693 -0.03754 97  LYS A CB  
348 C CG  . LYS A 44 ? 0.21797 0.19799 0.23716 -0.01468 -0.00237 -0.06488 97  LYS A CG  
349 C CD  . LYS A 44 ? 0.20546 0.22162 0.38911 0.00779  0.03966  -0.05340 97  LYS A CD  
350 C CE  . LYS A 44 ? 0.26352 0.22688 0.44700 -0.02135 0.04811  -0.07254 97  LYS A CE  
351 N NZ  . LYS A 44 ? 0.32231 0.27171 0.48778 -0.03602 0.05381  -0.06098 97  LYS A NZ  
352 N N   . HIS A 45 ? 0.21780 0.20710 0.19362 -0.00735 -0.02004 0.01310  98  HIS A N   
353 C CA  . HIS A 45 ? 0.19477 0.19373 0.20804 -0.00416 -0.02258 0.03361  98  HIS A CA  
354 C C   . HIS A 45 ? 0.20232 0.19568 0.20308 -0.01451 -0.02924 0.02327  98  HIS A C   
355 O O   . HIS A 45 ? 0.20178 0.23107 0.21463 -0.00889 -0.00614 -0.02288 98  HIS A O   
356 C CB  . HIS A 45 ? 0.18160 0.19880 0.23931 0.00075  -0.03654 0.02015  98  HIS A CB  
357 C CG  . HIS A 45 ? 0.16953 0.24556 0.29610 -0.04475 -0.05015 0.05607  98  HIS A CG  
358 N ND1 . HIS A 45 ? 0.21489 0.26894 0.27552 -0.07840 -0.05627 0.06624  98  HIS A ND1 
359 C CD2 . HIS A 45 ? 0.14571 0.26013 0.29068 -0.03648 -0.04803 0.04686  98  HIS A CD2 
360 C CE1 . HIS A 45 ? 0.19466 0.28915 0.24998 -0.06480 -0.07571 0.07903  98  HIS A CE1 
361 N NE2 . HIS A 45 ? 0.20287 0.28500 0.26375 -0.03696 -0.06333 0.05650  98  HIS A NE2 
362 N N   . ILE A 46 ? 0.16781 0.16261 0.23956 -0.03722 0.00493  0.02503  99  ILE A N   
363 C CA  . ILE A 46 ? 0.16669 0.16956 0.24543 -0.04595 -0.03245 0.03210  99  ILE A CA  
364 C C   . ILE A 46 ? 0.19204 0.14603 0.25918 -0.03309 -0.02550 0.02377  99  ILE A C   
365 O O   . ILE A 46 ? 0.23633 0.12178 0.27960 -0.03840 -0.03338 0.00214  99  ILE A O   
366 C CB  . ILE A 46 ? 0.17774 0.15956 0.21886 -0.06201 -0.05906 0.01667  99  ILE A CB  
367 C CG1 . ILE A 46 ? 0.20226 0.17803 0.22380 -0.06571 -0.06025 0.01310  99  ILE A CG1 
368 C CG2 . ILE A 46 ? 0.19960 0.16218 0.22368 -0.05841 -0.05548 0.03100  99  ILE A CG2 
369 C CD1 . ILE A 46 ? 0.18709 0.19525 0.21043 -0.07967 -0.06708 -0.00743 99  ILE A CD1 
370 N N   . LYS A 47 ? 0.19500 0.15110 0.19385 -0.00147 -0.01733 -0.01288 100 LYS A N   
371 C CA  . LYS A 47 ? 0.22933 0.15408 0.18383 0.02849  -0.02846 -0.00880 100 LYS A CA  
372 C C   . LYS A 47 ? 0.23194 0.14578 0.21024 -0.00495 -0.01683 -0.01322 100 LYS A C   
373 O O   . LYS A 47 ? 0.23694 0.16285 0.28093 -0.02393 -0.05540 -0.00278 100 LYS A O   
374 C CB  . LYS A 47 ? 0.26009 0.15022 0.25730 0.05692  0.01272  -0.04819 100 LYS A CB  
375 C CG  . LYS A 47 ? 0.35518 0.16845 0.31257 0.04324  -0.00671 -0.06810 100 LYS A CG  
376 C CD  . LYS A 47 ? 0.42606 0.20717 0.39086 0.02034  -0.00088 -0.03730 100 LYS A CD  
377 C CE  . LYS A 47 ? 0.46759 0.27191 0.43404 0.02125  -0.00183 -0.06475 100 LYS A CE  
378 N NZ  . LYS A 47 ? 0.49776 0.30693 0.45014 0.01959  0.01607  -0.10611 100 LYS A NZ  
379 N N   . GLN A 48 ? 0.21655 0.13951 0.27502 0.01651  0.02951  -0.02072 101 GLN A N   
380 C CA  . GLN A 48 ? 0.19689 0.13297 0.28472 0.00105  0.03616  0.00483  101 GLN A CA  
381 C C   . GLN A 48 ? 0.18899 0.12510 0.24251 0.02018  0.03049  0.01347  101 GLN A C   
382 O O   . GLN A 48 ? 0.22901 0.09831 0.23947 0.00950  0.01545  0.00822  101 GLN A O   
383 C CB  . GLN A 48 ? 0.21747 0.14245 0.28732 0.03691  0.02174  0.03571  101 GLN A CB  
384 C CG  . GLN A 48 ? 0.25135 0.16792 0.31670 0.09464  0.03012  0.03476  101 GLN A CG  
385 C CD  . GLN A 48 ? 0.38115 0.26806 0.31615 0.09034  0.03948  0.02018  101 GLN A CD  
386 O OE1 . GLN A 48 ? 0.43038 0.31259 0.31949 0.09377  0.06275  -0.01414 101 GLN A OE1 
387 N NE2 . GLN A 48 ? 0.42193 0.29253 0.38953 0.07446  0.02644  -0.01489 101 GLN A NE2 
388 N N   . TYR A 49 ? 0.19462 0.12238 0.22430 0.01628  0.02465  0.00167  102 TYR A N   
389 C CA  . TYR A 49 ? 0.16426 0.12943 0.20538 -0.00581 0.01455  -0.00172 102 TYR A CA  
390 C C   . TYR A 49 ? 0.15193 0.14699 0.21995 0.00435  0.03026  0.00399  102 TYR A C   
391 O O   . TYR A 49 ? 0.19489 0.12552 0.22689 0.03255  -0.00866 -0.00215 102 TYR A O   
392 C CB  . TYR A 49 ? 0.16113 0.14562 0.23324 0.00413  -0.00874 -0.00974 102 TYR A CB  
393 C CG  . TYR A 49 ? 0.15663 0.16870 0.22339 0.00743  0.00110  -0.00719 102 TYR A CG  
394 C CD1 . TYR A 49 ? 0.17345 0.16330 0.24522 -0.01025 0.02737  -0.03076 102 TYR A CD1 
395 C CD2 . TYR A 49 ? 0.18559 0.18764 0.28079 0.01110  -0.01007 -0.02634 102 TYR A CD2 
396 C CE1 . TYR A 49 ? 0.15955 0.18352 0.21704 -0.00953 0.03326  -0.03848 102 TYR A CE1 
397 C CE2 . TYR A 49 ? 0.17341 0.19121 0.24259 -0.00279 -0.00147 -0.01568 102 TYR A CE2 
398 C CZ  . TYR A 49 ? 0.16128 0.17767 0.27427 0.01919  0.01218  -0.05925 102 TYR A CZ  
399 O OH  . TYR A 49 ? 0.15387 0.18517 0.31135 0.02925  0.01601  -0.05896 102 TYR A OH  
400 N N   . TYR A 50 ? 0.12075 0.15035 0.26049 0.01340  0.02133  0.00701  103 TYR A N   
401 C CA  . TYR A 50 ? 0.10954 0.14381 0.27398 -0.00450 0.03692  0.01147  103 TYR A CA  
402 C C   . TYR A 50 ? 0.13670 0.13336 0.22300 -0.00008 -0.01531 0.05846  103 TYR A C   
403 O O   . TYR A 50 ? 0.18496 0.14895 0.24948 0.00477  -0.03347 0.02388  103 TYR A O   
404 C CB  . TYR A 50 ? 0.14664 0.14264 0.26494 0.02973  -0.00824 0.00266  103 TYR A CB  
405 C CG  . TYR A 50 ? 0.18763 0.17853 0.28444 0.08790  0.01674  -0.00271 103 TYR A CG  
406 C CD1 . TYR A 50 ? 0.24789 0.16134 0.27272 0.08071  0.01854  0.02064  103 TYR A CD1 
407 C CD2 . TYR A 50 ? 0.24572 0.17979 0.26319 0.03532  0.00939  -0.00921 103 TYR A CD2 
408 C CE1 . TYR A 50 ? 0.26998 0.14747 0.28207 0.08183  0.02964  0.00731  103 TYR A CE1 
409 C CE2 . TYR A 50 ? 0.32554 0.16184 0.24357 0.01704  -0.02470 -0.01342 103 TYR A CE2 
410 C CZ  . TYR A 50 ? 0.33024 0.15309 0.26659 0.04473  0.01416  -0.00121 103 TYR A CZ  
411 O OH  . TYR A 50 ? 0.42029 0.17281 0.30443 0.03434  0.00789  0.00653  103 TYR A OH  
412 N N   . CYS A 51 ? 0.13457 0.17793 0.18424 0.01303  -0.03756 0.00885  104 CYS A N   
413 C CA  . CYS A 51 ? 0.14486 0.17254 0.22419 0.01029  0.00102  -0.01651 104 CYS A CA  
414 C C   . CYS A 51 ? 0.16838 0.19222 0.21784 0.00552  -0.02095 -0.00875 104 CYS A C   
415 O O   . CYS A 51 ? 0.16052 0.15805 0.20097 0.01444  -0.03225 -0.00908 104 CYS A O   
416 C CB  . CYS A 51 ? 0.11725 0.17238 0.23794 0.07432  0.02150  -0.01203 104 CYS A CB  
417 S SG  . CYS A 51 ? 0.12656 0.20342 0.22332 0.02890  -0.00665 0.01223  104 CYS A SG  
418 N N   . ARG A 52 ? 0.15226 0.17891 0.24374 -0.02435 0.02143  -0.01456 105 ARG A N   
419 C CA  . ARG A 52 ? 0.16176 0.17098 0.28814 -0.03586 -0.01048 0.00906  105 ARG A CA  
420 C C   . ARG A 52 ? 0.16349 0.19795 0.27841 -0.00616 0.00956  0.05049  105 ARG A C   
421 O O   . ARG A 52 ? 0.17203 0.19481 0.26662 -0.00271 0.00843  0.05699  105 ARG A O   
422 C CB  . ARG A 52 ? 0.16578 0.15237 0.33468 -0.03979 0.00304  -0.01430 105 ARG A CB  
423 C CG  . ARG A 52 ? 0.11909 0.14692 0.31731 -0.03674 -0.00424 -0.01444 105 ARG A CG  
424 C CD  . ARG A 52 ? 0.11846 0.16729 0.29521 -0.02298 -0.04449 0.00787  105 ARG A CD  
425 N NE  . ARG A 52 ? 0.10990 0.15689 0.27562 -0.02480 -0.03420 -0.00263 105 ARG A NE  
426 C CZ  . ARG A 52 ? 0.18194 0.12914 0.28331 -0.02356 -0.04537 -0.00636 105 ARG A CZ  
427 N NH1 . ARG A 52 ? 0.21224 0.14533 0.30239 -0.02058 -0.02891 -0.03018 105 ARG A NH1 
428 N NH2 . ARG A 52 ? 0.17803 0.14685 0.28482 -0.00710 -0.04520 0.04270  105 ARG A NH2 
429 N N   . ARG A 53 ? 0.12396 0.19570 0.29484 -0.03041 -0.01052 0.01349  106 ARG A N   
430 C CA  . ARG A 53 ? 0.14534 0.23969 0.20224 -0.01535 -0.05741 0.03545  106 ARG A CA  
431 C C   . ARG A 53 ? 0.12659 0.22438 0.20248 0.00628  -0.03791 0.05742  106 ARG A C   
432 O O   . ARG A 53 ? 0.12276 0.26808 0.27392 0.04692  0.05196  0.05191  106 ARG A O   
433 C CB  . ARG A 53 ? 0.20034 0.31885 0.25752 0.00124  -0.12037 0.05329  106 ARG A CB  
434 C CG  . ARG A 53 ? 0.23016 0.35809 0.24815 -0.02019 -0.10882 0.06927  106 ARG A CG  
435 C CD  . ARG A 53 ? 0.22361 0.38646 0.30825 -0.00276 -0.06604 0.06287  106 ARG A CD  
436 N NE  . ARG A 53 ? 0.21820 0.42958 0.37561 0.02631  0.00179  0.06490  106 ARG A NE  
437 C CZ  . ARG A 53 ? 0.21928 0.44671 0.43262 0.03426  -0.00742 0.01430  106 ARG A CZ  
438 N NH1 . ARG A 53 ? 0.22388 0.49269 0.50526 0.05315  -0.03062 0.02008  106 ARG A NH1 
439 N NH2 . ARG A 53 ? 0.22350 0.40744 0.44918 0.03052  -0.01493 -0.06302 106 ARG A NH2 
440 N N   . CYS A 54 ? 0.16086 0.18603 0.20632 0.01781  -0.03313 0.01273  107 CYS A N   
441 C CA  . CYS A 54 ? 0.16470 0.20350 0.24509 0.02177  -0.01070 0.02280  107 CYS A CA  
442 C C   . CYS A 54 ? 0.13705 0.23046 0.24840 0.05919  0.00648  -0.00229 107 CYS A C   
443 O O   . CYS A 54 ? 0.14152 0.24591 0.30110 0.05138  0.01055  0.01550  107 CYS A O   
444 C CB  . CYS A 54 ? 0.20128 0.17009 0.27179 0.03717  -0.03306 0.00425  107 CYS A CB  
445 S SG  . CYS A 54 ? 0.15283 0.19815 0.30661 0.05622  0.02546  0.04500  107 CYS A SG  
446 N N   . LYS A 55 ? 0.13952 0.24495 0.22705 0.03929  0.00553  0.03325  108 LYS A N   
447 C CA  . LYS A 55 ? 0.16433 0.26787 0.24036 -0.01419 0.00556  0.01565  108 LYS A CA  
448 C C   . LYS A 55 ? 0.19190 0.31277 0.24094 -0.02721 0.04372  0.02440  108 LYS A C   
449 O O   . LYS A 55 ? 0.21555 0.36657 0.27925 -0.02060 0.01160  0.01562  108 LYS A O   
450 C CB  . LYS A 55 ? 0.16597 0.25592 0.22369 -0.01337 0.00590  0.03773  108 LYS A CB  
451 C CG  . LYS A 55 ? 0.16708 0.23128 0.23350 0.02916  -0.00198 0.08078  108 LYS A CG  
452 C CD  . LYS A 55 ? 0.14843 0.20333 0.24443 0.05133  0.00032  0.00723  108 LYS A CD  
453 C CE  . LYS A 55 ? 0.16146 0.17809 0.24252 0.02584  -0.02922 -0.02589 108 LYS A CE  
454 N NZ  . LYS A 55 ? 0.13195 0.16704 0.24799 0.01627  -0.03838 -0.01711 108 LYS A NZ  
455 N N   . LYS A 56 ? 0.18354 0.31775 0.29313 -0.01220 0.04839  0.01159  109 LYS A N   
456 C CA  . LYS A 56 ? 0.15099 0.37469 0.35035 -0.00337 0.02834  0.03448  109 LYS A CA  
457 C C   . LYS A 56 ? 0.13070 0.36558 0.40693 0.00158  0.03349  0.05418  109 LYS A C   
458 O O   . LYS A 56 ? 0.16249 0.34217 0.42075 -0.03635 0.03076  0.03732  109 LYS A O   
459 C CB  . LYS A 56 ? 0.18661 0.42099 0.42733 -0.02309 0.02676  0.01750  109 LYS A CB  
460 C CG  . LYS A 56 ? 0.25487 0.49172 0.51691 -0.05371 0.04434  0.06153  109 LYS A CG  
461 C CD  . LYS A 56 ? 0.34232 0.56044 0.58299 -0.09372 0.01647  0.06349  109 LYS A CD  
462 C CE  . LYS A 56 ? 0.40306 0.61934 0.62644 -0.07948 -0.04032 0.02222  109 LYS A CE  
463 N NZ  . LYS A 56 ? 0.44479 0.65005 0.63411 -0.06616 -0.08537 0.00189  109 LYS A NZ  
464 N N   . GLU A 57 ? 0.13944 0.38836 0.39619 0.01810  -0.00058 0.08361  110 GLU A N   
465 C CA  . GLU A 57 ? 0.17084 0.42661 0.36195 0.05595  -0.02717 0.04891  110 GLU A CA  
466 C C   . GLU A 57 ? 0.15449 0.48172 0.34914 0.05022  -0.01516 0.06193  110 GLU A C   
467 O O   . GLU A 57 ? 0.13569 0.52494 0.34369 0.03068  -0.00777 0.01202  110 GLU A O   
468 C CB  . GLU A 57 ? 0.23630 0.41893 0.34622 0.04663  -0.05054 0.01873  110 GLU A CB  
469 C CG  . GLU A 57 ? 0.32436 0.43519 0.36883 0.03393  -0.07347 -0.00131 110 GLU A CG  
470 C CD  . GLU A 57 ? 0.36303 0.45130 0.44386 0.04374  -0.04516 -0.00536 110 GLU A CD  
471 O OE1 . GLU A 57 ? 0.30120 0.45510 0.45611 0.06856  -0.04372 0.06647  110 GLU A OE1 
472 O OE2 . GLU A 57 ? 0.44668 0.46033 0.54265 0.05605  -0.01977 -0.03688 110 GLU A OE2 
473 N N   . ASN A 58 ? 0.15903 0.44821 0.28553 0.04021  -0.03986 0.09802  111 ASN A N   
474 C CA  . ASN A 58 ? 0.17983 0.43319 0.29554 0.04293  -0.01590 0.05606  111 ASN A CA  
475 C C   . ASN A 58 ? 0.17332 0.40016 0.29100 0.04168  0.01875  0.05266  111 ASN A C   
476 O O   . ASN A 58 ? 0.17447 0.37933 0.32311 0.03432  0.04419  0.00254  111 ASN A O   
477 C CB  . ASN A 58 ? 0.23351 0.47690 0.38930 0.04432  -0.01788 -0.01215 111 ASN A CB  
478 C CG  . ASN A 58 ? 0.28836 0.52924 0.46863 0.08664  0.01035  -0.09602 111 ASN A CG  
479 O OD1 . ASN A 58 ? 0.34748 0.60523 0.40931 0.13645  0.05849  -0.12945 111 ASN A OD1 
480 N ND2 . ASN A 58 ? 0.30222 0.47491 0.50479 0.08098  -0.06517 -0.19619 111 ASN A ND2 
481 N N   . PRO A 59 ? 0.20919 0.43095 0.31306 0.00900  0.04159  0.09931  112 PRO A N   
482 C CA  . PRO A 59 ? 0.24787 0.46497 0.37544 -0.00193 0.05991  0.10208  112 PRO A CA  
483 C C   . PRO A 59 ? 0.25263 0.52883 0.38046 0.02845  0.03821  0.09443  112 PRO A C   
484 O O   . PRO A 59 ? 0.30176 0.55364 0.37926 0.03428  -0.01878 0.10716  112 PRO A O   
485 C CB  . PRO A 59 ? 0.31376 0.44499 0.37869 -0.04427 0.02376  0.10800  112 PRO A CB  
486 C CG  . PRO A 59 ? 0.28133 0.43184 0.38229 -0.05267 0.01711  0.10129  112 PRO A CG  
487 C CD  . PRO A 59 ? 0.21737 0.42762 0.33836 -0.02985 0.03446  0.11148  112 PRO A CD  
488 N N   . GLU A 60 ? 0.29202 0.55859 0.34619 0.04506  0.04411  0.01958  113 GLU A N   
489 C CA  . GLU A 60 ? 0.33710 0.57166 0.35654 0.05703  0.03440  0.02769  113 GLU A CA  
490 C C   . GLU A 60 ? 0.33709 0.52667 0.30741 0.07389  0.00005  0.01993  113 GLU A C   
491 O O   . GLU A 60 ? 0.34273 0.55721 0.29671 0.06546  0.02948  -0.00534 113 GLU A O   
492 C CB  . GLU A 60 ? 0.40178 0.60966 0.45457 0.06396  0.02245  0.01843  113 GLU A CB  
493 C CG  . GLU A 60 ? 0.47201 0.64358 0.56958 0.05672  0.00072  -0.00250 113 GLU A CG  
494 C CD  . GLU A 60 ? 0.53324 0.65046 0.64838 0.06736  0.01452  -0.07738 113 GLU A CD  
495 O OE1 . GLU A 60 ? 0.53861 0.64050 0.74435 0.08401  -0.02254 -0.12629 113 GLU A OE1 
496 O OE2 . GLU A 60 ? 0.58413 0.65635 0.63416 0.06554  0.05332  -0.11045 113 GLU A OE2 
497 N N   . LEU A 61 ? 0.28693 0.44187 0.31227 0.09513  -0.00036 0.03404  114 LEU A N   
498 C CA  . LEU A 61 ? 0.25865 0.35342 0.27325 0.09295  -0.03535 0.02644  114 LEU A CA  
499 C C   . LEU A 61 ? 0.21511 0.30631 0.25390 0.05564  -0.02060 -0.01323 114 LEU A C   
500 O O   . LEU A 61 ? 0.22829 0.31040 0.28819 0.03387  -0.00322 -0.00833 114 LEU A O   
501 C CB  . LEU A 61 ? 0.26447 0.30847 0.23341 0.10469  -0.01211 0.03145  114 LEU A CB  
502 C CG  . LEU A 61 ? 0.30160 0.28600 0.28564 0.06718  0.03386  -0.00079 114 LEU A CG  
503 C CD1 . LEU A 61 ? 0.30704 0.27378 0.29326 0.03974  0.06342  -0.01994 114 LEU A CD1 
504 C CD2 . LEU A 61 ? 0.33635 0.26467 0.36430 0.05130  0.05832  -0.01802 114 LEU A CD2 
505 N N   . GLN A 62 ? 0.19521 0.29185 0.21659 0.03050  -0.03064 -0.00033 115 GLN A N   
506 C CA  . GLN A 62 ? 0.24897 0.30019 0.20945 -0.01413 -0.05332 0.04177  115 GLN A CA  
507 C C   . GLN A 62 ? 0.19053 0.25703 0.25624 -0.00424 -0.00747 0.02814  115 GLN A C   
508 O O   . GLN A 62 ? 0.21908 0.26398 0.25910 0.01083  -0.00058 0.01669  115 GLN A O   
509 C CB  . GLN A 62 ? 0.34045 0.35271 0.23784 -0.05838 -0.03493 0.04274  115 GLN A CB  
510 C CG  . GLN A 62 ? 0.44677 0.40862 0.27012 -0.04364 -0.03137 0.02151  115 GLN A CG  
511 C CD  . GLN A 62 ? 0.52227 0.47157 0.35539 -0.03429 -0.01527 0.02390  115 GLN A CD  
512 O OE1 . GLN A 62 ? 0.61125 0.53718 0.36201 -0.05547 -0.02057 0.05816  115 GLN A OE1 
513 N NE2 . GLN A 62 ? 0.48041 0.44933 0.38868 -0.01288 0.00623  0.01157  115 GLN A NE2 
514 N N   . THR A 63 ? 0.15471 0.23537 0.22693 -0.02209 -0.00582 -0.00849 116 THR A N   
515 C CA  . THR A 63 ? 0.16044 0.22569 0.19297 0.00033  0.00727  -0.00639 116 THR A CA  
516 C C   . THR A 63 ? 0.17997 0.22213 0.18749 0.01780  -0.00473 -0.01924 116 THR A C   
517 O O   . THR A 63 ? 0.19599 0.25878 0.21086 -0.00368 -0.04080 -0.01271 116 THR A O   
518 C CB  . THR A 63 ? 0.17048 0.21119 0.17027 -0.01595 0.03055  0.02484  116 THR A CB  
519 O OG1 . THR A 63 ? 0.17222 0.19766 0.21219 0.00259  0.00523  0.00818  116 THR A OG1 
520 C CG2 . THR A 63 ? 0.23361 0.21774 0.20451 -0.01049 0.02805  0.00693  116 THR A CG2 
521 N N   . ILE A 64 ? 0.19397 0.18901 0.23145 0.02571  -0.01926 -0.03912 117 ILE A N   
522 C CA  . ILE A 64 ? 0.21548 0.19413 0.25343 -0.00127 -0.01595 -0.01782 117 ILE A CA  
523 C C   . ILE A 64 ? 0.24096 0.20302 0.15022 -0.01160 -0.03697 0.02053  117 ILE A C   
524 O O   . ILE A 64 ? 0.27382 0.20012 0.18324 -0.01071 -0.02939 -0.01646 117 ILE A O   
525 C CB  . ILE A 64 ? 0.24365 0.17832 0.28426 -0.00690 0.01933  -0.05035 117 ILE A CB  
526 C CG1 . ILE A 64 ? 0.27961 0.17416 0.32806 0.03117  -0.01055 -0.00923 117 ILE A CG1 
527 C CG2 . ILE A 64 ? 0.27024 0.20347 0.27736 -0.03159 -0.00200 -0.05524 117 ILE A CG2 
528 C CD1 . ILE A 64 ? 0.32331 0.21438 0.34952 0.06557  0.00444  0.02112  117 ILE A CD1 
529 N N   . PHE A 65 ? 0.18413 0.20569 0.19648 -0.01864 -0.02125 -0.03143 118 PHE A N   
530 C CA  . PHE A 65 ? 0.19465 0.19676 0.20414 0.01467  -0.05803 -0.00509 118 PHE A CA  
531 C C   . PHE A 65 ? 0.23965 0.20877 0.32374 -0.00502 -0.02795 -0.04673 118 PHE A C   
532 O O   . PHE A 65 ? 0.28002 0.22003 0.44536 -0.04360 -0.02057 -0.10617 118 PHE A O   
533 C CB  . PHE A 65 ? 0.21584 0.20774 0.16571 0.00444  -0.02384 0.00583  118 PHE A CB  
534 C CG  . PHE A 65 ? 0.19031 0.20682 0.21596 -0.02284 -0.05241 -0.00210 118 PHE A CG  
535 C CD1 . PHE A 65 ? 0.15271 0.19654 0.24378 -0.02535 -0.01863 0.02186  118 PHE A CD1 
536 C CD2 . PHE A 65 ? 0.16560 0.18760 0.27276 -0.00480 -0.06991 0.01864  118 PHE A CD2 
537 C CE1 . PHE A 65 ? 0.19121 0.17317 0.26733 -0.01340 -0.02718 0.03980  118 PHE A CE1 
538 C CE2 . PHE A 65 ? 0.16860 0.15939 0.31938 0.01176  -0.04122 0.03953  118 PHE A CE2 
539 C CZ  . PHE A 65 ? 0.17263 0.15047 0.28840 0.02488  -0.03778 -0.00520 118 PHE A CZ  
540 N N   . ARG A 66 ? 0.22797 0.21664 0.26305 -0.02128 -0.04410 -0.04022 119 ARG A N   
541 C CA  . ARG A 66 ? 0.24546 0.24101 0.31354 -0.04521 -0.03152 -0.04068 119 ARG A CA  
542 C C   . ARG A 66 ? 0.25993 0.29361 0.26995 -0.05008 -0.01559 -0.08870 119 ARG A C   
543 O O   . ARG A 66 ? 0.29063 0.31852 0.27556 -0.05799 -0.03278 -0.05940 119 ARG A O   
544 C CB  . ARG A 66 ? 0.25576 0.23702 0.36310 -0.06418 -0.04338 0.00785  119 ARG A CB  
545 C CG  . ARG A 66 ? 0.29122 0.26031 0.31496 -0.04957 -0.02804 0.02742  119 ARG A CG  
546 C CD  . ARG A 66 ? 0.29152 0.27909 0.29448 -0.03087 -0.01176 0.04871  119 ARG A CD  
547 N NE  . ARG A 66 ? 0.26570 0.27714 0.31115 -0.07041 -0.00852 0.04317  119 ARG A NE  
548 C CZ  . ARG A 66 ? 0.27466 0.27625 0.31794 -0.08985 -0.01083 0.04043  119 ARG A CZ  
549 N NH1 . ARG A 66 ? 0.31861 0.28724 0.43897 -0.07304 -0.05620 0.04307  119 ARG A NH1 
550 N NH2 . ARG A 66 ? 0.27671 0.27780 0.27347 -0.11711 -0.02442 0.01507  119 ARG A NH2 
551 O OXT . ARG A 66 ? 0.21384 0.33287 0.27803 -0.05736 0.05373  -0.09231 119 ARG A OXT 
552 N N   . ALA B 1  ? 0.31644 0.28254 0.20555 -0.04252 0.00943  0.06756  1   ALA D N   
553 C CA  . ALA B 1  ? 0.33507 0.20980 0.22156 -0.04572 -0.02058 0.06232  1   ALA D CA  
554 C C   . ALA B 1  ? 0.32954 0.21358 0.28940 0.01788  -0.05583 0.02558  1   ALA D C   
555 O O   . ALA B 1  ? 0.32784 0.22127 0.24608 0.00597  -0.03983 0.01609  1   ALA D O   
556 C CB  . ALA B 1  ? 0.35303 0.17843 0.33380 -0.08743 -0.00237 0.03352  1   ALA D CB  
557 N N   . ARG B 2  ? 0.29948 0.19316 0.23329 0.01973  -0.02509 0.00547  2   ARG D N   
558 C CA  . ARG B 2  ? 0.26390 0.20152 0.28277 0.05277  -0.00550 -0.00360 2   ARG D CA  
559 C C   . ARG B 2  ? 0.21985 0.20209 0.23971 0.03549  -0.01329 -0.01968 2   ARG D C   
560 O O   . ARG B 2  ? 0.22958 0.20935 0.27636 0.05476  -0.02030 -0.01728 2   ARG D O   
561 C CB  . ARG B 2  ? 0.30510 0.20442 0.30781 0.08586  -0.02139 -0.02708 2   ARG D CB  
562 C CG  . ARG B 2  ? 0.35943 0.22005 0.41455 0.09909  -0.06687 -0.03976 2   ARG D CG  
563 C CD  . ARG B 2  ? 0.36328 0.24904 0.43025 0.09145  -0.03679 -0.04612 2   ARG D CD  
564 N NE  . ARG B 2  ? 0.37857 0.25683 0.42062 0.08468  -0.01205 -0.01304 2   ARG D NE  
565 C CZ  . ARG B 2  ? 0.37660 0.29049 0.44871 0.09940  -0.01789 0.05999  2   ARG D CZ  
566 N NH1 . ARG B 2  ? 0.38283 0.32524 0.55514 0.11220  0.02680  0.08552  2   ARG D NH1 
567 N NH2 . ARG B 2  ? 0.35679 0.29507 0.40254 0.10397  -0.06214 0.13479  2   ARG D NH2 
568 N N   . THR B 3  ? 0.20684 0.19711 0.27235 0.00212  -0.00663 -0.03132 3   THR D N   
569 C CA  . THR B 3  ? 0.20361 0.24674 0.24099 -0.01054 -0.02311 -0.00881 3   THR D CA  
570 C C   . THR B 3  ? 0.20775 0.24394 0.30070 -0.02670 0.06293  0.00724  3   THR D C   
571 O O   . THR B 3  ? 0.21079 0.23037 0.35574 -0.06946 0.04631  -0.00833 3   THR D O   
572 C CB  . THR B 3  ? 0.22229 0.27410 0.23243 -0.02965 -0.05922 -0.02351 3   THR D CB  
573 O OG1 . THR B 3  ? 0.26635 0.29708 0.30384 -0.07054 -0.10514 -0.03028 3   THR D OG1 
574 C CG2 . THR B 3  ? 0.19388 0.29212 0.28027 -0.01349 -0.04698 0.01592  3   THR D CG2 
575 N N   . M3L B 4  ? 0.22719 0.22373 0.25304 0.00166  0.11205  -0.04259 4   M3L D N   
576 C CA  . M3L B 4  ? 0.28254 0.25400 0.31897 0.01766  0.07856  -0.01924 4   M3L D CA  
577 C CB  . M3L B 4  ? 0.36264 0.28986 0.34068 0.01828  0.07227  0.03188  4   M3L D CB  
578 C CG  . M3L B 4  ? 0.46748 0.37268 0.42531 0.00333  0.02656  -0.00386 4   M3L D CG  
579 C CD  . M3L B 4  ? 0.52911 0.44049 0.46787 -0.01105 0.00746  0.00021  4   M3L D CD  
580 C CE  . M3L B 4  ? 0.57988 0.49720 0.49697 -0.02222 -0.01735 0.03067  4   M3L D CE  
581 N NZ  . M3L B 4  ? 0.60610 0.53325 0.49863 -0.01789 -0.07675 0.08124  4   M3L D NZ  
582 C C   . M3L B 4  ? 0.26183 0.25850 0.32457 0.03381  0.04834  -0.04694 4   M3L D C   
583 O O   . M3L B 4  ? 0.22796 0.23422 0.33324 -0.00818 0.03476  0.00107  4   M3L D O   
584 C CM1 . M3L B 4  ? 0.65275 0.54387 0.47416 0.00176  -0.08919 0.12168  4   M3L D CM1 
585 C CM2 . M3L B 4  ? 0.58995 0.56220 0.52175 -0.01253 -0.10983 0.11541  4   M3L D CM2 
586 C CM3 . M3L B 4  ? 0.60246 0.52530 0.47077 -0.02424 -0.08986 0.07388  4   M3L D CM3 
605 N N   . THR B 6  ? 0.37566 0.35895 0.34580 -0.01211 -0.14358 -0.00710 6   THR D N   
606 C CA  . THR B 6  ? 0.34688 0.41438 0.38509 -0.02815 -0.06055 0.00493  6   THR D CA  
607 C C   . THR B 6  ? 0.35141 0.47864 0.48994 -0.01044 0.00833  0.03476  6   THR D C   
608 O O   . THR B 6  ? 0.34858 0.52142 0.57373 0.02089  0.00686  0.03325  6   THR D O   
609 C CB  . THR B 6  ? 0.31999 0.40329 0.41794 -0.05152 -0.02147 -0.01576 6   THR D CB  
610 N N   . ALA B 7  ? 0.35471 0.48416 0.50606 -0.02748 0.05139  0.03921  7   ALA D N   
611 C CA  . ALA B 7  ? 0.38527 0.49890 0.53888 -0.03571 0.03020  0.01005  7   ALA D CA  
612 C C   . ALA B 7  ? 0.42633 0.55994 0.57200 -0.06351 0.02361  0.02153  7   ALA D C   
613 O O   . ALA B 7  ? 0.45141 0.56759 0.61903 -0.10628 0.01402  0.04984  7   ALA D O   
614 C CB  . ALA B 7  ? 0.38792 0.46160 0.56201 -0.00683 0.03404  -0.04194 7   ALA D CB  
615 N N   . ARG B 8  ? 0.42374 0.59415 0.56856 -0.03452 0.03712  0.00483  8   ARG D N   
616 C CA  . ARG B 8  ? 0.42008 0.57974 0.56467 -0.03556 0.00845  0.00961  8   ARG D CA  
617 C C   . ARG B 8  ? 0.46238 0.65932 0.64763 -0.06918 -0.04267 0.00399  8   ARG D C   
618 O O   . ARG B 8  ? 0.48209 0.65230 0.64441 -0.12731 -0.09703 -0.01669 8   ARG D O   
619 C CB  . ARG B 8  ? 0.39600 0.46909 0.44957 -0.00585 0.00508  -0.01178 8   ARG D CB  
620 N N   . LYS B 9  ? 0.48334 0.70494 0.69988 -0.02441 -0.02818 -0.00411 9   LYS D N   
621 C CA  . LYS B 9  ? 0.49887 0.72157 0.72694 0.01329  -0.03057 -0.01558 9   LYS D CA  
622 C C   . LYS B 9  ? 0.55934 0.72192 0.68244 -0.00605 -0.06827 -0.00262 9   LYS D C   
623 O O   . LYS B 9  ? 0.61959 0.71598 0.65712 -0.03083 -0.09500 0.02401  9   LYS D O   
624 C CB  . LYS B 9  ? 0.46459 0.72680 0.77500 0.04458  0.00647  -0.03071 9   LYS D CB  
# 
